data_8IUG
#
_entry.id   8IUG
#
_cell.length_a   1.00
_cell.length_b   1.00
_cell.length_c   1.00
_cell.angle_alpha   90.00
_cell.angle_beta   90.00
_cell.angle_gamma   90.00
#
_symmetry.space_group_name_H-M   'P 1'
#
loop_
_entity.id
_entity.type
_entity.pdbx_description
1 polymer 'Antenna complex alpha/beta subunit'
2 polymer 'Alpha subunit of light-harvesting 1'
3 polymer 'Cytochrome subunit of photosynthetic reaction center'
4 polymer 'Reaction center protein L chain'
5 polymer 'TMx polypeptide'
6 polymer 'reaction center small polypeptide'
7 polymer 'reaction center unknown polypeptide'
8 polymer 'reaction center small polypeptide'
9 non-polymer 'BACTERIOCHLOROPHYLL A'
10 non-polymer '[(2~{R},3~{S},4~{S},5~{R},6~{R})-6-[(6~{E},8~{E},10~{E},12~{E},14~{E},16~{E},18~{E},20~{E},22~{E},24~{E})-2,6,10,14,19,23-hexamethyl-25-(2,6,6-trimethylcyclohexen-1-yl)pentacosa-6,8,10,12,14,16,18,20,22,24-decaen-2-yl]oxy-3,4,5-tris(oxidanyl)oxan-2-yl]methyl pentadecanoate'
11 non-polymer gamma-Carotene
12 non-polymer DODECYL-BETA-D-MALTOSIDE
13 non-polymer 2-O-octyl-beta-D-glucopyranose
14 non-polymer 'HEME C'
15 non-polymer 'CALCIUM ION'
16 non-polymer '(1R)-2-{[{[(2S)-2,3-DIHYDROXYPROPYL]OXY}(HYDROXY)PHOSPHORYL]OXY}-1-[(PALMITOYLOXY)METHYL]ETHYL (11E)-OCTADEC-11-ENOATE'
17 non-polymer 'UNKNOWN LIGAND'
18 non-polymer 'BACTERIOPHEOPHYTIN A'
19 non-polymer '2-methyl-3-[(2E,6E,10E,14E,18E,22E,26E,30E,34E,38E)-3,7,11,15,19,23,27,31,35,39,43-undecamethyltetratetraconta-2,6,10,1 4,18,22,26,30,34,38,42-undecaen-1-yl]naphthalene-1,4-dione'
20 non-polymer DI-PALMITOYL-3-SN-PHOSPHATIDYLETHANOLAMINE
21 non-polymer 'MANGANESE (II) ION'
22 non-polymer 1,2-DIPALMITOYL-PHOSPHATIDYL-GLYCEROLE
#
loop_
_entity_poly.entity_id
_entity_poly.type
_entity_poly.pdbx_seq_one_letter_code
_entity_poly.pdbx_strand_id
1 'polypeptide(L)' MTDKPQNDLVPDQWKPLFNNAEWLVHDIVVKTIYGGLIIAVIAHVLCWAWTPWIR 0,2,4,6,8,B,E,G,I,K,O,Q,S,U,W
2 'polypeptide(L)' MKDRPFEFRTSVVVSTLLGLVMALLIHFVVLSSGAFNWLRAP 1,3,5,7,9,A,D,F,H,J,N,P,R,T,V
3 'polypeptide(L)'
;MIQQPPTLFPEITNTVRGRFYIVAGIISVVMAVASIAIFWWIFYTITPAPAPPLQNPIYVNYTQEPTDYISAESLAAMNA
YIQANPQPQAVQVLKGMTTAQISAYMVAQVSGGLKVDCSYCHNIANFAQQDGYPNAAKKVTARKMMLMSADLNQNYTAKL
PASVGGYQITCATCHNGKAAGLEPYPIEIMNTLPNDWRLPLELDYPGGLVVTGRKDVSNHEVEQNQFAMYHMNVSMGQGC
TFCHNARYFPSYEIAQKNHSIIMLQMTKHIQETYVAPGGRIADGIMAGKSPSCWLCHQGANIPPGAAKPGQVPAVLSSTP
;
C
4 'polypeptide(L)'
;MSAVPRALPLPSGETLPAEAISSTGSQAASAEVIPFSIIEEFYKRPGKTLAARFFGVDPFDFWIGRFYVGLFGAISIIGI
ILGVAFYLYEGVVNEGTLNILAMRIEPPPVSQGLNVDPAQPGFFWFLTMVAATIAFVGWLLRQIDISLKLDMGMEVPIAF
GAVVSSWITLQWLRPIAMGAWGHGFPLGITHHLDWVSNIGYQYYNFFYNPFHAIGITLLFASTLFLHMHGSAVLSEAKRN
ISDQNIHVFWRNILGYSIGEIGIHRVAFWTGAASVLFSNLCIFLSGTFVKDWNAFWGFWDKMPIWNGVGQGALVAGLSLL
GVGLVLGRGRETPGPIDLHDEEYRDGLEGTIAKPPGHVGWMQRLLGEGQVGPIYVGLWGVISFITFFASAFIILVDYGRQ
VGWNPIIYLREFWNLAVYPPPTEYGLSWNVPWDKGGAWLAATFFLHISVLTWWARLYTRAKATGVGTQLAWGFASALSLY
FVIYLFHPLALGNWSAAPGHGFRAILDWTNYVSIHWGNFYYNPFHMLSIFFLLGSTLLLAMHGATIVATSKWKSEMEFTE
MMAEGPGTQRAQLFWRWVMGWNANSYNIHIWAWWFAAFTAITGAIGLFLSGTLVPDWYAWGETAKIVAPWPNPDWAQYVF
R
;
L,M
5 'polypeptide(L)' MAPFLMAFFTIVLIVATLYFLSMIMSGKPE X
6 'polypeptide(L)' MNWIVATFMLMFVLVAFLPLVVSLAYTWVTNPETQSTEE Y
7 'polypeptide(L)' AAAPAGAAAA Z
8 'polypeptide(L)' MDFLILLQAEPSPWPVWSGYALCFVPLAAVILGFIIAARFTDKQATSAYLRLDPAKANEPEQG h
#
# COMPACT_ATOMS: atom_id res chain seq x y z
N GLN A 6 36.68 -10.10 -49.53
CA GLN A 6 35.66 -10.30 -48.51
C GLN A 6 35.29 -11.77 -48.39
N ASN A 7 34.99 -12.40 -49.53
CA ASN A 7 34.57 -13.79 -49.56
C ASN A 7 35.59 -14.70 -50.24
N ASP A 8 36.86 -14.31 -50.25
CA ASP A 8 37.86 -15.08 -50.99
C ASP A 8 38.08 -16.45 -50.37
N LEU A 9 38.30 -16.50 -49.06
CA LEU A 9 38.64 -17.76 -48.40
C LEU A 9 37.44 -18.66 -48.17
N VAL A 10 36.23 -18.10 -48.13
CA VAL A 10 35.03 -18.92 -47.89
C VAL A 10 34.85 -19.89 -49.06
N PRO A 11 34.49 -21.15 -48.81
CA PRO A 11 34.19 -22.06 -49.93
C PRO A 11 32.96 -21.60 -50.69
N ASP A 12 32.88 -22.03 -51.94
CA ASP A 12 31.82 -21.57 -52.83
C ASP A 12 30.44 -21.94 -52.30
N GLN A 13 30.33 -23.05 -51.56
CA GLN A 13 29.04 -23.48 -51.05
C GLN A 13 28.52 -22.58 -49.95
N TRP A 14 29.42 -22.04 -49.12
CA TRP A 14 29.04 -21.25 -47.95
C TRP A 14 29.25 -19.75 -48.15
N LYS A 15 29.31 -19.30 -49.40
CA LYS A 15 29.46 -17.87 -49.68
C LYS A 15 28.34 -17.01 -49.10
N PRO A 16 27.04 -17.37 -49.23
CA PRO A 16 25.99 -16.44 -48.80
C PRO A 16 25.83 -16.33 -47.29
N LEU A 17 26.67 -17.02 -46.52
CA LEU A 17 26.52 -17.08 -45.07
C LEU A 17 27.69 -16.51 -44.30
N PHE A 18 28.90 -16.50 -44.86
CA PHE A 18 30.10 -16.15 -44.10
C PHE A 18 30.92 -15.09 -44.84
N ASN A 19 31.88 -14.54 -44.11
CA ASN A 19 32.93 -13.65 -44.60
C ASN A 19 34.28 -14.31 -44.36
N ASN A 20 35.36 -13.57 -44.58
CA ASN A 20 36.67 -14.05 -44.17
C ASN A 20 36.82 -14.02 -42.65
N ALA A 21 36.42 -12.90 -42.03
CA ALA A 21 36.53 -12.79 -40.58
C ALA A 21 35.66 -13.82 -39.88
N GLU A 22 34.42 -13.99 -40.34
CA GLU A 22 33.52 -14.97 -39.74
C GLU A 22 34.03 -16.38 -39.98
N TRP A 23 34.64 -16.64 -41.13
CA TRP A 23 35.22 -17.96 -41.38
C TRP A 23 36.37 -18.26 -40.42
N LEU A 24 37.23 -17.26 -40.17
CA LEU A 24 38.33 -17.46 -39.23
C LEU A 24 37.83 -17.72 -37.81
N VAL A 25 36.89 -16.89 -37.35
CA VAL A 25 36.33 -17.09 -36.01
C VAL A 25 35.64 -18.45 -35.92
N HIS A 26 34.95 -18.86 -36.98
CA HIS A 26 34.29 -20.16 -37.00
C HIS A 26 35.29 -21.29 -36.87
N ASP A 27 36.42 -21.20 -37.57
CA ASP A 27 37.45 -22.23 -37.44
C ASP A 27 37.96 -22.33 -36.01
N ILE A 28 38.21 -21.18 -35.38
CA ILE A 28 38.66 -21.18 -33.99
C ILE A 28 37.63 -21.87 -33.11
N VAL A 29 36.35 -21.55 -33.30
CA VAL A 29 35.30 -22.10 -32.46
C VAL A 29 35.21 -23.63 -32.61
N VAL A 30 35.28 -24.12 -33.85
CA VAL A 30 35.12 -25.56 -34.04
C VAL A 30 36.31 -26.32 -33.47
N LYS A 31 37.53 -25.76 -33.58
CA LYS A 31 38.68 -26.42 -32.97
C LYS A 31 38.55 -26.48 -31.46
N THR A 32 38.07 -25.38 -30.85
CA THR A 32 37.83 -25.40 -29.41
C THR A 32 36.82 -26.46 -29.01
N ILE A 33 35.74 -26.59 -29.79
CA ILE A 33 34.70 -27.57 -29.47
C ILE A 33 35.25 -28.99 -29.56
N TYR A 34 36.06 -29.27 -30.58
CA TYR A 34 36.64 -30.62 -30.71
C TYR A 34 37.55 -30.95 -29.52
N GLY A 35 38.40 -30.01 -29.14
CA GLY A 35 39.26 -30.25 -27.97
C GLY A 35 38.46 -30.48 -26.70
N GLY A 36 37.42 -29.67 -26.48
CA GLY A 36 36.58 -29.85 -25.33
C GLY A 36 35.90 -31.21 -25.31
N LEU A 37 35.45 -31.68 -26.49
CA LEU A 37 34.83 -32.99 -26.55
C LEU A 37 35.80 -34.10 -26.18
N ILE A 38 37.04 -34.02 -26.66
CA ILE A 38 38.03 -35.04 -26.32
C ILE A 38 38.27 -35.08 -24.81
N ILE A 39 38.42 -33.89 -24.20
CA ILE A 39 38.65 -33.83 -22.76
C ILE A 39 37.44 -34.39 -22.01
N ALA A 40 36.23 -34.09 -22.47
CA ALA A 40 35.03 -34.58 -21.80
C ALA A 40 34.95 -36.09 -21.85
N VAL A 41 35.30 -36.70 -22.99
CA VAL A 41 35.27 -38.16 -23.09
C VAL A 41 36.26 -38.78 -22.10
N ILE A 42 37.47 -38.21 -22.03
CA ILE A 42 38.46 -38.76 -21.09
C ILE A 42 37.96 -38.63 -19.65
N ALA A 43 37.38 -37.48 -19.30
CA ALA A 43 36.89 -37.28 -17.95
C ALA A 43 35.78 -38.27 -17.60
N HIS A 44 34.89 -38.53 -18.54
CA HIS A 44 33.80 -39.48 -18.28
C HIS A 44 34.33 -40.89 -18.08
N VAL A 45 35.33 -41.30 -18.87
CA VAL A 45 35.91 -42.62 -18.69
C VAL A 45 36.56 -42.74 -17.31
N LEU A 46 37.29 -41.70 -16.89
CA LEU A 46 37.92 -41.72 -15.57
C LEU A 46 36.87 -41.80 -14.46
N CYS A 47 35.79 -41.03 -14.57
CA CYS A 47 34.77 -41.04 -13.53
C CYS A 47 34.01 -42.36 -13.47
N TRP A 48 33.80 -43.02 -14.61
CA TRP A 48 33.18 -44.34 -14.57
C TRP A 48 34.13 -45.37 -13.95
N ALA A 49 35.42 -45.30 -14.27
CA ALA A 49 36.37 -46.20 -13.64
C ALA A 49 36.45 -45.97 -12.14
N TRP A 50 36.15 -44.76 -11.68
CA TRP A 50 36.14 -44.46 -10.26
C TRP A 50 34.95 -45.09 -9.56
N THR A 51 33.73 -44.65 -9.89
CA THR A 51 32.49 -45.22 -9.36
C THR A 51 31.41 -45.18 -10.44
N PRO A 52 30.98 -46.32 -10.97
CA PRO A 52 29.89 -46.32 -11.95
C PRO A 52 28.61 -45.75 -11.39
N TRP A 53 27.89 -44.99 -12.22
CA TRP A 53 26.70 -44.27 -11.78
C TRP A 53 25.40 -44.93 -12.23
N ILE A 54 25.46 -46.06 -12.92
CA ILE A 54 24.27 -46.81 -13.30
C ILE A 54 24.42 -48.22 -12.74
N ARG A 55 23.47 -48.62 -11.91
CA ARG A 55 23.53 -49.95 -11.29
C ARG A 55 22.20 -50.67 -11.40
N ARG B 4 -22.77 5.30 -33.61
CA ARG B 4 -23.49 4.03 -33.52
C ARG B 4 -24.27 3.95 -32.20
N PRO B 5 -25.54 3.57 -32.29
CA PRO B 5 -26.36 3.46 -31.07
C PRO B 5 -25.88 2.34 -30.17
N PHE B 6 -26.19 2.48 -28.87
CA PHE B 6 -25.68 1.58 -27.86
C PHE B 6 -26.74 0.77 -27.14
N GLU B 7 -28.03 1.02 -27.37
CA GLU B 7 -29.07 0.41 -26.55
C GLU B 7 -29.18 -1.09 -26.80
N PHE B 8 -29.23 -1.49 -28.07
CA PHE B 8 -29.42 -2.91 -28.38
C PHE B 8 -28.25 -3.74 -27.89
N ARG B 9 -27.03 -3.28 -28.16
CA ARG B 9 -25.84 -4.01 -27.73
C ARG B 9 -25.76 -4.09 -26.22
N THR B 10 -26.01 -2.98 -25.53
CA THR B 10 -25.96 -2.99 -24.07
C THR B 10 -26.98 -3.96 -23.50
N SER B 11 -28.21 -3.94 -24.03
CA SER B 11 -29.26 -4.82 -23.51
C SER B 11 -28.89 -6.28 -23.71
N VAL B 12 -28.40 -6.64 -24.90
CA VAL B 12 -28.12 -8.04 -25.15
C VAL B 12 -26.93 -8.52 -24.33
N VAL B 13 -25.90 -7.68 -24.17
CA VAL B 13 -24.73 -8.07 -23.39
C VAL B 13 -25.10 -8.27 -21.92
N VAL B 14 -25.86 -7.31 -21.36
CA VAL B 14 -26.21 -7.42 -19.95
C VAL B 14 -27.15 -8.61 -19.71
N SER B 15 -28.05 -8.88 -20.65
CA SER B 15 -28.93 -10.05 -20.52
C SER B 15 -28.13 -11.34 -20.52
N THR B 16 -27.17 -11.46 -21.44
CA THR B 16 -26.36 -12.68 -21.51
C THR B 16 -25.56 -12.87 -20.22
N LEU B 17 -24.91 -11.81 -19.75
CA LEU B 17 -24.11 -11.94 -18.53
C LEU B 17 -24.98 -12.31 -17.33
N LEU B 18 -26.13 -11.66 -17.18
CA LEU B 18 -27.01 -11.95 -16.06
C LEU B 18 -27.50 -13.39 -16.11
N GLY B 19 -27.88 -13.87 -17.29
CA GLY B 19 -28.34 -15.25 -17.40
C GLY B 19 -27.27 -16.26 -17.03
N LEU B 20 -26.05 -16.05 -17.54
CA LEU B 20 -24.96 -16.99 -17.22
C LEU B 20 -24.64 -17.00 -15.73
N VAL B 21 -24.55 -15.82 -15.12
CA VAL B 21 -24.24 -15.75 -13.70
C VAL B 21 -25.34 -16.41 -12.87
N MET B 22 -26.60 -16.13 -13.20
CA MET B 22 -27.71 -16.75 -12.46
C MET B 22 -27.68 -18.25 -12.57
N ALA B 23 -27.42 -18.78 -13.79
CA ALA B 23 -27.41 -20.22 -13.98
C ALA B 23 -26.31 -20.87 -13.14
N LEU B 24 -25.09 -20.32 -13.19
CA LEU B 24 -24.00 -20.90 -12.43
C LEU B 24 -24.28 -20.85 -10.93
N LEU B 25 -24.75 -19.70 -10.43
CA LEU B 25 -25.00 -19.57 -9.00
C LEU B 25 -26.09 -20.53 -8.53
N ILE B 26 -27.19 -20.64 -9.28
CA ILE B 26 -28.29 -21.50 -8.86
C ILE B 26 -27.86 -22.97 -8.91
N HIS B 27 -27.10 -23.36 -9.92
CA HIS B 27 -26.64 -24.75 -9.99
C HIS B 27 -25.73 -25.09 -8.81
N PHE B 28 -24.80 -24.19 -8.47
CA PHE B 28 -23.91 -24.49 -7.35
C PHE B 28 -24.63 -24.43 -6.01
N VAL B 29 -25.70 -23.63 -5.91
CA VAL B 29 -26.49 -23.61 -4.68
C VAL B 29 -27.29 -24.91 -4.54
N VAL B 30 -27.90 -25.38 -5.63
CA VAL B 30 -28.68 -26.61 -5.57
C VAL B 30 -27.79 -27.82 -5.32
N LEU B 31 -26.60 -27.84 -5.92
CA LEU B 31 -25.73 -29.01 -5.78
C LEU B 31 -25.27 -29.21 -4.34
N SER B 32 -24.96 -28.12 -3.64
CA SER B 32 -24.36 -28.20 -2.31
C SER B 32 -25.40 -28.09 -1.19
N SER B 33 -26.63 -28.54 -1.44
CA SER B 33 -27.67 -28.53 -0.42
C SER B 33 -28.18 -29.91 -0.05
N GLY B 34 -28.04 -30.90 -0.91
CA GLY B 34 -28.47 -32.25 -0.59
C GLY B 34 -29.96 -32.51 -0.70
N ALA B 35 -30.73 -31.54 -1.19
CA ALA B 35 -32.17 -31.73 -1.33
C ALA B 35 -32.50 -32.78 -2.37
N PHE B 36 -31.74 -32.81 -3.47
CA PHE B 36 -31.90 -33.77 -4.55
C PHE B 36 -30.73 -34.76 -4.53
N ASN B 37 -30.94 -35.90 -5.17
CA ASN B 37 -29.87 -36.89 -5.26
C ASN B 37 -28.73 -36.38 -6.13
N TRP B 38 -28.99 -36.17 -7.41
CA TRP B 38 -28.03 -35.64 -8.38
C TRP B 38 -26.73 -36.44 -8.21
N LEU B 39 -25.57 -35.78 -8.08
CA LEU B 39 -24.27 -36.46 -8.09
C LEU B 39 -23.93 -36.94 -6.69
N ARG B 40 -24.45 -38.11 -6.31
CA ARG B 40 -24.18 -38.70 -5.01
C ARG B 40 -23.35 -39.96 -5.18
N ALA B 41 -22.37 -40.14 -4.29
CA ALA B 41 -21.51 -41.31 -4.30
C ALA B 41 -22.31 -42.58 -4.06
N GLN C 6 -29.53 2.07 -43.58
CA GLN C 6 -30.27 1.25 -44.52
C GLN C 6 -31.50 0.63 -43.85
N ASN C 7 -32.65 1.27 -44.03
CA ASN C 7 -33.92 0.83 -43.43
C ASN C 7 -34.91 0.60 -44.56
N ASP C 8 -35.01 -0.64 -45.02
CA ASP C 8 -36.00 -1.00 -46.03
C ASP C 8 -36.77 -2.29 -45.72
N LEU C 9 -36.27 -3.15 -44.85
CA LEU C 9 -36.99 -4.34 -44.43
C LEU C 9 -37.61 -4.20 -43.05
N VAL C 10 -37.08 -3.32 -42.21
CA VAL C 10 -37.68 -3.06 -40.90
C VAL C 10 -39.02 -2.34 -41.10
N PRO C 11 -40.07 -2.72 -40.39
CA PRO C 11 -41.36 -2.04 -40.56
C PRO C 11 -41.28 -0.56 -40.22
N ASP C 12 -42.13 0.22 -40.89
CA ASP C 12 -42.08 1.67 -40.73
C ASP C 12 -42.37 2.13 -39.30
N GLN C 13 -42.97 1.27 -38.48
CA GLN C 13 -43.19 1.61 -37.08
C GLN C 13 -41.89 1.67 -36.31
N TRP C 14 -40.94 0.79 -36.62
CA TRP C 14 -39.71 0.64 -35.85
C TRP C 14 -38.47 1.18 -36.56
N LYS C 15 -38.65 1.90 -37.67
CA LYS C 15 -37.50 2.41 -38.41
C LYS C 15 -36.58 3.29 -37.59
N PRO C 16 -37.04 4.21 -36.74
CA PRO C 16 -36.10 5.02 -35.95
C PRO C 16 -35.25 4.21 -34.98
N LEU C 17 -35.66 2.99 -34.63
CA LEU C 17 -34.98 2.21 -33.60
C LEU C 17 -34.11 1.09 -34.16
N PHE C 18 -34.48 0.50 -35.29
CA PHE C 18 -33.81 -0.69 -35.80
C PHE C 18 -33.21 -0.44 -37.17
N ASN C 19 -32.13 -1.17 -37.45
CA ASN C 19 -31.44 -1.18 -38.72
C ASN C 19 -31.79 -2.48 -39.46
N ASN C 20 -31.24 -2.65 -40.66
CA ASN C 20 -31.49 -3.86 -41.42
C ASN C 20 -30.87 -5.08 -40.75
N ALA C 21 -29.64 -4.95 -40.26
CA ALA C 21 -28.96 -6.07 -39.60
C ALA C 21 -29.50 -6.31 -38.20
N GLU C 22 -29.75 -5.24 -37.45
CA GLU C 22 -30.23 -5.37 -36.08
C GLU C 22 -31.63 -5.98 -36.03
N TRP C 23 -32.43 -5.78 -37.07
CA TRP C 23 -33.74 -6.44 -37.15
C TRP C 23 -33.58 -7.96 -37.18
N LEU C 24 -32.68 -8.45 -38.02
CA LEU C 24 -32.45 -9.90 -38.12
C LEU C 24 -31.84 -10.47 -36.85
N VAL C 25 -30.86 -9.77 -36.28
CA VAL C 25 -30.25 -10.22 -35.03
C VAL C 25 -31.29 -10.26 -33.91
N HIS C 26 -32.15 -9.24 -33.87
CA HIS C 26 -33.23 -9.20 -32.88
C HIS C 26 -34.08 -10.45 -33.05
N ASP C 27 -34.53 -10.76 -34.26
CA ASP C 27 -35.39 -11.92 -34.47
C ASP C 27 -34.72 -13.20 -33.98
N ILE C 28 -33.43 -13.35 -34.26
CA ILE C 28 -32.69 -14.51 -33.76
C ILE C 28 -32.75 -14.56 -32.24
N VAL C 29 -32.52 -13.42 -31.59
CA VAL C 29 -32.49 -13.39 -30.12
C VAL C 29 -33.84 -13.77 -29.54
N VAL C 30 -34.93 -13.25 -30.10
CA VAL C 30 -36.24 -13.55 -29.53
C VAL C 30 -36.61 -15.01 -29.73
N LYS C 31 -36.23 -15.61 -30.88
CA LYS C 31 -36.47 -17.03 -31.06
C LYS C 31 -35.69 -17.86 -30.05
N THR C 32 -34.43 -17.50 -29.81
CA THR C 32 -33.64 -18.21 -28.80
C THR C 32 -34.28 -18.11 -27.42
N ILE C 33 -34.78 -16.92 -27.06
CA ILE C 33 -35.40 -16.74 -25.76
C ILE C 33 -36.64 -17.61 -25.61
N TYR C 34 -37.48 -17.66 -26.64
CA TYR C 34 -38.67 -18.50 -26.56
C TYR C 34 -38.31 -19.98 -26.42
N GLY C 35 -37.33 -20.45 -27.20
CA GLY C 35 -36.92 -21.84 -27.07
C GLY C 35 -36.39 -22.17 -25.68
N GLY C 36 -35.55 -21.29 -25.13
CA GLY C 36 -35.04 -21.50 -23.80
C GLY C 36 -36.13 -21.53 -22.75
N LEU C 37 -37.13 -20.66 -22.88
CA LEU C 37 -38.24 -20.66 -21.94
C LEU C 37 -39.00 -21.98 -21.99
N ILE C 38 -39.27 -22.50 -23.19
CA ILE C 38 -39.97 -23.78 -23.28
C ILE C 38 -39.17 -24.89 -22.61
N ILE C 39 -37.86 -24.94 -22.89
CA ILE C 39 -37.03 -26.00 -22.30
C ILE C 39 -37.01 -25.88 -20.78
N ALA C 40 -36.91 -24.65 -20.26
CA ALA C 40 -36.87 -24.45 -18.82
C ALA C 40 -38.17 -24.89 -18.17
N VAL C 41 -39.31 -24.60 -18.80
CA VAL C 41 -40.59 -25.05 -18.25
C VAL C 41 -40.63 -26.57 -18.18
N ILE C 42 -40.18 -27.25 -19.24
CA ILE C 42 -40.21 -28.71 -19.22
C ILE C 42 -39.30 -29.25 -18.12
N ALA C 43 -38.11 -28.67 -17.97
CA ALA C 43 -37.18 -29.13 -16.94
C ALA C 43 -37.76 -28.95 -15.54
N HIS C 44 -38.41 -27.81 -15.26
CA HIS C 44 -39.02 -27.55 -13.92
C HIS C 44 -40.20 -28.49 -13.69
N VAL C 45 -40.96 -28.84 -14.72
CA VAL C 45 -42.04 -29.80 -14.53
C VAL C 45 -41.47 -31.18 -14.20
N LEU C 46 -40.42 -31.60 -14.91
CA LEU C 46 -39.81 -32.90 -14.64
C LEU C 46 -39.24 -32.97 -13.22
N CYS C 47 -38.53 -31.92 -12.80
CA CYS C 47 -37.95 -31.95 -11.47
C CYS C 47 -39.02 -31.91 -10.38
N TRP C 48 -40.12 -31.18 -10.61
CA TRP C 48 -41.21 -31.19 -9.64
C TRP C 48 -41.85 -32.57 -9.53
N ALA C 49 -42.06 -33.24 -10.67
CA ALA C 49 -42.58 -34.60 -10.63
C ALA C 49 -41.62 -35.53 -9.92
N TRP C 50 -40.31 -35.30 -10.03
CA TRP C 50 -39.33 -36.15 -9.36
C TRP C 50 -39.43 -36.00 -7.84
N THR C 51 -39.14 -34.81 -7.32
CA THR C 51 -39.24 -34.51 -5.89
C THR C 51 -39.73 -33.08 -5.69
N PRO C 52 -40.94 -32.89 -5.17
CA PRO C 52 -41.44 -31.53 -4.95
C PRO C 52 -40.69 -30.80 -3.85
N TRP C 53 -40.41 -29.52 -4.08
CA TRP C 53 -39.64 -28.71 -3.14
C TRP C 53 -40.51 -27.84 -2.24
N ILE C 54 -41.83 -27.88 -2.42
CA ILE C 54 -42.76 -27.18 -1.54
C ILE C 54 -43.64 -28.23 -0.87
N ARG C 55 -43.60 -28.28 0.46
CA ARG C 55 -44.30 -29.31 1.20
C ARG C 55 -44.98 -28.73 2.44
N ASP D 3 -22.84 -0.65 -38.71
CA ASP D 3 -24.04 -1.28 -39.26
C ASP D 3 -24.36 -2.57 -38.50
N ARG D 4 -23.43 -3.50 -38.54
CA ARG D 4 -23.59 -4.78 -37.85
C ARG D 4 -23.39 -4.59 -36.35
N PRO D 5 -24.34 -5.01 -35.52
CA PRO D 5 -24.22 -4.76 -34.07
C PRO D 5 -22.99 -5.40 -33.42
N PHE D 6 -22.60 -6.60 -33.87
CA PHE D 6 -21.45 -7.30 -33.30
C PHE D 6 -20.59 -7.86 -34.41
N GLU D 7 -19.32 -8.04 -34.13
CA GLU D 7 -18.35 -8.56 -35.07
C GLU D 7 -18.30 -10.08 -34.99
N PHE D 8 -18.02 -10.71 -36.14
CA PHE D 8 -17.97 -12.18 -36.19
C PHE D 8 -16.81 -12.72 -35.38
N ARG D 9 -15.67 -12.04 -35.43
CA ARG D 9 -14.48 -12.50 -34.71
C ARG D 9 -14.71 -12.54 -33.20
N THR D 10 -15.34 -11.50 -32.65
CA THR D 10 -15.59 -11.47 -31.22
C THR D 10 -16.58 -12.55 -30.80
N SER D 11 -17.61 -12.78 -31.62
CA SER D 11 -18.56 -13.85 -31.33
C SER D 11 -17.87 -15.20 -31.30
N VAL D 12 -17.01 -15.50 -32.28
CA VAL D 12 -16.26 -16.74 -32.30
C VAL D 12 -15.37 -16.87 -31.06
N VAL D 13 -14.64 -15.80 -30.72
CA VAL D 13 -13.74 -15.84 -29.57
C VAL D 13 -14.51 -16.14 -28.30
N VAL D 14 -15.60 -15.42 -28.07
CA VAL D 14 -16.37 -15.58 -26.83
C VAL D 14 -16.96 -16.98 -26.74
N SER D 15 -17.56 -17.47 -27.83
CA SER D 15 -18.18 -18.78 -27.77
C SER D 15 -17.14 -19.88 -27.54
N THR D 16 -15.99 -19.81 -28.23
CA THR D 16 -14.96 -20.82 -28.06
C THR D 16 -14.41 -20.82 -26.64
N LEU D 17 -14.13 -19.63 -26.10
CA LEU D 17 -13.58 -19.54 -24.75
C LEU D 17 -14.56 -20.05 -23.71
N LEU D 18 -15.84 -19.67 -23.85
CA LEU D 18 -16.85 -20.14 -22.91
C LEU D 18 -17.01 -21.65 -22.97
N GLY D 19 -16.99 -22.23 -24.18
CA GLY D 19 -17.10 -23.67 -24.30
C GLY D 19 -15.95 -24.40 -23.63
N LEU D 20 -14.71 -23.93 -23.86
CA LEU D 20 -13.56 -24.57 -23.22
C LEU D 20 -13.63 -24.47 -21.71
N VAL D 21 -13.98 -23.29 -21.18
CA VAL D 21 -14.03 -23.11 -19.73
C VAL D 21 -15.11 -24.00 -19.12
N MET D 22 -16.29 -24.06 -19.74
CA MET D 22 -17.35 -24.90 -19.19
C MET D 22 -16.98 -26.37 -19.25
N ALA D 23 -16.34 -26.82 -20.33
CA ALA D 23 -15.92 -28.22 -20.42
C ALA D 23 -14.96 -28.58 -19.30
N LEU D 24 -13.95 -27.73 -19.07
CA LEU D 24 -13.00 -28.01 -18.00
C LEU D 24 -13.68 -28.00 -16.63
N LEU D 25 -14.57 -27.04 -16.39
CA LEU D 25 -15.26 -26.95 -15.11
C LEU D 25 -16.11 -28.19 -14.84
N ILE D 26 -16.89 -28.62 -15.84
CA ILE D 26 -17.75 -29.77 -15.65
C ILE D 26 -16.91 -31.03 -15.45
N HIS D 27 -15.86 -31.22 -16.21
CA HIS D 27 -14.96 -32.40 -16.06
C HIS D 27 -14.32 -32.43 -14.67
N PHE D 28 -13.91 -31.29 -14.10
CA PHE D 28 -13.32 -31.32 -12.77
C PHE D 28 -14.36 -31.55 -11.69
N VAL D 29 -15.56 -30.97 -11.84
CA VAL D 29 -16.61 -31.20 -10.85
C VAL D 29 -17.02 -32.68 -10.82
N VAL D 30 -17.22 -33.27 -11.99
CA VAL D 30 -17.65 -34.67 -12.05
C VAL D 30 -16.54 -35.59 -11.54
N LEU D 31 -15.28 -35.26 -11.80
CA LEU D 31 -14.19 -36.05 -11.25
C LEU D 31 -14.15 -35.96 -9.72
N SER D 32 -14.34 -34.76 -9.18
CA SER D 32 -14.25 -34.58 -7.73
C SER D 32 -15.46 -35.10 -6.98
N SER D 33 -16.60 -35.27 -7.66
CA SER D 33 -17.82 -35.68 -6.95
C SER D 33 -17.69 -37.07 -6.35
N GLY D 34 -17.06 -37.99 -7.07
CA GLY D 34 -16.94 -39.37 -6.63
C GLY D 34 -18.11 -40.25 -7.00
N ALA D 35 -18.99 -39.80 -7.90
CA ALA D 35 -20.15 -40.60 -8.28
C ALA D 35 -19.80 -41.73 -9.24
N PHE D 36 -18.82 -41.52 -10.12
CA PHE D 36 -18.39 -42.52 -11.09
C PHE D 36 -17.05 -43.09 -10.68
N ASN D 37 -16.75 -44.30 -11.18
CA ASN D 37 -15.43 -44.88 -10.93
C ASN D 37 -14.33 -44.05 -11.58
N TRP D 38 -14.28 -44.05 -12.91
CA TRP D 38 -13.28 -43.29 -13.66
C TRP D 38 -11.87 -43.57 -13.15
N LEU D 39 -11.14 -42.53 -12.74
CA LEU D 39 -9.72 -42.67 -12.40
C LEU D 39 -9.55 -43.06 -10.93
N ARG D 40 -9.97 -44.28 -10.62
CA ARG D 40 -9.90 -44.81 -9.27
C ARG D 40 -8.52 -45.40 -9.01
N ALA D 41 -8.39 -46.13 -7.91
CA ALA D 41 -7.15 -46.80 -7.52
C ALA D 41 -5.99 -45.83 -7.43
N GLN E 6 -17.79 -9.24 -53.03
CA GLN E 6 -18.03 -9.45 -51.61
C GLN E 6 -19.24 -10.35 -51.38
N ASN E 7 -20.43 -9.75 -51.31
CA ASN E 7 -21.65 -10.50 -51.02
C ASN E 7 -22.16 -11.23 -52.26
N ASP E 8 -21.29 -12.07 -52.81
CA ASP E 8 -21.64 -12.88 -53.98
C ASP E 8 -22.08 -14.28 -53.61
N LEU E 9 -21.36 -14.94 -52.70
CA LEU E 9 -21.71 -16.27 -52.24
C LEU E 9 -22.73 -16.26 -51.10
N VAL E 10 -22.97 -15.11 -50.49
CA VAL E 10 -23.93 -14.99 -49.38
C VAL E 10 -25.34 -14.99 -49.94
N PRO E 11 -26.28 -15.72 -49.34
CA PRO E 11 -27.67 -15.63 -49.79
C PRO E 11 -28.22 -14.22 -49.61
N ASP E 12 -29.29 -13.94 -50.35
CA ASP E 12 -29.86 -12.59 -50.35
C ASP E 12 -30.33 -12.18 -48.96
N GLN E 13 -30.77 -13.14 -48.13
CA GLN E 13 -31.30 -12.79 -46.81
C GLN E 13 -30.20 -12.29 -45.88
N TRP E 14 -29.01 -12.87 -45.96
CA TRP E 14 -27.93 -12.59 -45.02
C TRP E 14 -26.84 -11.71 -45.60
N LYS E 15 -27.09 -11.06 -46.74
CA LYS E 15 -26.11 -10.12 -47.28
C LYS E 15 -25.76 -8.97 -46.34
N PRO E 16 -26.70 -8.33 -45.62
CA PRO E 16 -26.30 -7.21 -44.75
C PRO E 16 -25.48 -7.62 -43.55
N LEU E 17 -25.25 -8.92 -43.31
CA LEU E 17 -24.56 -9.37 -42.11
C LEU E 17 -23.22 -10.04 -42.38
N PHE E 18 -23.06 -10.76 -43.49
CA PHE E 18 -21.89 -11.57 -43.72
C PHE E 18 -21.10 -11.09 -44.93
N ASN E 19 -19.80 -11.39 -44.91
CA ASN E 19 -18.87 -11.14 -46.00
C ASN E 19 -18.72 -12.42 -46.82
N ASN E 20 -17.78 -12.43 -47.75
CA ASN E 20 -17.55 -13.63 -48.55
C ASN E 20 -16.82 -14.71 -47.77
N ALA E 21 -15.81 -14.33 -46.97
CA ALA E 21 -15.03 -15.28 -46.20
C ALA E 21 -15.67 -15.65 -44.87
N GLU E 22 -16.35 -14.69 -44.24
CA GLU E 22 -17.04 -14.97 -43.00
C GLU E 22 -18.13 -16.01 -43.18
N TRP E 23 -18.78 -16.04 -44.34
CA TRP E 23 -19.79 -17.05 -44.62
C TRP E 23 -19.18 -18.45 -44.63
N LEU E 24 -18.01 -18.62 -45.26
CA LEU E 24 -17.36 -19.92 -45.30
C LEU E 24 -16.89 -20.36 -43.91
N VAL E 25 -16.28 -19.43 -43.17
CA VAL E 25 -15.85 -19.77 -41.81
C VAL E 25 -17.04 -20.13 -40.94
N HIS E 26 -18.14 -19.40 -41.11
CA HIS E 26 -19.38 -19.69 -40.36
C HIS E 26 -19.80 -21.12 -40.66
N ASP E 27 -19.86 -21.48 -41.94
CA ASP E 27 -20.30 -22.83 -42.29
C ASP E 27 -19.43 -23.90 -41.63
N ILE E 28 -18.11 -23.67 -41.64
CA ILE E 28 -17.22 -24.61 -40.95
C ILE E 28 -17.60 -24.73 -39.48
N VAL E 29 -17.84 -23.59 -38.83
CA VAL E 29 -18.15 -23.60 -37.40
C VAL E 29 -19.44 -24.36 -37.12
N VAL E 30 -20.48 -24.14 -37.93
CA VAL E 30 -21.74 -24.81 -37.65
C VAL E 30 -21.63 -26.31 -37.87
N LYS E 31 -20.85 -26.74 -38.88
CA LYS E 31 -20.64 -28.18 -39.06
C LYS E 31 -19.92 -28.78 -37.86
N THR E 32 -18.90 -28.08 -37.34
CA THR E 32 -18.20 -28.57 -36.16
C THR E 32 -19.14 -28.69 -34.96
N ILE E 33 -20.03 -27.70 -34.78
CA ILE E 33 -20.95 -27.75 -33.65
C ILE E 33 -21.93 -28.92 -33.78
N TYR E 34 -22.42 -29.17 -35.00
CA TYR E 34 -23.32 -30.30 -35.18
C TYR E 34 -22.65 -31.63 -34.87
N GLY E 35 -21.41 -31.81 -35.36
CA GLY E 35 -20.69 -33.04 -35.04
C GLY E 35 -20.45 -33.21 -33.55
N GLY E 36 -20.05 -32.13 -32.89
CA GLY E 36 -19.85 -32.19 -31.45
C GLY E 36 -21.12 -32.54 -30.70
N LEU E 37 -22.26 -32.00 -31.14
CA LEU E 37 -23.53 -32.33 -30.49
C LEU E 37 -23.86 -33.80 -30.63
N ILE E 38 -23.65 -34.37 -31.82
CA ILE E 38 -23.94 -35.80 -32.01
C ILE E 38 -23.06 -36.64 -31.09
N ILE E 39 -21.76 -36.32 -31.02
CA ILE E 39 -20.86 -37.10 -30.17
C ILE E 39 -21.26 -36.95 -28.70
N ALA E 40 -21.66 -35.75 -28.30
CA ALA E 40 -22.05 -35.51 -26.91
C ALA E 40 -23.29 -36.32 -26.53
N VAL E 41 -24.26 -36.40 -27.44
CA VAL E 41 -25.46 -37.19 -27.17
C VAL E 41 -25.09 -38.66 -27.00
N ILE E 42 -24.23 -39.18 -27.87
CA ILE E 42 -23.84 -40.59 -27.76
C ILE E 42 -23.12 -40.84 -26.43
N ALA E 43 -22.20 -39.94 -26.06
CA ALA E 43 -21.45 -40.11 -24.83
C ALA E 43 -22.37 -40.08 -23.61
N HIS E 44 -23.34 -39.17 -23.57
CA HIS E 44 -24.30 -39.07 -22.44
C HIS E 44 -25.17 -40.33 -22.35
N VAL E 45 -25.58 -40.91 -23.49
CA VAL E 45 -26.36 -42.15 -23.44
C VAL E 45 -25.51 -43.29 -22.90
N LEU E 46 -24.25 -43.38 -23.35
CA LEU E 46 -23.37 -44.43 -22.84
C LEU E 46 -23.15 -44.31 -21.34
N CYS E 47 -22.87 -43.09 -20.87
CA CYS E 47 -22.59 -42.91 -19.45
C CYS E 47 -23.83 -43.18 -18.59
N TRP E 48 -25.02 -42.86 -19.11
CA TRP E 48 -26.23 -43.22 -18.36
C TRP E 48 -26.43 -44.73 -18.32
N ALA E 49 -26.18 -45.42 -19.44
CA ALA E 49 -26.32 -46.86 -19.44
C ALA E 49 -25.33 -47.51 -18.47
N TRP E 50 -24.15 -46.89 -18.30
CA TRP E 50 -23.18 -47.39 -17.33
C TRP E 50 -23.65 -47.12 -15.90
N THR E 51 -23.81 -45.84 -15.54
CA THR E 51 -24.19 -45.45 -14.18
C THR E 51 -25.14 -44.26 -14.21
N PRO E 52 -26.44 -44.47 -13.98
CA PRO E 52 -27.36 -43.34 -13.90
C PRO E 52 -27.02 -42.43 -12.73
N TRP E 53 -27.13 -41.13 -12.97
CA TRP E 53 -26.74 -40.12 -11.99
C TRP E 53 -27.92 -39.42 -11.33
N ILE E 54 -29.15 -39.84 -11.60
CA ILE E 54 -30.34 -39.29 -10.96
C ILE E 54 -31.06 -40.45 -10.29
N ARG E 55 -30.96 -40.53 -8.98
CA ARG E 55 -31.60 -41.62 -8.24
C ARG E 55 -32.52 -41.08 -7.15
N ASP F 3 -12.30 -8.16 -45.05
CA ASP F 3 -11.68 -9.37 -45.59
C ASP F 3 -11.77 -10.53 -44.59
N ARG F 4 -10.65 -11.22 -44.40
CA ARG F 4 -10.63 -12.39 -43.52
C ARG F 4 -10.86 -11.98 -42.07
N PRO F 5 -11.63 -12.75 -41.31
CA PRO F 5 -11.74 -12.46 -39.87
C PRO F 5 -10.48 -12.80 -39.10
N PHE F 6 -9.85 -13.93 -39.40
CA PHE F 6 -8.67 -14.41 -38.69
C PHE F 6 -7.54 -14.66 -39.67
N GLU F 7 -6.31 -14.55 -39.17
CA GLU F 7 -5.12 -14.89 -39.92
C GLU F 7 -4.72 -16.35 -39.67
N PHE F 8 -3.95 -16.90 -40.61
CA PHE F 8 -3.44 -18.25 -40.45
C PHE F 8 -2.45 -18.34 -39.30
N ARG F 9 -1.62 -17.31 -39.13
CA ARG F 9 -0.61 -17.30 -38.09
C ARG F 9 -1.24 -17.38 -36.70
N THR F 10 -2.28 -16.57 -36.47
CA THR F 10 -2.93 -16.55 -35.16
C THR F 10 -3.56 -17.89 -34.83
N SER F 11 -4.27 -18.49 -35.79
CA SER F 11 -4.91 -19.77 -35.54
C SER F 11 -3.89 -20.87 -35.29
N VAL F 12 -2.77 -20.85 -36.03
CA VAL F 12 -1.72 -21.85 -35.80
C VAL F 12 -1.15 -21.70 -34.39
N VAL F 13 -0.85 -20.47 -33.99
CA VAL F 13 -0.27 -20.24 -32.66
C VAL F 13 -1.23 -20.71 -31.58
N VAL F 14 -2.51 -20.34 -31.69
CA VAL F 14 -3.48 -20.67 -30.66
C VAL F 14 -3.68 -22.18 -30.57
N SER F 15 -3.81 -22.86 -31.72
CA SER F 15 -4.01 -24.30 -31.70
C SER F 15 -2.82 -25.03 -31.09
N THR F 16 -1.60 -24.64 -31.49
CA THR F 16 -0.41 -25.32 -30.96
C THR F 16 -0.30 -25.13 -29.46
N LEU F 17 -0.51 -23.89 -28.98
CA LEU F 17 -0.44 -23.64 -27.55
C LEU F 17 -1.48 -24.44 -26.78
N LEU F 18 -2.72 -24.46 -27.28
CA LEU F 18 -3.77 -25.19 -26.59
C LEU F 18 -3.47 -26.68 -26.54
N GLY F 19 -3.00 -27.26 -27.64
CA GLY F 19 -2.68 -28.67 -27.65
C GLY F 19 -1.58 -29.03 -26.67
N LEU F 20 -0.51 -28.22 -26.64
CA LEU F 20 0.57 -28.50 -25.69
C LEU F 20 0.10 -28.41 -24.25
N VAL F 21 -0.68 -27.37 -23.92
CA VAL F 21 -1.14 -27.21 -22.55
C VAL F 21 -2.05 -28.37 -22.14
N MET F 22 -2.96 -28.78 -23.03
CA MET F 22 -3.84 -29.88 -22.70
C MET F 22 -3.08 -31.19 -22.51
N ALA F 23 -2.07 -31.44 -23.36
CA ALA F 23 -1.28 -32.65 -23.22
C ALA F 23 -0.57 -32.70 -21.88
N LEU F 24 0.07 -31.58 -21.50
CA LEU F 24 0.76 -31.53 -20.21
C LEU F 24 -0.22 -31.71 -19.05
N LEU F 25 -1.38 -31.07 -19.12
CA LEU F 25 -2.36 -31.17 -18.04
C LEU F 25 -2.84 -32.61 -17.87
N ILE F 26 -3.16 -33.28 -18.97
CA ILE F 26 -3.66 -34.66 -18.89
C ILE F 26 -2.57 -35.59 -18.38
N HIS F 27 -1.32 -35.40 -18.82
CA HIS F 27 -0.25 -36.23 -18.30
C HIS F 27 -0.07 -36.04 -16.80
N PHE F 28 -0.14 -34.80 -16.31
CA PHE F 28 0.01 -34.56 -14.88
C PHE F 28 -1.12 -35.19 -14.08
N VAL F 29 -2.36 -35.03 -14.55
CA VAL F 29 -3.50 -35.58 -13.81
C VAL F 29 -3.42 -37.11 -13.77
N VAL F 30 -3.08 -37.74 -14.90
CA VAL F 30 -3.00 -39.20 -14.92
C VAL F 30 -1.84 -39.70 -14.05
N LEU F 31 -0.71 -39.00 -14.06
CA LEU F 31 0.41 -39.41 -13.21
C LEU F 31 0.05 -39.32 -11.73
N SER F 32 -0.60 -38.25 -11.30
CA SER F 32 -0.90 -38.07 -9.85
C SER F 32 -2.14 -38.87 -9.44
N SER F 33 -2.95 -39.38 -10.39
CA SER F 33 -4.16 -40.09 -9.97
C SER F 33 -3.82 -41.44 -9.34
N GLY F 34 -2.79 -42.11 -9.83
CA GLY F 34 -2.39 -43.39 -9.29
C GLY F 34 -3.13 -44.59 -9.84
N ALA F 35 -3.89 -44.42 -10.93
CA ALA F 35 -4.65 -45.53 -11.48
C ALA F 35 -3.75 -46.52 -12.21
N PHE F 36 -2.70 -46.04 -12.86
CA PHE F 36 -1.77 -46.86 -13.60
C PHE F 36 -0.46 -47.01 -12.83
N ASN F 37 0.25 -48.10 -13.11
CA ASN F 37 1.54 -48.30 -12.48
C ASN F 37 2.52 -47.20 -12.89
N TRP F 38 2.92 -47.19 -14.16
CA TRP F 38 3.78 -46.14 -14.73
C TRP F 38 5.05 -46.02 -13.88
N LEU F 39 5.42 -44.82 -13.43
CA LEU F 39 6.74 -44.58 -12.83
C LEU F 39 6.66 -44.81 -11.32
N ARG F 40 6.77 -46.07 -10.91
CA ARG F 40 6.71 -46.45 -9.51
C ARG F 40 8.10 -46.81 -9.00
N ALA F 41 8.32 -46.57 -7.71
CA ALA F 41 9.57 -46.92 -7.06
C ALA F 41 9.58 -48.39 -6.67
N GLN G 6 0.38 -15.50 -56.80
CA GLN G 6 -0.26 -15.27 -55.52
C GLN G 6 -1.32 -16.34 -55.25
N ASN G 7 -2.52 -16.15 -55.79
CA ASN G 7 -3.59 -17.13 -55.65
C ASN G 7 -3.64 -18.01 -56.90
N ASP G 8 -2.66 -18.89 -57.03
CA ASP G 8 -2.55 -19.78 -58.18
C ASP G 8 -2.80 -21.24 -57.82
N LEU G 9 -2.13 -21.75 -56.79
CA LEU G 9 -2.32 -23.13 -56.38
C LEU G 9 -3.53 -23.32 -55.48
N VAL G 10 -4.07 -22.24 -54.93
CA VAL G 10 -5.26 -22.34 -54.08
C VAL G 10 -6.47 -22.71 -54.92
N PRO G 11 -7.33 -23.63 -54.48
CA PRO G 11 -8.57 -23.88 -55.20
C PRO G 11 -9.45 -22.63 -55.22
N ASP G 12 -10.24 -22.49 -56.28
CA ASP G 12 -11.04 -21.30 -56.47
C ASP G 12 -12.06 -21.09 -55.36
N GLN G 13 -12.43 -22.15 -54.64
CA GLN G 13 -13.38 -22.00 -53.54
C GLN G 13 -12.76 -21.28 -52.35
N TRP G 14 -11.47 -21.51 -52.09
CA TRP G 14 -10.80 -20.98 -50.91
C TRP G 14 -9.85 -19.84 -51.23
N LYS G 15 -9.91 -19.27 -52.43
CA LYS G 15 -9.06 -18.13 -52.77
C LYS G 15 -9.25 -16.92 -51.86
N PRO G 16 -10.46 -16.55 -51.42
CA PRO G 16 -10.57 -15.39 -50.52
C PRO G 16 -9.88 -15.58 -49.18
N LEU G 17 -9.55 -16.82 -48.80
CA LEU G 17 -9.03 -17.10 -47.47
C LEU G 17 -7.55 -17.47 -47.43
N PHE G 18 -7.01 -18.05 -48.50
CA PHE G 18 -5.66 -18.60 -48.47
C PHE G 18 -4.76 -17.97 -49.52
N ASN G 19 -3.48 -18.30 -49.40
CA ASN G 19 -2.40 -17.89 -50.29
C ASN G 19 -1.62 -19.14 -50.69
N ASN G 20 -0.61 -18.99 -51.52
CA ASN G 20 0.20 -20.16 -51.90
C ASN G 20 1.03 -20.67 -50.73
N ALA G 21 1.75 -19.77 -50.06
CA ALA G 21 2.54 -20.18 -48.90
C ALA G 21 1.66 -20.73 -47.80
N GLU G 22 0.55 -20.06 -47.53
CA GLU G 22 -0.37 -20.53 -46.49
C GLU G 22 -1.04 -21.83 -46.88
N TRP G 23 -1.33 -22.04 -48.17
CA TRP G 23 -1.88 -23.33 -48.60
C TRP G 23 -0.89 -24.46 -48.36
N LEU G 24 0.39 -24.25 -48.69
CA LEU G 24 1.40 -25.28 -48.45
C LEU G 24 1.55 -25.59 -46.96
N VAL G 25 1.65 -24.55 -46.14
CA VAL G 25 1.80 -24.77 -44.70
C VAL G 25 0.56 -25.44 -44.12
N HIS G 26 -0.61 -25.09 -44.63
CA HIS G 26 -1.86 -25.75 -44.21
C HIS G 26 -1.71 -27.23 -44.47
N ASP G 27 -1.37 -27.59 -45.69
CA ASP G 27 -1.27 -29.01 -46.02
C ASP G 27 -0.34 -29.73 -45.05
N ILE G 28 0.80 -29.12 -44.73
CA ILE G 28 1.73 -29.72 -43.77
C ILE G 28 1.04 -29.95 -42.43
N VAL G 29 0.33 -28.93 -41.94
CA VAL G 29 -0.32 -29.04 -40.63
C VAL G 29 -1.40 -30.11 -40.63
N VAL G 30 -2.18 -30.20 -41.71
CA VAL G 30 -3.23 -31.21 -41.78
C VAL G 30 -2.65 -32.61 -41.75
N LYS G 31 -1.56 -32.84 -42.51
CA LYS G 31 -0.94 -34.16 -42.48
C LYS G 31 -0.39 -34.50 -41.10
N THR G 32 0.22 -33.52 -40.42
CA THR G 32 0.73 -33.76 -39.07
C THR G 32 -0.40 -34.15 -38.12
N ILE G 33 -1.54 -33.45 -38.22
CA ILE G 33 -2.66 -33.75 -37.32
C ILE G 33 -3.19 -35.17 -37.58
N TYR G 34 -3.29 -35.56 -38.86
CA TYR G 34 -3.78 -36.91 -39.16
C TYR G 34 -2.86 -37.98 -38.56
N GLY G 35 -1.55 -37.82 -38.75
CA GLY G 35 -0.62 -38.79 -38.19
C GLY G 35 -0.70 -38.85 -36.67
N GLY G 36 -0.78 -37.68 -36.02
CA GLY G 36 -0.92 -37.66 -34.58
C GLY G 36 -2.17 -38.36 -34.10
N LEU G 37 -3.29 -38.18 -34.81
CA LEU G 37 -4.53 -38.84 -34.40
C LEU G 37 -4.41 -40.35 -34.53
N ILE G 38 -3.76 -40.84 -35.59
CA ILE G 38 -3.58 -42.29 -35.72
C ILE G 38 -2.78 -42.84 -34.55
N ILE G 39 -1.68 -42.17 -34.22
CA ILE G 39 -0.84 -42.64 -33.12
C ILE G 39 -1.62 -42.60 -31.80
N ALA G 40 -2.43 -41.56 -31.60
CA ALA G 40 -3.19 -41.44 -30.36
C ALA G 40 -4.23 -42.55 -30.23
N VAL G 41 -4.88 -42.92 -31.32
CA VAL G 41 -5.83 -44.04 -31.27
C VAL G 41 -5.11 -45.32 -30.87
N ILE G 42 -3.96 -45.59 -31.49
CA ILE G 42 -3.22 -46.81 -31.15
C ILE G 42 -2.83 -46.80 -29.67
N ALA G 43 -2.35 -45.66 -29.17
CA ALA G 43 -1.91 -45.57 -27.79
C ALA G 43 -3.06 -45.81 -26.82
N HIS G 44 -4.23 -45.24 -27.07
CA HIS G 44 -5.41 -45.44 -26.19
C HIS G 44 -5.85 -46.91 -26.21
N VAL G 45 -5.79 -47.57 -27.37
CA VAL G 45 -6.18 -48.98 -27.41
C VAL G 45 -5.20 -49.82 -26.59
N LEU G 46 -3.90 -49.55 -26.73
CA LEU G 46 -2.91 -50.30 -25.95
C LEU G 46 -3.09 -50.07 -24.45
N CYS G 47 -3.31 -48.83 -24.04
CA CYS G 47 -3.46 -48.54 -22.62
C CYS G 47 -4.73 -49.16 -22.05
N TRP G 48 -5.80 -49.23 -22.84
CA TRP G 48 -6.99 -49.94 -22.37
C TRP G 48 -6.72 -51.44 -22.23
N ALA G 49 -5.99 -52.01 -23.18
CA ALA G 49 -5.63 -53.43 -23.05
C ALA G 49 -4.77 -53.68 -21.83
N TRP G 50 -3.97 -52.68 -21.41
CA TRP G 50 -3.13 -52.83 -20.23
C TRP G 50 -3.96 -52.85 -18.94
N THR G 51 -4.61 -51.72 -18.62
CA THR G 51 -5.51 -51.61 -17.47
C THR G 51 -6.68 -50.71 -17.82
N PRO G 52 -7.89 -51.25 -17.94
CA PRO G 52 -9.05 -50.40 -18.20
C PRO G 52 -9.28 -49.38 -17.08
N TRP G 53 -9.67 -48.17 -17.48
CA TRP G 53 -9.86 -47.06 -16.56
C TRP G 53 -11.33 -46.78 -16.26
N ILE G 54 -12.25 -47.62 -16.73
CA ILE G 54 -13.67 -47.50 -16.43
C ILE G 54 -14.11 -48.82 -15.84
N ARG G 55 -14.53 -48.79 -14.57
CA ARG G 55 -14.92 -50.01 -13.88
C ARG G 55 -16.26 -49.85 -13.20
N ASP H 3 3.01 -12.02 -47.38
CA ASP H 3 4.20 -12.64 -47.93
C ASP H 3 4.31 -14.08 -47.49
N ARG H 4 4.73 -14.28 -46.24
CA ARG H 4 4.93 -15.60 -45.66
C ARG H 4 4.32 -15.64 -44.27
N PRO H 5 3.73 -16.78 -43.86
CA PRO H 5 3.16 -16.87 -42.51
C PRO H 5 4.19 -16.62 -41.41
N PHE H 6 5.25 -17.42 -41.38
CA PHE H 6 6.27 -17.34 -40.36
C PHE H 6 7.64 -17.26 -41.02
N GLU H 7 8.56 -16.57 -40.37
CA GLU H 7 9.94 -16.59 -40.80
C GLU H 7 10.63 -17.85 -40.31
N PHE H 8 11.73 -18.21 -40.98
CA PHE H 8 12.48 -19.40 -40.59
C PHE H 8 13.12 -19.24 -39.22
N ARG H 9 13.60 -18.03 -38.91
CA ARG H 9 14.29 -17.79 -37.65
C ARG H 9 13.39 -18.02 -36.45
N THR H 10 12.16 -17.52 -36.49
CA THR H 10 11.25 -17.72 -35.36
C THR H 10 10.89 -19.18 -35.18
N SER H 11 10.68 -19.90 -36.28
CA SER H 11 10.41 -21.33 -36.19
C SER H 11 11.56 -22.06 -35.52
N VAL H 12 12.79 -21.74 -35.92
CA VAL H 12 13.96 -22.40 -35.33
C VAL H 12 14.05 -22.08 -33.84
N VAL H 13 13.90 -20.81 -33.47
CA VAL H 13 14.03 -20.43 -32.07
C VAL H 13 12.98 -21.14 -31.21
N VAL H 14 11.72 -21.14 -31.65
CA VAL H 14 10.66 -21.74 -30.87
C VAL H 14 10.85 -23.25 -30.74
N SER H 15 11.19 -23.93 -31.84
CA SER H 15 11.38 -25.37 -31.76
C SER H 15 12.54 -25.74 -30.85
N THR H 16 13.66 -25.01 -30.96
CA THR H 16 14.81 -25.31 -30.11
C THR H 16 14.50 -25.09 -28.63
N LEU H 17 13.83 -23.98 -28.31
CA LEU H 17 13.48 -23.71 -26.91
C LEU H 17 12.53 -24.78 -26.36
N LEU H 18 11.51 -25.17 -27.15
CA LEU H 18 10.58 -26.18 -26.68
C LEU H 18 11.28 -27.52 -26.47
N GLY H 19 12.18 -27.90 -27.37
CA GLY H 19 12.90 -29.14 -27.20
C GLY H 19 13.77 -29.16 -25.96
N LEU H 20 14.46 -28.05 -25.70
CA LEU H 20 15.29 -27.98 -24.50
C LEU H 20 14.46 -28.07 -23.22
N VAL H 21 13.34 -27.34 -23.18
CA VAL H 21 12.50 -27.37 -22.00
C VAL H 21 11.95 -28.78 -21.77
N MET H 22 11.51 -29.44 -22.83
CA MET H 22 10.98 -30.79 -22.68
C MET H 22 12.05 -31.77 -22.21
N ALA H 23 13.27 -31.65 -22.75
CA ALA H 23 14.35 -32.53 -22.31
C ALA H 23 14.63 -32.37 -20.83
N LEU H 24 14.72 -31.11 -20.36
CA LEU H 24 14.97 -30.88 -18.94
C LEU H 24 13.84 -31.43 -18.07
N LEU H 25 12.59 -31.18 -18.47
CA LEU H 25 11.45 -31.64 -17.69
C LEU H 25 11.42 -33.16 -17.56
N ILE H 26 11.64 -33.86 -18.69
CA ILE H 26 11.58 -35.32 -18.65
C ILE H 26 12.75 -35.90 -17.86
N HIS H 27 13.93 -35.32 -18.01
CA HIS H 27 15.08 -35.80 -17.22
C HIS H 27 14.82 -35.65 -15.73
N PHE H 28 14.30 -34.48 -15.31
CA PHE H 28 14.09 -34.26 -13.88
C PHE H 28 12.97 -35.15 -13.33
N VAL H 29 11.91 -35.37 -14.12
CA VAL H 29 10.84 -36.26 -13.68
C VAL H 29 11.35 -37.68 -13.49
N VAL H 30 12.16 -38.16 -14.44
CA VAL H 30 12.67 -39.53 -14.34
C VAL H 30 13.66 -39.65 -13.19
N LEU H 31 14.48 -38.61 -12.96
CA LEU H 31 15.42 -38.65 -11.85
C LEU H 31 14.71 -38.68 -10.50
N SER H 32 13.72 -37.81 -10.31
CA SER H 32 13.06 -37.74 -9.02
C SER H 32 12.00 -38.81 -8.81
N SER H 33 11.61 -39.55 -9.86
CA SER H 33 10.60 -40.59 -9.70
C SER H 33 11.05 -41.68 -8.74
N GLY H 34 12.32 -42.07 -8.82
CA GLY H 34 12.82 -43.15 -8.00
C GLY H 34 12.68 -44.53 -8.59
N ALA H 35 12.37 -44.65 -9.88
CA ALA H 35 12.18 -45.95 -10.50
C ALA H 35 13.50 -46.56 -10.97
N PHE H 36 14.41 -45.74 -11.48
CA PHE H 36 15.70 -46.20 -11.96
C PHE H 36 16.78 -45.93 -10.92
N ASN H 37 17.82 -46.75 -10.94
CA ASN H 37 18.92 -46.57 -9.98
C ASN H 37 19.62 -45.24 -10.19
N TRP H 38 20.31 -45.08 -11.31
CA TRP H 38 20.93 -43.81 -11.73
C TRP H 38 21.74 -43.25 -10.56
N LEU H 39 21.62 -41.95 -10.24
CA LEU H 39 22.51 -41.31 -9.26
C LEU H 39 21.97 -41.52 -7.85
N ARG H 40 22.42 -42.59 -7.19
CA ARG H 40 21.91 -42.95 -5.88
C ARG H 40 23.05 -43.11 -4.89
N ALA H 41 22.74 -42.83 -3.61
CA ALA H 41 23.58 -43.18 -2.48
C ALA H 41 25.03 -42.73 -2.62
N GLN I 6 19.51 -15.69 -54.91
CA GLN I 6 18.28 -15.77 -54.13
C GLN I 6 17.60 -17.11 -54.30
N ASN I 7 16.37 -17.09 -54.82
CA ASN I 7 15.60 -18.31 -54.99
C ASN I 7 16.12 -19.12 -56.17
N ASP I 8 17.32 -19.70 -56.03
CA ASP I 8 17.97 -20.41 -57.13
C ASP I 8 18.19 -21.88 -56.81
N LEU I 9 18.82 -22.21 -55.69
CA LEU I 9 19.09 -23.60 -55.34
C LEU I 9 17.90 -24.30 -54.70
N VAL I 10 16.89 -23.55 -54.26
CA VAL I 10 15.70 -24.14 -53.66
C VAL I 10 14.83 -24.74 -54.76
N PRO I 11 14.18 -25.87 -54.55
CA PRO I 11 13.30 -26.43 -55.58
C PRO I 11 12.14 -25.50 -55.89
N ASP I 12 11.56 -25.69 -57.08
CA ASP I 12 10.54 -24.77 -57.58
C ASP I 12 9.26 -24.82 -56.75
N GLN I 13 9.00 -25.94 -56.07
CA GLN I 13 7.78 -26.04 -55.27
C GLN I 13 7.86 -25.17 -54.01
N TRP I 14 9.05 -25.05 -53.43
CA TRP I 14 9.23 -24.34 -52.17
C TRP I 14 9.82 -22.95 -52.36
N LYS I 15 9.85 -22.45 -53.58
CA LYS I 15 10.35 -21.09 -53.82
C LYS I 15 9.66 -20.01 -53.00
N PRO I 16 8.32 -20.01 -52.81
CA PRO I 16 7.69 -18.92 -52.06
C PRO I 16 7.96 -18.95 -50.56
N LEU I 17 8.84 -19.84 -50.10
CA LEU I 17 9.11 -19.98 -48.68
C LEU I 17 10.58 -19.90 -48.30
N PHE I 18 11.53 -20.19 -49.20
CA PHE I 18 12.93 -20.35 -48.83
C PHE I 18 13.85 -19.55 -49.74
N ASN I 19 15.03 -19.24 -49.20
CA ASN I 19 16.17 -18.68 -49.90
C ASN I 19 17.19 -19.79 -50.16
N ASN I 20 18.39 -19.41 -50.62
CA ASN I 20 19.51 -20.34 -50.62
C ASN I 20 20.03 -20.57 -49.20
N ALA I 21 20.23 -19.47 -48.46
CA ALA I 21 20.76 -19.58 -47.10
C ALA I 21 19.80 -20.32 -46.18
N GLU I 22 18.51 -19.98 -46.26
CA GLU I 22 17.51 -20.66 -45.43
C GLU I 22 17.40 -22.12 -45.81
N TRP I 23 17.52 -22.44 -47.10
CA TRP I 23 17.50 -23.83 -47.53
C TRP I 23 18.69 -24.61 -46.95
N LEU I 24 19.88 -24.01 -46.97
CA LEU I 24 21.05 -24.68 -46.41
C LEU I 24 20.90 -24.93 -44.91
N VAL I 25 20.49 -23.89 -44.17
CA VAL I 25 20.33 -24.03 -42.73
C VAL I 25 19.25 -25.06 -42.42
N HIS I 26 18.17 -25.04 -43.19
CA HIS I 26 17.11 -26.05 -43.05
C HIS I 26 17.73 -27.42 -43.15
N ASP I 27 18.48 -27.70 -44.21
CA ASP I 27 19.02 -29.04 -44.42
C ASP I 27 19.88 -29.46 -43.24
N ILE I 28 20.70 -28.54 -42.72
CA ILE I 28 21.50 -28.85 -41.54
C ILE I 28 20.62 -29.27 -40.37
N VAL I 29 19.55 -28.50 -40.13
CA VAL I 29 18.67 -28.78 -39.01
C VAL I 29 18.01 -30.15 -39.14
N VAL I 30 17.54 -30.49 -40.35
CA VAL I 30 16.83 -31.75 -40.51
C VAL I 30 17.79 -32.93 -40.34
N LYS I 31 19.04 -32.81 -40.81
CA LYS I 31 20.01 -33.89 -40.58
C LYS I 31 20.30 -34.05 -39.09
N THR I 32 20.43 -32.93 -38.36
CA THR I 32 20.63 -33.02 -36.92
C THR I 32 19.48 -33.74 -36.25
N ILE I 33 18.24 -33.42 -36.64
CA ILE I 33 17.07 -34.05 -36.03
C ILE I 33 17.05 -35.55 -36.31
N TYR I 34 17.39 -35.95 -37.54
CA TYR I 34 17.42 -37.37 -37.86
C TYR I 34 18.43 -38.12 -36.99
N GLY I 35 19.64 -37.57 -36.85
CA GLY I 35 20.63 -38.21 -36.00
C GLY I 35 20.18 -38.31 -34.55
N GLY I 36 19.61 -37.22 -34.03
CA GLY I 36 19.12 -37.25 -32.66
C GLY I 36 18.03 -38.28 -32.45
N LEU I 37 17.13 -38.44 -33.44
CA LEU I 37 16.07 -39.43 -33.31
C LEU I 37 16.62 -40.85 -33.30
N ILE I 38 17.63 -41.14 -34.14
CA ILE I 38 18.23 -42.47 -34.11
C ILE I 38 18.84 -42.75 -32.75
N ILE I 39 19.60 -41.78 -32.21
CA ILE I 39 20.21 -41.98 -30.91
C ILE I 39 19.16 -42.17 -29.82
N ALA I 40 18.06 -41.41 -29.90
CA ALA I 40 17.01 -41.51 -28.89
C ALA I 40 16.34 -42.88 -28.92
N VAL I 41 16.09 -43.43 -30.11
CA VAL I 41 15.51 -44.78 -30.20
C VAL I 41 16.45 -45.79 -29.56
N ILE I 42 17.75 -45.71 -29.86
CA ILE I 42 18.69 -46.66 -29.27
C ILE I 42 18.68 -46.54 -27.75
N ALA I 43 18.67 -45.30 -27.23
CA ALA I 43 18.69 -45.09 -25.79
C ALA I 43 17.45 -45.66 -25.12
N HIS I 44 16.27 -45.52 -25.71
CA HIS I 44 15.01 -46.04 -25.13
C HIS I 44 15.03 -47.56 -25.14
N VAL I 45 15.61 -48.17 -26.19
CA VAL I 45 15.69 -49.64 -26.19
C VAL I 45 16.63 -50.12 -25.08
N LEU I 46 17.78 -49.44 -24.92
CA LEU I 46 18.71 -49.83 -23.85
C LEU I 46 18.07 -49.69 -22.47
N CYS I 47 17.37 -48.58 -22.23
CA CYS I 47 16.77 -48.37 -20.93
C CYS I 47 15.66 -49.38 -20.64
N TRP I 48 14.88 -49.75 -21.66
CA TRP I 48 13.88 -50.80 -21.42
C TRP I 48 14.54 -52.13 -21.13
N ALA I 49 15.62 -52.45 -21.83
CA ALA I 49 16.34 -53.69 -21.52
C ALA I 49 16.88 -53.67 -20.10
N TRP I 50 17.25 -52.50 -19.58
CA TRP I 50 17.77 -52.42 -18.22
C TRP I 50 16.66 -52.63 -17.20
N THR I 51 15.68 -51.71 -17.15
CA THR I 51 14.53 -51.83 -16.26
C THR I 51 13.27 -51.33 -16.94
N PRO I 52 12.31 -52.19 -17.26
CA PRO I 52 11.05 -51.72 -17.83
C PRO I 52 10.28 -50.82 -16.87
N TRP I 53 9.60 -49.82 -17.44
CA TRP I 53 8.88 -48.83 -16.67
C TRP I 53 7.37 -49.00 -16.72
N ILE I 54 6.87 -50.02 -17.41
CA ILE I 54 5.44 -50.29 -17.49
C ILE I 54 5.20 -51.68 -16.90
N ARG I 55 4.49 -51.73 -15.77
CA ARG I 55 4.20 -53.01 -15.12
C ARG I 55 2.74 -53.05 -14.67
N ARG J 4 21.82 -11.43 -43.97
CA ARG J 4 21.66 -12.86 -43.72
C ARG J 4 20.48 -13.12 -42.78
N PRO J 5 19.81 -14.26 -42.96
CA PRO J 5 18.75 -14.63 -42.01
C PRO J 5 19.27 -14.82 -40.59
N PHE J 6 20.50 -15.30 -40.44
CA PHE J 6 21.09 -15.56 -39.13
C PHE J 6 22.45 -14.89 -39.04
N GLU J 7 22.74 -14.29 -37.89
CA GLU J 7 24.02 -13.67 -37.62
C GLU J 7 24.90 -14.64 -36.82
N PHE J 8 26.20 -14.59 -37.11
CA PHE J 8 27.13 -15.48 -36.44
C PHE J 8 27.37 -15.09 -34.98
N ARG J 9 27.37 -13.79 -34.69
CA ARG J 9 27.57 -13.33 -33.32
C ARG J 9 26.42 -13.76 -32.41
N THR J 10 25.17 -13.68 -32.90
CA THR J 10 24.04 -14.10 -32.09
C THR J 10 24.13 -15.58 -31.74
N SER J 11 24.42 -16.43 -32.74
CA SER J 11 24.51 -17.86 -32.49
C SER J 11 25.66 -18.19 -31.56
N VAL J 12 26.81 -17.52 -31.71
CA VAL J 12 27.91 -17.72 -30.78
C VAL J 12 27.56 -17.34 -29.35
N VAL J 13 26.93 -16.18 -29.13
CA VAL J 13 26.55 -15.76 -27.79
C VAL J 13 25.57 -16.74 -27.16
N VAL J 14 24.52 -17.11 -27.91
CA VAL J 14 23.51 -18.01 -27.38
C VAL J 14 24.09 -19.37 -27.05
N SER J 15 24.90 -19.94 -27.93
CA SER J 15 25.48 -21.25 -27.67
C SER J 15 26.42 -21.23 -26.48
N THR J 16 27.26 -20.20 -26.36
CA THR J 16 28.17 -20.13 -25.22
C THR J 16 27.41 -20.04 -23.90
N LEU J 17 26.39 -19.18 -23.86
CA LEU J 17 25.58 -19.05 -22.64
C LEU J 17 24.89 -20.36 -22.29
N LEU J 18 24.32 -21.05 -23.29
CA LEU J 18 23.64 -22.31 -23.02
C LEU J 18 24.60 -23.36 -22.48
N GLY J 19 25.79 -23.47 -23.08
CA GLY J 19 26.75 -24.44 -22.59
C GLY J 19 27.19 -24.16 -21.17
N LEU J 20 27.44 -22.89 -20.84
CA LEU J 20 27.84 -22.54 -19.47
C LEU J 20 26.75 -22.88 -18.48
N VAL J 21 25.49 -22.55 -18.81
CA VAL J 21 24.38 -22.84 -17.90
C VAL J 21 24.24 -24.34 -17.67
N MET J 22 24.35 -25.14 -18.74
CA MET J 22 24.22 -26.57 -18.59
C MET J 22 25.34 -27.16 -17.73
N ALA J 23 26.57 -26.69 -17.93
CA ALA J 23 27.69 -27.20 -17.14
C ALA J 23 27.50 -26.89 -15.66
N LEU J 24 27.10 -25.66 -15.33
CA LEU J 24 26.86 -25.29 -13.94
C LEU J 24 25.75 -26.14 -13.33
N LEU J 25 24.64 -26.31 -14.06
CA LEU J 25 23.52 -27.07 -13.53
C LEU J 25 23.89 -28.51 -13.25
N ILE J 26 24.59 -29.15 -14.18
CA ILE J 26 24.98 -30.54 -13.99
C ILE J 26 25.94 -30.67 -12.81
N HIS J 27 26.88 -29.74 -12.68
CA HIS J 27 27.81 -29.79 -11.55
C HIS J 27 27.08 -29.69 -10.22
N PHE J 28 26.12 -28.76 -10.11
CA PHE J 28 25.40 -28.60 -8.85
C PHE J 28 24.54 -29.83 -8.54
N VAL J 29 23.87 -30.38 -9.55
CA VAL J 29 23.02 -31.54 -9.30
C VAL J 29 23.85 -32.73 -8.85
N VAL J 30 24.99 -32.97 -9.50
CA VAL J 30 25.85 -34.09 -9.13
C VAL J 30 26.45 -33.87 -7.74
N LEU J 31 26.79 -32.62 -7.40
CA LEU J 31 27.31 -32.34 -6.06
C LEU J 31 26.28 -32.65 -4.99
N SER J 32 25.03 -32.24 -5.20
CA SER J 32 24.00 -32.45 -4.20
C SER J 32 23.48 -33.88 -4.17
N SER J 33 23.75 -34.67 -5.22
CA SER J 33 23.22 -36.04 -5.27
C SER J 33 23.77 -36.90 -4.13
N GLY J 34 25.04 -36.77 -3.83
CA GLY J 34 25.68 -37.60 -2.82
C GLY J 34 26.19 -38.93 -3.32
N ALA J 35 26.18 -39.17 -4.63
CA ALA J 35 26.63 -40.44 -5.18
C ALA J 35 28.14 -40.59 -5.20
N PHE J 36 28.88 -39.52 -5.42
CA PHE J 36 30.33 -39.54 -5.48
C PHE J 36 30.92 -39.03 -4.18
N ASN J 37 32.11 -39.52 -3.84
CA ASN J 37 32.83 -39.08 -2.65
C ASN J 37 33.67 -37.84 -2.99
N TRP J 38 32.97 -36.74 -3.21
CA TRP J 38 33.56 -35.52 -3.74
C TRP J 38 33.20 -34.34 -2.83
N LEU J 39 34.23 -33.63 -2.37
CA LEU J 39 34.09 -32.46 -1.49
C LEU J 39 33.29 -32.80 -0.24
N ARG J 40 33.58 -33.95 0.36
CA ARG J 40 32.89 -34.38 1.57
C ARG J 40 33.53 -33.76 2.79
N ALA J 41 32.68 -33.30 3.72
CA ALA J 41 33.15 -32.68 4.95
C ALA J 41 33.90 -33.69 5.82
N ARG K 4 32.81 -4.47 -39.17
CA ARG K 4 33.57 -5.32 -38.25
C ARG K 4 32.64 -6.13 -37.35
N PRO K 5 32.55 -7.43 -37.63
CA PRO K 5 31.61 -8.28 -36.88
C PRO K 5 31.91 -8.35 -35.38
N PHE K 6 33.12 -8.77 -35.03
CA PHE K 6 33.50 -8.98 -33.64
C PHE K 6 34.38 -7.84 -33.14
N GLU K 7 34.05 -7.34 -31.96
CA GLU K 7 34.76 -6.24 -31.34
C GLU K 7 35.61 -6.76 -30.19
N PHE K 8 36.84 -6.27 -30.10
CA PHE K 8 37.78 -6.78 -29.10
C PHE K 8 37.38 -6.35 -27.69
N ARG K 9 36.85 -5.13 -27.55
CA ARG K 9 36.49 -4.62 -26.24
C ARG K 9 35.41 -5.47 -25.58
N THR K 10 34.41 -5.88 -26.35
CA THR K 10 33.34 -6.70 -25.81
C THR K 10 33.88 -8.05 -25.34
N SER K 11 34.73 -8.69 -26.15
CA SER K 11 35.29 -9.97 -25.76
C SER K 11 36.10 -9.86 -24.48
N VAL K 12 36.92 -8.79 -24.38
CA VAL K 12 37.73 -8.60 -23.18
C VAL K 12 36.84 -8.44 -21.95
N VAL K 13 35.85 -7.57 -22.03
CA VAL K 13 35.00 -7.30 -20.87
C VAL K 13 34.28 -8.57 -20.43
N VAL K 14 33.69 -9.28 -21.40
CA VAL K 14 32.89 -10.46 -21.06
C VAL K 14 33.77 -11.56 -20.45
N SER K 15 34.93 -11.82 -21.06
CA SER K 15 35.79 -12.87 -20.54
C SER K 15 36.31 -12.54 -19.15
N THR K 16 36.73 -11.29 -18.94
CA THR K 16 37.25 -10.91 -17.62
C THR K 16 36.17 -11.04 -16.55
N LEU K 17 34.97 -10.55 -16.83
CA LEU K 17 33.90 -10.61 -15.84
C LEU K 17 33.49 -12.06 -15.55
N LEU K 18 33.42 -12.90 -16.59
CA LEU K 18 33.09 -14.31 -16.38
C LEU K 18 34.14 -15.01 -15.52
N GLY K 19 35.41 -14.75 -15.78
CA GLY K 19 36.46 -15.35 -14.96
C GLY K 19 36.39 -14.93 -13.51
N LEU K 20 36.16 -13.63 -13.26
CA LEU K 20 36.07 -13.16 -11.88
C LEU K 20 34.88 -13.77 -11.16
N VAL K 21 33.72 -13.82 -11.82
CA VAL K 21 32.53 -14.40 -11.19
C VAL K 21 32.75 -15.88 -10.87
N MET K 22 33.37 -16.61 -11.80
CA MET K 22 33.64 -18.02 -11.54
C MET K 22 34.58 -18.22 -10.37
N ALA K 23 35.64 -17.40 -10.29
CA ALA K 23 36.59 -17.55 -9.18
C ALA K 23 35.92 -17.30 -7.85
N LEU K 24 35.10 -16.24 -7.76
CA LEU K 24 34.39 -15.95 -6.52
C LEU K 24 33.44 -17.08 -6.14
N LEU K 25 32.68 -17.60 -7.11
CA LEU K 25 31.74 -18.67 -6.82
C LEU K 25 32.45 -19.92 -6.34
N ILE K 26 33.56 -20.29 -6.96
CA ILE K 26 34.26 -21.50 -6.56
C ILE K 26 34.83 -21.34 -5.16
N HIS K 27 35.36 -20.16 -4.84
CA HIS K 27 35.85 -19.93 -3.48
C HIS K 27 34.71 -20.06 -2.46
N PHE K 28 33.55 -19.48 -2.76
CA PHE K 28 32.41 -19.59 -1.85
C PHE K 28 32.01 -21.05 -1.63
N VAL K 29 31.90 -21.81 -2.71
CA VAL K 29 31.46 -23.20 -2.59
C VAL K 29 32.47 -24.04 -1.81
N VAL K 30 33.76 -23.85 -2.09
CA VAL K 30 34.77 -24.64 -1.40
C VAL K 30 34.84 -24.26 0.09
N LEU K 31 34.64 -22.98 0.42
CA LEU K 31 34.61 -22.59 1.81
C LEU K 31 33.42 -23.19 2.53
N SER K 32 32.25 -23.22 1.89
CA SER K 32 31.07 -23.79 2.52
C SER K 32 31.11 -25.31 2.59
N SER K 33 31.91 -25.96 1.74
CA SER K 33 31.94 -27.42 1.73
C SER K 33 32.45 -27.99 3.05
N GLY K 34 33.46 -27.37 3.64
CA GLY K 34 34.05 -27.87 4.86
C GLY K 34 35.05 -28.99 4.68
N ALA K 35 35.47 -29.27 3.44
CA ALA K 35 36.38 -30.38 3.18
C ALA K 35 37.80 -30.05 3.59
N PHE K 36 38.23 -28.81 3.36
CA PHE K 36 39.57 -28.37 3.71
C PHE K 36 39.55 -27.66 5.05
N ASN K 37 40.70 -27.67 5.73
CA ASN K 37 40.79 -26.99 7.01
C ASN K 37 40.56 -25.50 6.82
N TRP K 38 41.49 -24.82 6.16
CA TRP K 38 41.36 -23.42 5.78
C TRP K 38 41.00 -22.60 7.02
N LEU K 39 40.01 -21.71 6.95
CA LEU K 39 39.74 -20.77 8.05
C LEU K 39 38.84 -21.41 9.11
N ARG K 40 39.30 -22.53 9.65
CA ARG K 40 38.52 -23.34 10.56
C ARG K 40 38.92 -23.02 11.99
N ALA K 41 38.11 -22.21 12.67
CA ALA K 41 38.25 -21.93 14.09
C ALA K 41 39.68 -21.55 14.49
N GLN L 6 47.37 2.08 -40.62
CA GLN L 6 47.56 1.87 -39.19
C GLN L 6 47.53 0.39 -38.83
N ASN L 7 47.68 -0.45 -39.84
CA ASN L 7 47.77 -1.90 -39.67
C ASN L 7 49.08 -2.34 -40.32
N ASP L 8 50.17 -2.27 -39.56
CA ASP L 8 51.46 -2.72 -40.08
C ASP L 8 52.09 -3.70 -39.12
N LEU L 9 51.76 -3.60 -37.84
CA LEU L 9 52.18 -4.59 -36.87
C LEU L 9 51.35 -5.86 -36.96
N VAL L 10 50.08 -5.74 -37.31
CA VAL L 10 49.20 -6.91 -37.41
C VAL L 10 49.64 -7.78 -38.57
N PRO L 11 49.65 -9.10 -38.43
CA PRO L 11 49.94 -9.97 -39.58
C PRO L 11 48.83 -9.90 -40.62
N ASP L 12 49.18 -10.31 -41.84
CA ASP L 12 48.25 -10.21 -42.96
C ASP L 12 47.01 -11.07 -42.75
N GLN L 13 47.14 -12.18 -42.00
CA GLN L 13 46.01 -13.08 -41.80
C GLN L 13 44.92 -12.43 -40.97
N TRP L 14 45.29 -11.66 -39.94
CA TRP L 14 44.33 -11.12 -38.99
C TRP L 14 44.03 -9.65 -39.23
N LYS L 15 44.37 -9.12 -40.40
CA LYS L 15 44.10 -7.72 -40.71
C LYS L 15 42.62 -7.36 -40.58
N PRO L 16 41.66 -8.14 -41.09
CA PRO L 16 40.25 -7.71 -41.00
C PRO L 16 39.67 -7.76 -39.59
N LEU L 17 40.44 -8.16 -38.58
CA LEU L 17 39.92 -8.30 -37.23
C LEU L 17 40.63 -7.44 -36.19
N PHE L 18 41.88 -7.04 -36.42
CA PHE L 18 42.68 -6.38 -35.40
C PHE L 18 43.25 -5.05 -35.88
N ASN L 19 43.75 -4.30 -34.92
CA ASN L 19 44.35 -2.99 -35.10
C ASN L 19 45.70 -2.99 -34.39
N ASN L 20 46.46 -1.90 -34.52
CA ASN L 20 47.75 -1.83 -33.82
C ASN L 20 47.56 -1.81 -32.31
N ALA L 21 46.73 -0.91 -31.80
CA ALA L 21 46.49 -0.83 -30.36
C ALA L 21 45.83 -2.09 -29.85
N GLU L 22 44.87 -2.62 -30.61
CA GLU L 22 44.20 -3.85 -30.23
C GLU L 22 45.18 -5.02 -30.24
N TRP L 23 46.11 -5.04 -31.19
CA TRP L 23 47.13 -6.09 -31.20
C TRP L 23 48.02 -6.02 -29.96
N LEU L 24 48.42 -4.81 -29.55
CA LEU L 24 49.24 -4.66 -28.36
C LEU L 24 48.50 -5.12 -27.10
N VAL L 25 47.25 -4.67 -26.94
CA VAL L 25 46.49 -5.07 -25.76
C VAL L 25 46.21 -6.58 -25.78
N HIS L 26 46.00 -7.14 -26.96
CA HIS L 26 45.80 -8.59 -27.08
C HIS L 26 47.03 -9.35 -26.60
N ASP L 27 48.22 -8.88 -27.00
CA ASP L 27 49.44 -9.53 -26.52
C ASP L 27 49.53 -9.45 -25.00
N ILE L 28 49.21 -8.29 -24.42
CA ILE L 28 49.22 -8.16 -22.96
C ILE L 28 48.30 -9.17 -22.33
N VAL L 29 47.08 -9.30 -22.86
CA VAL L 29 46.07 -10.18 -22.28
C VAL L 29 46.50 -11.64 -22.36
N VAL L 30 47.03 -12.08 -23.52
CA VAL L 30 47.40 -13.48 -23.64
C VAL L 30 48.59 -13.80 -22.73
N LYS L 31 49.52 -12.86 -22.57
CA LYS L 31 50.62 -13.08 -21.63
C LYS L 31 50.12 -13.19 -20.20
N THR L 32 49.15 -12.37 -19.83
CA THR L 32 48.58 -12.46 -18.48
C THR L 32 47.90 -13.82 -18.26
N ILE L 33 47.16 -14.30 -19.26
CA ILE L 33 46.48 -15.58 -19.14
C ILE L 33 47.50 -16.72 -18.99
N TYR L 34 48.55 -16.71 -19.81
CA TYR L 34 49.58 -17.73 -19.70
C TYR L 34 50.28 -17.68 -18.36
N GLY L 35 50.49 -16.48 -17.81
CA GLY L 35 51.10 -16.37 -16.50
C GLY L 35 50.22 -16.90 -15.40
N GLY L 36 48.90 -16.68 -15.50
CA GLY L 36 48.00 -17.15 -14.47
C GLY L 36 47.78 -18.65 -14.49
N LEU L 37 47.86 -19.27 -15.68
CA LEU L 37 47.63 -20.71 -15.78
C LEU L 37 48.70 -21.50 -15.04
N ILE L 38 49.95 -21.07 -15.10
CA ILE L 38 51.02 -21.76 -14.39
C ILE L 38 50.80 -21.71 -12.88
N ILE L 39 50.40 -20.54 -12.38
CA ILE L 39 50.13 -20.41 -10.95
C ILE L 39 48.96 -21.30 -10.54
N ALA L 40 47.94 -21.39 -11.40
CA ALA L 40 46.81 -22.29 -11.10
C ALA L 40 47.25 -23.74 -11.03
N VAL L 41 48.13 -24.17 -11.95
CA VAL L 41 48.64 -25.54 -11.93
C VAL L 41 49.39 -25.81 -10.62
N ILE L 42 50.28 -24.89 -10.24
CA ILE L 42 51.07 -25.10 -9.04
C ILE L 42 50.18 -25.13 -7.80
N ALA L 43 49.18 -24.23 -7.74
CA ALA L 43 48.27 -24.20 -6.60
C ALA L 43 47.50 -25.49 -6.47
N HIS L 44 47.02 -26.04 -7.59
CA HIS L 44 46.29 -27.31 -7.54
C HIS L 44 47.19 -28.45 -7.09
N VAL L 45 48.43 -28.49 -7.57
CA VAL L 45 49.34 -29.56 -7.15
C VAL L 45 49.59 -29.47 -5.65
N LEU L 46 49.82 -28.26 -5.13
CA LEU L 46 50.05 -28.09 -3.70
C LEU L 46 48.83 -28.50 -2.88
N CYS L 47 47.63 -28.11 -3.33
CA CYS L 47 46.43 -28.45 -2.57
C CYS L 47 46.16 -29.96 -2.59
N TRP L 48 46.45 -30.64 -3.70
CA TRP L 48 46.32 -32.10 -3.69
C TRP L 48 47.33 -32.74 -2.75
N ALA L 49 48.57 -32.23 -2.75
CA ALA L 49 49.55 -32.74 -1.79
C ALA L 49 49.09 -32.53 -0.36
N TRP L 50 48.36 -31.44 -0.10
CA TRP L 50 47.84 -31.16 1.22
C TRP L 50 46.75 -32.16 1.63
N THR L 51 45.61 -32.15 0.93
CA THR L 51 44.50 -33.06 1.17
C THR L 51 43.78 -33.36 -0.15
N PRO L 52 43.89 -34.59 -0.66
CA PRO L 52 43.15 -34.93 -1.88
C PRO L 52 41.65 -34.82 -1.69
N TRP L 53 40.96 -34.36 -2.75
CA TRP L 53 39.54 -34.12 -2.71
C TRP L 53 38.72 -35.21 -3.38
N ILE L 54 39.36 -36.22 -3.96
CA ILE L 54 38.69 -37.34 -4.60
C ILE L 54 39.04 -38.59 -3.81
N ARG L 55 38.02 -39.24 -3.25
CA ARG L 55 38.24 -40.47 -2.49
C ARG L 55 37.22 -41.54 -2.85
N PRO M 5 -52.36 15.99 -26.49
CA PRO M 5 -52.27 16.09 -25.03
C PRO M 5 -51.16 17.03 -24.58
N PRO M 6 -51.40 17.79 -23.52
CA PRO M 6 -50.39 18.74 -23.04
C PRO M 6 -49.20 18.03 -22.41
N THR M 7 -48.04 18.65 -22.54
CA THR M 7 -46.81 18.09 -22.00
C THR M 7 -45.79 19.19 -21.78
N LEU M 8 -45.01 19.06 -20.70
CA LEU M 8 -43.89 19.96 -20.46
C LEU M 8 -42.58 19.45 -21.03
N PHE M 9 -42.56 18.21 -21.55
CA PHE M 9 -41.34 17.58 -22.06
C PHE M 9 -41.62 17.05 -23.46
N PRO M 10 -41.77 17.95 -24.44
CA PRO M 10 -42.13 17.51 -25.79
C PRO M 10 -41.10 16.61 -26.45
N GLU M 11 -39.82 16.78 -26.13
CA GLU M 11 -38.78 16.00 -26.78
C GLU M 11 -38.65 14.58 -26.23
N ILE M 12 -39.37 14.27 -25.17
CA ILE M 12 -39.35 12.94 -24.57
C ILE M 12 -40.68 12.23 -24.76
N THR M 13 -41.78 12.92 -24.49
CA THR M 13 -43.10 12.28 -24.58
C THR M 13 -43.52 12.07 -26.03
N ASN M 14 -43.29 13.05 -26.90
CA ASN M 14 -43.79 12.96 -28.27
C ASN M 14 -42.95 12.05 -29.14
N THR M 15 -41.66 11.94 -28.89
CA THR M 15 -40.77 11.19 -29.76
C THR M 15 -40.84 9.69 -29.45
N VAL M 16 -40.37 8.89 -30.42
CA VAL M 16 -40.28 7.45 -30.22
C VAL M 16 -39.14 7.10 -29.28
N ARG M 17 -38.03 7.84 -29.37
CA ARG M 17 -36.86 7.56 -28.55
C ARG M 17 -37.15 7.75 -27.07
N GLY M 18 -37.89 8.81 -26.73
CA GLY M 18 -38.21 9.04 -25.33
C GLY M 18 -39.10 7.96 -24.73
N ARG M 19 -40.11 7.51 -25.49
CA ARG M 19 -40.96 6.43 -25.03
C ARG M 19 -40.16 5.14 -24.88
N PHE M 20 -39.24 4.88 -25.81
CA PHE M 20 -38.37 3.73 -25.67
C PHE M 20 -37.54 3.81 -24.40
N TYR M 21 -37.00 4.99 -24.09
CA TYR M 21 -36.20 5.14 -22.89
C TYR M 21 -37.03 4.90 -21.63
N ILE M 22 -38.26 5.41 -21.61
CA ILE M 22 -39.13 5.21 -20.45
C ILE M 22 -39.40 3.72 -20.23
N VAL M 23 -39.81 3.02 -21.31
CA VAL M 23 -40.12 1.61 -21.19
C VAL M 23 -38.88 0.81 -20.79
N ALA M 24 -37.73 1.14 -21.37
CA ALA M 24 -36.50 0.42 -21.05
C ALA M 24 -36.12 0.61 -19.60
N GLY M 25 -36.26 1.83 -19.05
CA GLY M 25 -35.96 2.04 -17.66
C GLY M 25 -36.88 1.24 -16.74
N ILE M 26 -38.18 1.24 -17.03
CA ILE M 26 -39.12 0.47 -16.20
C ILE M 26 -38.77 -1.02 -16.26
N ILE M 27 -38.47 -1.53 -17.45
CA ILE M 27 -38.14 -2.95 -17.60
C ILE M 27 -36.87 -3.30 -16.85
N SER M 28 -35.87 -2.41 -16.91
CA SER M 28 -34.62 -2.66 -16.21
C SER M 28 -34.83 -2.75 -14.71
N VAL M 29 -35.62 -1.82 -14.15
CA VAL M 29 -35.90 -1.88 -12.72
C VAL M 29 -36.61 -3.18 -12.36
N VAL M 30 -37.61 -3.56 -13.16
CA VAL M 30 -38.38 -4.76 -12.85
C VAL M 30 -37.49 -6.00 -12.87
N MET M 31 -36.64 -6.12 -13.90
CA MET M 31 -35.77 -7.28 -14.00
C MET M 31 -34.76 -7.33 -12.88
N ALA M 32 -34.17 -6.19 -12.53
CA ALA M 32 -33.19 -6.15 -11.45
C ALA M 32 -33.81 -6.59 -10.13
N VAL M 33 -35.05 -6.18 -9.86
CA VAL M 33 -35.72 -6.62 -8.65
C VAL M 33 -36.03 -8.11 -8.71
N ALA M 34 -36.58 -8.57 -9.83
CA ALA M 34 -37.10 -9.93 -9.93
C ALA M 34 -35.99 -10.97 -9.79
N SER M 35 -34.83 -10.72 -10.41
CA SER M 35 -33.75 -11.71 -10.36
C SER M 35 -33.29 -11.94 -8.92
N ILE M 36 -33.06 -10.86 -8.18
CA ILE M 36 -32.61 -10.98 -6.79
C ILE M 36 -33.68 -11.67 -5.95
N ALA M 37 -34.93 -11.27 -6.12
CA ALA M 37 -36.00 -11.86 -5.32
C ALA M 37 -36.09 -13.37 -5.54
N ILE M 38 -36.07 -13.81 -6.79
CA ILE M 38 -36.21 -15.23 -7.06
C ILE M 38 -34.99 -16.01 -6.59
N PHE M 39 -33.79 -15.43 -6.75
CA PHE M 39 -32.59 -16.12 -6.28
C PHE M 39 -32.65 -16.37 -4.78
N TRP M 40 -33.03 -15.35 -4.01
CA TRP M 40 -33.03 -15.55 -2.56
C TRP M 40 -34.20 -16.41 -2.10
N TRP M 41 -35.33 -16.37 -2.81
CA TRP M 41 -36.41 -17.29 -2.50
C TRP M 41 -35.96 -18.74 -2.66
N ILE M 42 -35.29 -19.04 -3.79
CA ILE M 42 -34.82 -20.40 -4.02
C ILE M 42 -33.79 -20.80 -2.96
N PHE M 43 -32.85 -19.90 -2.67
CA PHE M 43 -31.79 -20.22 -1.70
C PHE M 43 -32.38 -20.57 -0.35
N TYR M 44 -33.31 -19.76 0.14
CA TYR M 44 -33.87 -20.03 1.46
C TYR M 44 -34.92 -21.12 1.46
N THR M 45 -35.45 -21.51 0.30
CA THR M 45 -36.43 -22.60 0.30
C THR M 45 -35.79 -23.97 0.17
N ILE M 46 -34.61 -24.11 -0.43
CA ILE M 46 -34.02 -25.44 -0.55
C ILE M 46 -32.90 -25.72 0.45
N THR M 47 -32.27 -24.71 1.01
CA THR M 47 -31.12 -24.94 1.88
C THR M 47 -31.59 -25.39 3.27
N PRO M 48 -31.10 -26.51 3.77
CA PRO M 48 -31.57 -27.01 5.07
C PRO M 48 -31.03 -26.21 6.24
N ALA M 49 -31.77 -26.26 7.35
CA ALA M 49 -31.34 -25.61 8.57
C ALA M 49 -30.18 -26.37 9.21
N PRO M 50 -29.27 -25.66 9.88
CA PRO M 50 -28.13 -26.35 10.53
C PRO M 50 -28.57 -27.24 11.67
N ALA M 51 -27.85 -28.33 11.85
CA ALA M 51 -28.20 -29.31 12.88
C ALA M 51 -27.79 -28.80 14.26
N PRO M 52 -28.71 -28.82 15.23
CA PRO M 52 -28.35 -28.34 16.57
C PRO M 52 -27.34 -29.27 17.21
N PRO M 53 -26.51 -28.77 18.13
CA PRO M 53 -25.51 -29.61 18.76
C PRO M 53 -26.13 -30.64 19.69
N LEU M 54 -25.33 -31.65 20.02
CA LEU M 54 -25.82 -32.76 20.84
C LEU M 54 -26.23 -32.29 22.23
N GLN M 55 -27.27 -32.91 22.77
CA GLN M 55 -27.75 -32.65 24.12
C GLN M 55 -27.59 -33.89 25.01
N ASN M 56 -26.46 -34.57 24.87
CA ASN M 56 -26.17 -35.71 25.73
C ASN M 56 -25.98 -35.24 27.16
N PRO M 57 -26.50 -35.98 28.15
CA PRO M 57 -26.33 -35.59 29.56
C PRO M 57 -24.97 -35.91 30.16
N ILE M 58 -24.01 -36.39 29.36
CA ILE M 58 -22.67 -36.72 29.84
C ILE M 58 -21.61 -35.88 29.16
N TYR M 59 -21.64 -35.79 27.85
CA TYR M 59 -20.59 -35.16 27.06
C TYR M 59 -21.01 -33.77 26.59
N VAL M 60 -20.03 -32.98 26.21
CA VAL M 60 -20.28 -31.63 25.72
C VAL M 60 -20.84 -31.66 24.31
N ASN M 61 -20.10 -32.27 23.38
CA ASN M 61 -20.54 -32.37 21.98
C ASN M 61 -20.19 -33.74 21.41
N TYR M 62 -20.44 -34.79 22.20
CA TYR M 62 -20.13 -36.15 21.79
C TYR M 62 -21.27 -37.06 22.21
N THR M 63 -21.45 -38.16 21.48
CA THR M 63 -22.49 -39.12 21.80
C THR M 63 -22.03 -40.52 21.48
N GLN M 64 -22.56 -41.49 22.22
CA GLN M 64 -22.26 -42.90 22.01
C GLN M 64 -23.53 -43.71 21.75
N GLU M 65 -24.68 -43.05 21.63
CA GLU M 65 -25.96 -43.73 21.80
C GLU M 65 -26.21 -44.88 20.84
N PRO M 66 -25.94 -44.78 19.52
CA PRO M 66 -26.20 -45.93 18.65
C PRO M 66 -25.24 -47.08 18.94
N THR M 67 -25.49 -47.79 20.04
CA THR M 67 -24.57 -48.82 20.53
C THR M 67 -24.72 -50.12 19.72
N ASP M 68 -24.41 -50.03 18.44
CA ASP M 68 -24.38 -51.22 17.60
C ASP M 68 -23.10 -52.02 17.77
N TYR M 69 -22.13 -51.50 18.52
CA TYR M 69 -20.86 -52.17 18.76
C TYR M 69 -20.89 -53.12 19.94
N ILE M 70 -22.01 -53.20 20.67
CA ILE M 70 -22.17 -54.10 21.81
C ILE M 70 -23.15 -55.19 21.42
N SER M 71 -22.74 -56.44 21.56
CA SER M 71 -23.56 -57.58 21.17
C SER M 71 -24.60 -57.88 22.24
N ALA M 72 -25.53 -58.78 21.89
CA ALA M 72 -26.59 -59.14 22.81
C ALA M 72 -26.09 -60.08 23.91
N GLU M 73 -25.15 -60.97 23.58
CA GLU M 73 -24.58 -61.85 24.59
C GLU M 73 -23.83 -61.07 25.65
N SER M 74 -23.16 -59.99 25.25
CA SER M 74 -22.48 -59.14 26.22
C SER M 74 -23.47 -58.51 27.19
N LEU M 75 -24.59 -58.02 26.68
CA LEU M 75 -25.60 -57.42 27.55
C LEU M 75 -26.21 -58.46 28.48
N ALA M 76 -26.49 -59.66 27.96
CA ALA M 76 -27.04 -60.71 28.81
C ALA M 76 -26.06 -61.09 29.92
N ALA M 77 -24.77 -61.20 29.59
CA ALA M 77 -23.77 -61.50 30.61
C ALA M 77 -23.66 -60.38 31.62
N MET M 78 -23.75 -59.13 31.17
CA MET M 78 -23.71 -58.00 32.10
C MET M 78 -24.86 -58.05 33.08
N ASN M 79 -26.07 -58.30 32.58
CA ASN M 79 -27.23 -58.38 33.47
C ASN M 79 -27.12 -59.54 34.44
N ALA M 80 -26.65 -60.71 33.95
CA ALA M 80 -26.49 -61.85 34.83
C ALA M 80 -25.45 -61.59 35.91
N TYR M 81 -24.34 -60.93 35.56
CA TYR M 81 -23.32 -60.64 36.55
C TYR M 81 -23.80 -59.62 37.56
N ILE M 82 -24.60 -58.63 37.12
CA ILE M 82 -25.18 -57.68 38.06
C ILE M 82 -26.11 -58.39 39.03
N GLN M 83 -26.94 -59.32 38.53
CA GLN M 83 -27.83 -60.05 39.40
C GLN M 83 -27.07 -60.93 40.38
N ALA M 84 -25.98 -61.55 39.94
CA ALA M 84 -25.27 -62.52 40.77
C ALA M 84 -24.26 -61.89 41.73
N ASN M 85 -23.90 -60.61 41.54
CA ASN M 85 -22.88 -59.96 42.36
C ASN M 85 -23.31 -58.52 42.65
N PRO M 86 -23.95 -58.28 43.80
CA PRO M 86 -24.29 -56.89 44.16
C PRO M 86 -23.08 -55.99 44.30
N GLN M 87 -21.95 -56.51 44.79
CA GLN M 87 -20.74 -55.74 45.01
C GLN M 87 -19.62 -56.24 44.10
N PRO M 88 -18.71 -55.36 43.68
CA PRO M 88 -17.61 -55.79 42.81
C PRO M 88 -16.70 -56.78 43.53
N GLN M 89 -16.10 -57.67 42.75
CA GLN M 89 -15.31 -58.77 43.29
C GLN M 89 -13.82 -58.49 43.31
N ALA M 90 -13.29 -57.77 42.32
CA ALA M 90 -11.86 -57.43 42.30
C ALA M 90 -11.70 -56.08 41.60
N VAL M 91 -11.68 -55.02 42.40
CA VAL M 91 -11.50 -53.66 41.90
C VAL M 91 -10.35 -53.01 42.66
N GLN M 92 -9.43 -52.37 41.93
CA GLN M 92 -8.29 -51.70 42.51
C GLN M 92 -8.33 -50.18 42.35
N VAL M 93 -9.14 -49.66 41.43
CA VAL M 93 -9.19 -48.23 41.15
C VAL M 93 -10.57 -47.65 41.41
N LEU M 94 -11.63 -48.34 40.97
CA LEU M 94 -12.99 -47.86 41.13
C LEU M 94 -13.51 -48.28 42.50
N LYS M 95 -13.57 -47.33 43.43
CA LYS M 95 -13.97 -47.59 44.80
C LYS M 95 -15.25 -46.84 45.12
N GLY M 96 -15.98 -47.35 46.12
CA GLY M 96 -17.22 -46.75 46.53
C GLY M 96 -18.33 -46.80 45.49
N MET M 97 -18.36 -47.84 44.67
CA MET M 97 -19.39 -48.03 43.67
C MET M 97 -19.88 -49.47 43.70
N THR M 98 -21.17 -49.65 43.40
CA THR M 98 -21.74 -50.97 43.30
C THR M 98 -21.45 -51.57 41.92
N THR M 99 -21.86 -52.81 41.72
CA THR M 99 -21.67 -53.45 40.42
C THR M 99 -22.51 -52.77 39.34
N ALA M 100 -23.73 -52.35 39.70
CA ALA M 100 -24.59 -51.70 38.71
C ALA M 100 -24.00 -50.38 38.25
N GLN M 101 -23.47 -49.58 39.17
CA GLN M 101 -22.85 -48.31 38.78
C GLN M 101 -21.60 -48.53 37.93
N ILE M 102 -20.79 -49.53 38.28
CA ILE M 102 -19.61 -49.85 37.49
C ILE M 102 -20.02 -50.26 36.08
N SER M 103 -21.06 -51.10 35.96
CA SER M 103 -21.53 -51.53 34.65
C SER M 103 -22.06 -50.36 33.84
N ALA M 104 -22.80 -49.45 34.48
CA ALA M 104 -23.29 -48.27 33.77
C ALA M 104 -22.14 -47.41 33.26
N TYR M 105 -21.11 -47.25 34.09
CA TYR M 105 -19.92 -46.51 33.66
C TYR M 105 -19.23 -47.22 32.49
N MET M 106 -19.18 -48.54 32.55
CA MET M 106 -18.47 -49.31 31.50
C MET M 106 -19.33 -49.41 30.25
N VAL M 107 -20.59 -49.02 30.30
CA VAL M 107 -21.40 -48.93 29.09
C VAL M 107 -21.38 -47.53 28.50
N ALA M 108 -21.40 -46.49 29.34
CA ALA M 108 -21.53 -45.12 28.85
C ALA M 108 -20.18 -44.53 28.44
N GLN M 109 -19.18 -44.60 29.30
CA GLN M 109 -17.93 -43.88 29.10
C GLN M 109 -16.77 -44.78 28.70
N VAL M 110 -16.58 -45.90 29.38
CA VAL M 110 -15.70 -46.95 28.88
C VAL M 110 -16.48 -47.75 27.86
N SER M 111 -15.80 -48.22 26.81
CA SER M 111 -16.44 -48.99 25.75
C SER M 111 -17.49 -48.17 25.00
N GLY M 112 -17.62 -46.90 25.37
CA GLY M 112 -18.48 -45.97 24.67
C GLY M 112 -17.66 -44.76 24.26
N GLY M 113 -16.46 -44.65 24.82
CA GLY M 113 -15.52 -43.64 24.41
C GLY M 113 -14.53 -44.21 23.42
N LEU M 114 -14.33 -45.53 23.48
CA LEU M 114 -13.55 -46.25 22.49
C LEU M 114 -14.40 -46.91 21.42
N LYS M 115 -15.71 -47.04 21.65
CA LYS M 115 -16.64 -47.65 20.71
C LYS M 115 -16.24 -49.09 20.38
N VAL M 116 -15.99 -49.87 21.43
CA VAL M 116 -15.63 -51.28 21.29
C VAL M 116 -16.63 -52.12 22.06
N ASP M 117 -16.45 -53.43 22.03
CA ASP M 117 -17.35 -54.36 22.71
C ASP M 117 -16.81 -54.71 24.10
N CYS M 118 -17.69 -55.26 24.93
CA CYS M 118 -17.30 -55.65 26.28
C CYS M 118 -16.22 -56.72 26.28
N SER M 119 -16.08 -57.46 25.17
CA SER M 119 -15.08 -58.51 25.06
C SER M 119 -13.73 -58.01 24.57
N TYR M 120 -13.61 -56.70 24.31
CA TYR M 120 -12.32 -56.15 23.93
C TYR M 120 -11.30 -56.26 25.06
N CYS M 121 -11.76 -56.07 26.30
CA CYS M 121 -10.88 -56.18 27.46
C CYS M 121 -11.25 -57.31 28.41
N HIS M 122 -12.52 -57.71 28.46
CA HIS M 122 -13.02 -58.64 29.47
C HIS M 122 -13.13 -60.05 28.90
N ASN M 123 -13.43 -60.98 29.81
CA ASN M 123 -13.86 -62.32 29.47
C ASN M 123 -15.35 -62.41 29.83
N ILE M 124 -16.18 -62.73 28.84
CA ILE M 124 -17.62 -62.61 29.01
C ILE M 124 -18.12 -63.55 30.10
N ALA M 125 -17.50 -64.72 30.24
CA ALA M 125 -17.93 -65.69 31.24
C ALA M 125 -17.77 -65.13 32.65
N ASN M 126 -16.63 -64.49 32.93
CA ASN M 126 -16.34 -63.98 34.28
C ASN M 126 -15.71 -62.61 34.14
N PHE M 127 -16.43 -61.56 34.54
CA PHE M 127 -15.92 -60.20 34.44
C PHE M 127 -14.84 -59.91 35.45
N ALA M 128 -14.73 -60.71 36.52
CA ALA M 128 -13.72 -60.49 37.55
C ALA M 128 -12.41 -61.21 37.27
N GLN M 129 -12.35 -62.02 36.21
CA GLN M 129 -11.12 -62.74 35.88
C GLN M 129 -10.05 -61.76 35.39
N GLN M 130 -8.81 -62.03 35.78
CA GLN M 130 -7.70 -61.13 35.48
C GLN M 130 -6.81 -61.61 34.34
N ASP M 131 -6.54 -62.91 34.24
CA ASP M 131 -5.67 -63.43 33.20
C ASP M 131 -6.09 -64.85 32.85
N GLY M 132 -5.68 -65.28 31.65
CA GLY M 132 -6.05 -66.58 31.15
C GLY M 132 -6.63 -66.50 29.76
N TYR M 133 -6.87 -65.29 29.28
CA TYR M 133 -7.43 -65.03 27.98
C TYR M 133 -6.55 -64.04 27.24
N PRO M 134 -6.60 -64.02 25.90
CA PRO M 134 -5.64 -63.23 25.13
C PRO M 134 -5.90 -61.72 25.11
N ASN M 135 -6.73 -61.19 26.01
CA ASN M 135 -7.02 -59.76 26.04
C ASN M 135 -6.76 -59.15 27.41
N ALA M 136 -5.85 -59.74 28.19
CA ALA M 136 -5.58 -59.21 29.53
C ALA M 136 -4.71 -57.95 29.48
N ALA M 137 -3.80 -57.86 28.51
CA ALA M 137 -2.96 -56.67 28.38
C ALA M 137 -3.80 -55.43 28.12
N LYS M 138 -4.89 -55.58 27.37
CA LYS M 138 -5.80 -54.46 27.16
C LYS M 138 -6.40 -53.99 28.48
N LYS M 139 -6.77 -54.92 29.36
CA LYS M 139 -7.34 -54.56 30.65
C LYS M 139 -6.31 -53.85 31.52
N VAL M 140 -5.06 -54.32 31.49
CA VAL M 140 -4.00 -53.67 32.26
C VAL M 140 -3.79 -52.24 31.77
N THR M 141 -3.70 -52.07 30.45
CA THR M 141 -3.52 -50.74 29.90
C THR M 141 -4.71 -49.83 30.22
N ALA M 142 -5.92 -50.39 30.23
CA ALA M 142 -7.10 -49.60 30.56
C ALA M 142 -7.06 -49.13 32.01
N ARG M 143 -6.61 -49.99 32.93
CA ARG M 143 -6.48 -49.56 34.32
C ARG M 143 -5.45 -48.45 34.46
N LYS M 144 -4.32 -48.58 33.76
CA LYS M 144 -3.31 -47.53 33.79
C LYS M 144 -3.87 -46.22 33.23
N MET M 145 -4.73 -46.31 32.22
CA MET M 145 -5.32 -45.11 31.59
C MET M 145 -6.36 -44.49 32.51
N MET M 146 -7.04 -45.29 33.35
CA MET M 146 -7.93 -44.73 34.37
C MET M 146 -7.14 -43.95 35.41
N LEU M 147 -6.03 -44.52 35.87
CA LEU M 147 -5.19 -43.81 36.84
C LEU M 147 -4.62 -42.52 36.24
N MET M 148 -4.20 -42.57 34.97
CA MET M 148 -3.69 -41.38 34.31
C MET M 148 -4.75 -40.29 34.24
N SER M 149 -5.99 -40.65 33.87
CA SER M 149 -7.06 -39.67 33.78
C SER M 149 -7.34 -39.05 35.14
N ALA M 150 -7.36 -39.88 36.20
CA ALA M 150 -7.56 -39.37 37.54
C ALA M 150 -6.51 -38.32 37.88
N ASP M 151 -5.24 -38.64 37.67
CA ASP M 151 -4.16 -37.70 37.94
C ASP M 151 -4.34 -36.41 37.12
N LEU M 152 -4.62 -36.58 35.82
CA LEU M 152 -4.66 -35.45 34.89
C LEU M 152 -5.73 -34.44 35.28
N ASN M 153 -6.94 -34.91 35.56
CA ASN M 153 -7.98 -33.97 35.95
C ASN M 153 -8.01 -33.70 37.45
N GLN M 154 -7.12 -34.33 38.21
CA GLN M 154 -7.08 -34.08 39.65
C GLN M 154 -6.08 -33.00 40.03
N ASN M 155 -4.97 -32.87 39.31
CA ASN M 155 -4.03 -31.80 39.66
C ASN M 155 -3.65 -30.91 38.48
N TYR M 156 -4.42 -30.93 37.39
CA TYR M 156 -4.14 -29.98 36.32
C TYR M 156 -5.37 -29.21 35.84
N THR M 157 -6.54 -29.83 35.81
CA THR M 157 -7.77 -29.08 35.52
C THR M 157 -8.45 -28.59 36.77
N ALA M 158 -7.96 -28.97 37.95
CA ALA M 158 -8.45 -28.40 39.20
C ALA M 158 -7.84 -27.04 39.50
N LYS M 159 -6.84 -26.63 38.73
CA LYS M 159 -6.23 -25.31 38.90
C LYS M 159 -6.94 -24.23 38.11
N LEU M 160 -7.86 -24.58 37.21
CA LEU M 160 -8.58 -23.59 36.44
C LEU M 160 -9.76 -23.05 37.23
N PRO M 161 -10.16 -21.81 36.98
CA PRO M 161 -11.29 -21.23 37.71
C PRO M 161 -12.62 -21.86 37.31
N ALA M 162 -13.62 -21.64 38.17
CA ALA M 162 -14.94 -22.22 37.96
C ALA M 162 -15.72 -21.55 36.83
N SER M 163 -15.21 -20.43 36.33
CA SER M 163 -15.88 -19.66 35.25
C SER M 163 -15.83 -20.43 33.93
N VAL M 164 -14.89 -21.37 33.81
CA VAL M 164 -14.70 -22.12 32.54
C VAL M 164 -15.74 -23.24 32.43
N GLY M 165 -16.24 -23.77 33.55
CA GLY M 165 -17.34 -24.76 33.47
C GLY M 165 -17.19 -25.97 34.36
N GLY M 166 -15.97 -26.30 34.78
CA GLY M 166 -15.71 -27.49 35.58
C GLY M 166 -15.83 -28.80 34.82
N TYR M 167 -15.40 -28.84 33.57
CA TYR M 167 -15.46 -30.06 32.78
C TYR M 167 -14.31 -31.00 33.15
N GLN M 168 -14.53 -32.28 32.90
CA GLN M 168 -13.61 -33.33 33.31
C GLN M 168 -13.03 -34.04 32.10
N ILE M 169 -11.93 -34.75 32.34
CA ILE M 169 -11.26 -35.57 31.33
C ILE M 169 -11.74 -37.00 31.49
N THR M 170 -12.26 -37.58 30.41
CA THR M 170 -12.73 -38.96 30.42
C THR M 170 -12.15 -39.72 29.23
N CYS M 171 -12.62 -40.94 29.01
CA CYS M 171 -12.02 -41.78 27.96
C CYS M 171 -12.34 -41.25 26.57
N ALA M 172 -13.54 -40.67 26.39
CA ALA M 172 -13.92 -40.17 25.07
C ALA M 172 -13.06 -39.01 24.63
N THR M 173 -12.48 -38.28 25.58
CA THR M 173 -11.41 -37.35 25.25
C THR M 173 -10.16 -38.14 24.89
N CYS M 174 -9.38 -37.62 23.95
CA CYS M 174 -8.17 -38.25 23.46
C CYS M 174 -8.48 -39.47 22.59
N HIS M 175 -9.73 -39.91 22.55
CA HIS M 175 -10.07 -41.09 21.77
C HIS M 175 -11.13 -40.80 20.73
N ASN M 176 -12.22 -40.14 21.13
CA ASN M 176 -13.28 -39.71 20.22
C ASN M 176 -13.81 -40.87 19.40
N GLY M 177 -14.01 -42.01 20.06
CA GLY M 177 -14.62 -43.15 19.42
C GLY M 177 -13.69 -44.08 18.66
N LYS M 178 -12.43 -44.17 19.07
CA LYS M 178 -11.47 -45.07 18.44
C LYS M 178 -10.57 -45.65 19.52
N ALA M 179 -10.28 -46.95 19.39
CA ALA M 179 -9.42 -47.62 20.37
C ALA M 179 -7.95 -47.40 20.06
N ALA M 180 -7.52 -47.77 18.86
CA ALA M 180 -6.16 -47.56 18.41
C ALA M 180 -6.19 -46.71 17.14
N GLY M 181 -5.00 -46.45 16.60
CA GLY M 181 -4.92 -45.61 15.43
C GLY M 181 -5.17 -44.15 15.69
N LEU M 182 -4.98 -43.69 16.92
CA LEU M 182 -5.15 -42.28 17.23
C LEU M 182 -4.11 -41.44 16.50
N GLU M 183 -4.54 -40.31 15.97
CA GLU M 183 -3.71 -39.47 15.10
C GLU M 183 -3.70 -38.05 15.61
N PRO M 184 -2.82 -37.73 16.56
CA PRO M 184 -2.45 -36.33 16.75
C PRO M 184 -1.59 -35.89 15.58
N TYR M 185 -1.70 -34.60 15.25
CA TYR M 185 -1.04 -34.04 14.08
C TYR M 185 -1.45 -34.76 12.78
N PRO M 186 -2.72 -34.70 12.38
CA PRO M 186 -3.07 -35.19 11.05
C PRO M 186 -2.67 -34.18 9.98
N ILE M 187 -2.79 -34.63 8.72
CA ILE M 187 -2.36 -33.78 7.60
C ILE M 187 -3.29 -32.59 7.40
N GLU M 188 -4.49 -32.63 7.95
CA GLU M 188 -5.43 -31.54 7.76
C GLU M 188 -5.01 -30.27 8.51
N ILE M 189 -4.34 -30.42 9.64
CA ILE M 189 -4.00 -29.28 10.48
C ILE M 189 -2.60 -28.73 10.19
N MET M 190 -1.90 -29.31 9.24
CA MET M 190 -0.55 -28.89 8.84
C MET M 190 -0.58 -28.02 7.59
N ASN M 191 -1.59 -27.16 7.47
CA ASN M 191 -1.85 -26.49 6.19
C ASN M 191 -0.71 -25.56 5.81
N THR M 192 -0.24 -24.72 6.73
CA THR M 192 0.79 -23.76 6.42
C THR M 192 2.13 -24.08 7.07
N LEU M 193 2.22 -25.18 7.76
CA LEU M 193 3.40 -25.60 8.49
C LEU M 193 4.14 -26.70 7.74
N PRO M 194 5.42 -26.87 7.99
CA PRO M 194 6.12 -28.07 7.49
C PRO M 194 5.51 -29.33 8.07
N ASN M 195 5.45 -30.40 7.26
CA ASN M 195 4.81 -31.62 7.73
C ASN M 195 5.77 -32.51 8.49
N ASP M 196 6.58 -31.93 9.36
CA ASP M 196 7.32 -32.68 10.38
C ASP M 196 7.44 -31.88 11.66
N TRP M 197 6.83 -30.70 11.75
CA TRP M 197 6.88 -29.88 12.94
C TRP M 197 6.11 -30.55 14.07
N ARG M 198 6.61 -30.38 15.29
CA ARG M 198 5.97 -30.90 16.48
C ARG M 198 6.08 -29.86 17.58
N LEU M 199 5.18 -29.96 18.56
CA LEU M 199 5.17 -29.02 19.67
C LEU M 199 6.47 -29.14 20.47
N PRO M 200 7.14 -28.03 20.77
CA PRO M 200 8.41 -28.08 21.54
C PRO M 200 8.19 -28.26 23.05
N LEU M 201 7.97 -29.51 23.44
CA LEU M 201 7.61 -29.82 24.83
C LEU M 201 8.82 -30.07 25.72
N GLU M 202 10.03 -29.89 25.22
CA GLU M 202 11.22 -30.05 26.04
C GLU M 202 11.66 -28.75 26.72
N LEU M 203 10.98 -27.65 26.45
CA LEU M 203 11.28 -26.36 27.07
C LEU M 203 10.53 -26.22 28.38
N ASP M 204 10.64 -25.06 29.00
CA ASP M 204 10.00 -24.76 30.28
C ASP M 204 9.00 -23.63 30.08
N TYR M 205 7.83 -23.76 30.70
CA TYR M 205 6.76 -22.80 30.55
C TYR M 205 6.31 -22.30 31.92
N PRO M 206 6.18 -20.99 32.13
CA PRO M 206 6.39 -19.88 31.17
C PRO M 206 7.86 -19.61 30.85
N GLY M 207 8.13 -19.00 29.70
CA GLY M 207 9.46 -18.59 29.32
C GLY M 207 10.05 -19.33 28.14
N GLY M 208 9.42 -20.39 27.66
CA GLY M 208 10.00 -21.17 26.59
C GLY M 208 9.88 -20.55 25.22
N LEU M 209 8.83 -19.76 25.00
CA LEU M 209 8.55 -19.19 23.68
C LEU M 209 8.43 -17.67 23.76
N VAL M 210 9.28 -17.03 24.57
CA VAL M 210 9.27 -15.58 24.72
C VAL M 210 10.38 -15.01 23.85
N VAL M 211 10.04 -13.97 23.08
CA VAL M 211 10.98 -13.42 22.10
C VAL M 211 11.10 -11.90 22.17
N THR M 212 10.21 -11.18 22.85
CA THR M 212 10.17 -9.73 22.73
C THR M 212 11.32 -9.09 23.50
N GLY M 213 12.12 -8.27 22.82
CA GLY M 213 13.17 -7.52 23.43
C GLY M 213 14.46 -8.28 23.69
N ARG M 214 14.57 -9.51 23.22
CA ARG M 214 15.73 -10.35 23.52
C ARG M 214 16.79 -10.20 22.44
N LYS M 215 17.99 -9.84 22.85
CA LYS M 215 19.12 -9.66 21.94
C LYS M 215 19.96 -10.91 21.78
N ASP M 216 19.61 -11.99 22.48
CA ASP M 216 20.20 -13.31 22.27
C ASP M 216 19.30 -14.21 21.42
N VAL M 217 18.48 -13.62 20.55
CA VAL M 217 17.44 -14.31 19.81
C VAL M 217 17.29 -13.57 18.49
N SER M 218 16.89 -14.30 17.45
CA SER M 218 16.72 -13.69 16.13
C SER M 218 15.51 -14.34 15.46
N ASN M 219 15.40 -14.16 14.13
CA ASN M 219 14.21 -14.55 13.38
C ASN M 219 13.97 -16.05 13.35
N HIS M 220 15.01 -16.87 13.56
CA HIS M 220 14.82 -18.32 13.67
C HIS M 220 13.92 -18.66 14.87
N GLU M 221 14.20 -18.05 16.01
CA GLU M 221 13.39 -18.28 17.20
C GLU M 221 11.99 -17.70 17.05
N VAL M 222 11.86 -16.57 16.36
CA VAL M 222 10.54 -15.99 16.15
C VAL M 222 9.69 -16.90 15.25
N GLU M 223 10.32 -17.52 14.25
CA GLU M 223 9.60 -18.48 13.41
C GLU M 223 9.16 -19.70 14.22
N GLN M 224 10.05 -20.20 15.09
CA GLN M 224 9.68 -21.33 15.92
C GLN M 224 8.55 -20.99 16.89
N ASN M 225 8.50 -19.73 17.35
CA ASN M 225 7.38 -19.26 18.15
C ASN M 225 6.09 -19.23 17.34
N GLN M 226 6.16 -18.73 16.10
CA GLN M 226 4.96 -18.53 15.30
C GLN M 226 4.33 -19.85 14.88
N PHE M 227 5.14 -20.88 14.62
CA PHE M 227 4.56 -22.18 14.29
C PHE M 227 3.68 -22.70 15.43
N ALA M 228 4.18 -22.64 16.67
CA ALA M 228 3.40 -23.10 17.81
C ALA M 228 2.17 -22.24 18.02
N MET M 229 2.27 -20.95 17.81
CA MET M 229 1.14 -20.03 18.06
C MET M 229 0.05 -20.24 17.01
N TYR M 230 0.39 -20.55 15.77
CA TYR M 230 -0.63 -20.89 14.78
C TYR M 230 -1.26 -22.25 15.07
N HIS M 231 -0.48 -23.21 15.57
CA HIS M 231 -1.08 -24.46 16.02
C HIS M 231 -2.11 -24.21 17.12
N MET M 232 -1.75 -23.39 18.11
CA MET M 232 -2.66 -23.12 19.21
C MET M 232 -3.95 -22.45 18.73
N ASN M 233 -3.85 -21.52 17.79
CA ASN M 233 -5.07 -20.84 17.37
C ASN M 233 -5.85 -21.61 16.29
N VAL M 234 -5.25 -22.64 15.68
CA VAL M 234 -6.03 -23.52 14.81
C VAL M 234 -6.77 -24.57 15.64
N SER M 235 -6.17 -25.03 16.74
CA SER M 235 -6.80 -26.05 17.57
C SER M 235 -7.89 -25.50 18.48
N MET M 236 -8.10 -24.18 18.52
CA MET M 236 -9.19 -23.56 19.25
C MET M 236 -10.32 -23.07 18.35
N GLY M 237 -10.08 -22.98 17.04
CA GLY M 237 -11.06 -22.38 16.16
C GLY M 237 -11.18 -20.89 16.28
N GLN M 238 -10.12 -20.22 16.73
CA GLN M 238 -10.15 -18.81 17.05
C GLN M 238 -8.96 -18.11 16.39
N GLY M 239 -8.90 -16.79 16.54
CA GLY M 239 -7.79 -16.00 16.07
C GLY M 239 -6.76 -15.76 17.15
N CYS M 240 -5.78 -14.91 16.83
CA CYS M 240 -4.69 -14.65 17.76
C CYS M 240 -5.17 -13.92 19.00
N THR M 241 -6.33 -13.29 18.95
CA THR M 241 -6.84 -12.42 20.00
C THR M 241 -7.74 -13.14 20.99
N PHE M 242 -7.77 -14.47 20.97
CA PHE M 242 -8.51 -15.23 21.98
C PHE M 242 -7.68 -15.09 23.25
N CYS M 243 -6.35 -15.07 23.11
CA CYS M 243 -5.39 -15.08 24.23
C CYS M 243 -4.56 -13.77 24.31
N HIS M 244 -4.48 -12.89 23.28
CA HIS M 244 -3.65 -11.70 23.35
C HIS M 244 -4.42 -10.44 23.05
N ASN M 245 -3.93 -9.33 23.60
CA ASN M 245 -4.15 -8.00 23.06
C ASN M 245 -3.02 -7.75 22.08
N ALA M 246 -3.37 -7.63 20.79
CA ALA M 246 -2.35 -7.67 19.74
C ALA M 246 -1.48 -6.43 19.70
N ARG M 247 -1.79 -5.39 20.48
CA ARG M 247 -0.90 -4.24 20.58
C ARG M 247 0.27 -4.48 21.53
N TYR M 248 0.22 -5.54 22.33
CA TYR M 248 1.35 -5.95 23.15
C TYR M 248 1.17 -7.42 23.49
N PHE M 249 1.97 -8.28 22.86
CA PHE M 249 1.87 -9.72 23.05
C PHE M 249 2.38 -10.22 24.40
N PRO M 250 3.36 -9.57 25.04
CA PRO M 250 3.72 -9.97 26.41
C PRO M 250 2.62 -9.77 27.45
N SER M 251 1.57 -9.01 27.14
CA SER M 251 0.55 -8.68 28.15
C SER M 251 -0.25 -9.91 28.55
N TYR M 252 -0.57 -10.00 29.84
CA TYR M 252 -1.34 -11.09 30.42
C TYR M 252 -2.74 -10.65 30.83
N GLU M 253 -3.37 -9.79 30.03
CA GLU M 253 -4.64 -9.19 30.41
C GLU M 253 -5.86 -9.99 29.95
N ILE M 254 -5.65 -11.12 29.28
CA ILE M 254 -6.72 -12.06 28.95
C ILE M 254 -6.48 -13.33 29.75
N ALA M 255 -7.55 -13.91 30.30
CA ALA M 255 -7.42 -15.06 31.20
C ALA M 255 -7.04 -16.33 30.44
N GLN M 256 -7.37 -16.39 29.16
CA GLN M 256 -7.04 -17.57 28.37
C GLN M 256 -5.54 -17.81 28.28
N LYS M 257 -4.73 -16.76 28.43
CA LYS M 257 -3.27 -16.96 28.43
C LYS M 257 -2.81 -17.75 29.65
N ASN M 258 -3.38 -17.46 30.82
CA ASN M 258 -3.05 -18.24 32.01
C ASN M 258 -3.56 -19.67 31.88
N HIS M 259 -4.78 -19.83 31.36
CA HIS M 259 -5.29 -21.17 31.11
C HIS M 259 -4.37 -21.94 30.16
N SER M 260 -3.83 -21.26 29.15
CA SER M 260 -2.93 -21.90 28.19
C SER M 260 -1.60 -22.26 28.83
N ILE M 261 -1.11 -21.46 29.76
CA ILE M 261 0.12 -21.82 30.48
C ILE M 261 -0.11 -23.11 31.26
N ILE M 262 -1.25 -23.21 31.96
CA ILE M 262 -1.55 -24.43 32.71
C ILE M 262 -1.66 -25.63 31.77
N MET M 263 -2.22 -25.45 30.59
CA MET M 263 -2.47 -26.56 29.63
C MET M 263 -1.18 -26.94 28.90
N LEU M 264 -0.25 -26.02 28.73
CA LEU M 264 1.09 -26.36 28.25
C LEU M 264 1.85 -27.18 29.28
N GLN M 265 1.76 -26.79 30.55
CA GLN M 265 2.39 -27.58 31.59
C GLN M 265 1.80 -28.99 31.65
N MET M 266 0.47 -29.10 31.50
CA MET M 266 -0.16 -30.40 31.55
C MET M 266 0.28 -31.31 30.40
N THR M 267 0.34 -30.76 29.17
CA THR M 267 0.73 -31.60 28.04
C THR M 267 2.21 -31.96 28.09
N LYS M 268 3.06 -31.07 28.62
CA LYS M 268 4.44 -31.44 28.87
C LYS M 268 4.54 -32.56 29.89
N HIS M 269 3.73 -32.51 30.94
CA HIS M 269 3.70 -33.60 31.92
C HIS M 269 3.27 -34.91 31.29
N ILE M 270 2.26 -34.86 30.41
CA ILE M 270 1.82 -36.07 29.72
C ILE M 270 2.97 -36.66 28.90
N GLN M 271 3.72 -35.80 28.20
CA GLN M 271 4.85 -36.31 27.43
C GLN M 271 5.92 -36.90 28.33
N GLU M 272 6.27 -36.23 29.42
CA GLU M 272 7.38 -36.67 30.27
C GLU M 272 7.04 -37.89 31.12
N THR M 273 5.77 -38.18 31.37
CA THR M 273 5.39 -39.22 32.30
C THR M 273 4.79 -40.46 31.65
N TYR M 274 3.93 -40.30 30.64
CA TYR M 274 3.18 -41.43 30.10
C TYR M 274 3.56 -41.80 28.67
N VAL M 275 4.18 -40.90 27.91
CA VAL M 275 4.64 -41.24 26.57
C VAL M 275 6.02 -41.88 26.60
N ALA M 276 7.00 -41.16 27.12
CA ALA M 276 8.38 -41.65 27.20
C ALA M 276 8.93 -41.38 28.60
N PRO M 277 8.51 -42.17 29.58
CA PRO M 277 9.01 -41.95 30.95
C PRO M 277 10.47 -42.36 31.07
N GLY M 278 11.28 -41.47 31.64
CA GLY M 278 12.70 -41.73 31.75
C GLY M 278 13.46 -41.60 30.46
N GLY M 279 12.84 -41.08 29.41
CA GLY M 279 13.48 -40.93 28.12
C GLY M 279 13.32 -42.10 27.17
N ARG M 280 12.69 -43.20 27.61
CA ARG M 280 12.56 -44.39 26.79
C ARG M 280 11.09 -44.68 26.51
N ILE M 281 10.77 -44.88 25.23
CA ILE M 281 9.40 -45.09 24.79
C ILE M 281 8.84 -46.41 25.32
N ALA M 282 9.71 -47.41 25.53
CA ALA M 282 9.23 -48.76 25.82
C ALA M 282 8.44 -48.83 27.12
N ASP M 283 8.69 -47.93 28.07
CA ASP M 283 8.03 -47.97 29.37
C ASP M 283 6.68 -47.26 29.38
N GLY M 284 6.38 -46.45 28.37
CA GLY M 284 5.14 -45.70 28.36
C GLY M 284 3.94 -46.57 28.04
N ILE M 285 2.76 -46.01 28.32
CA ILE M 285 1.50 -46.69 28.05
C ILE M 285 0.89 -46.26 26.72
N MET M 286 1.56 -45.42 25.97
CA MET M 286 1.15 -45.03 24.63
C MET M 286 2.21 -45.50 23.64
N ALA M 287 1.83 -45.59 22.37
CA ALA M 287 2.78 -46.09 21.37
C ALA M 287 3.71 -44.97 20.92
N GLY M 288 4.32 -44.27 21.88
CA GLY M 288 5.23 -43.18 21.56
C GLY M 288 4.58 -42.06 20.77
N LYS M 289 3.31 -41.77 21.05
CA LYS M 289 2.55 -40.76 20.33
C LYS M 289 2.42 -39.53 21.21
N SER M 290 3.20 -38.50 20.89
CA SER M 290 3.22 -37.30 21.72
C SER M 290 1.91 -36.53 21.59
N PRO M 291 1.43 -35.92 22.67
CA PRO M 291 0.15 -35.21 22.63
C PRO M 291 0.27 -33.87 21.91
N SER M 292 -0.88 -33.32 21.57
CA SER M 292 -0.99 -31.99 20.99
C SER M 292 -2.23 -31.31 21.54
N CYS M 293 -2.34 -30.01 21.27
CA CYS M 293 -3.54 -29.28 21.65
C CYS M 293 -4.76 -29.79 20.89
N TRP M 294 -4.58 -30.20 19.63
CA TRP M 294 -5.67 -30.66 18.78
C TRP M 294 -6.21 -32.02 19.21
N LEU M 295 -5.44 -32.82 19.93
CA LEU M 295 -5.89 -34.16 20.28
C LEU M 295 -7.17 -34.12 21.11
N CYS M 296 -7.25 -33.21 22.08
CA CYS M 296 -8.45 -33.04 22.86
C CYS M 296 -9.39 -32.02 22.23
N HIS M 297 -8.92 -30.79 22.05
CA HIS M 297 -9.68 -29.75 21.36
C HIS M 297 -9.71 -30.06 19.88
N GLN M 298 -10.82 -30.59 19.38
CA GLN M 298 -10.93 -30.87 17.95
C GLN M 298 -11.49 -29.67 17.21
N GLY M 299 -10.84 -28.52 17.36
CA GLY M 299 -11.31 -27.31 16.74
C GLY M 299 -12.25 -26.46 17.56
N ALA M 300 -12.34 -26.71 18.87
CA ALA M 300 -13.23 -25.99 19.75
C ALA M 300 -12.50 -25.61 21.03
N ASN M 301 -13.00 -24.59 21.70
CA ASN M 301 -12.34 -24.12 22.93
C ASN M 301 -12.60 -25.04 24.11
N ILE M 302 -13.64 -25.87 24.05
CA ILE M 302 -13.90 -26.91 25.04
C ILE M 302 -13.94 -28.23 24.29
N PRO M 303 -13.19 -29.25 24.70
CA PRO M 303 -13.17 -30.51 23.97
C PRO M 303 -14.56 -31.12 23.89
N PRO M 304 -14.97 -31.58 22.70
CA PRO M 304 -16.29 -32.21 22.58
C PRO M 304 -16.46 -33.47 23.42
N GLY M 305 -15.38 -34.19 23.68
CA GLY M 305 -15.43 -35.38 24.50
C GLY M 305 -15.27 -35.15 25.98
N ALA M 306 -15.21 -33.90 26.43
CA ALA M 306 -15.10 -33.61 27.85
C ALA M 306 -16.42 -33.91 28.54
N ALA M 307 -16.33 -34.46 29.75
CA ALA M 307 -17.51 -34.84 30.51
C ALA M 307 -18.01 -33.65 31.33
N LYS M 308 -19.32 -33.50 31.39
CA LYS M 308 -19.92 -32.45 32.19
C LYS M 308 -19.69 -32.72 33.67
N PRO M 309 -19.70 -31.68 34.51
CA PRO M 309 -19.42 -31.89 35.94
C PRO M 309 -20.43 -32.81 36.59
N GLY M 310 -19.93 -33.69 37.46
CA GLY M 310 -20.74 -34.67 38.13
C GLY M 310 -20.98 -35.95 37.38
N GLN M 311 -20.32 -36.15 36.23
CA GLN M 311 -20.61 -37.33 35.36
C GLN M 311 -19.51 -38.40 35.42
N VAL M 312 -18.29 -38.07 35.84
CA VAL M 312 -17.15 -39.03 35.91
C VAL M 312 -17.13 -39.68 37.29
N PRO M 313 -16.90 -41.01 37.44
CA PRO M 313 -16.75 -41.65 38.76
C PRO M 313 -15.94 -40.77 39.71
N ALA M 314 -16.44 -40.51 40.92
CA ALA M 314 -15.78 -39.57 41.87
C ALA M 314 -14.29 -39.84 42.07
N VAL M 315 -13.87 -41.10 42.17
CA VAL M 315 -12.43 -41.48 42.34
C VAL M 315 -11.57 -40.93 41.18
N LEU M 316 -12.15 -40.69 40.00
CA LEU M 316 -11.39 -40.23 38.82
C LEU M 316 -11.73 -38.77 38.48
N SER M 317 -12.18 -37.98 39.46
CA SER M 317 -12.59 -36.58 39.19
C SER M 317 -11.61 -35.59 39.83
N SER M 318 -11.90 -34.29 39.71
CA SER M 318 -11.06 -33.28 40.34
C SER M 318 -11.38 -33.07 41.81
N THR M 319 -12.59 -33.43 42.24
CA THR M 319 -12.97 -33.18 43.63
C THR M 319 -12.13 -33.92 44.65
N PRO M 320 -11.78 -35.21 44.49
CA PRO M 320 -10.91 -35.77 45.53
C PRO M 320 -9.45 -35.39 45.36
N ASP N 3 36.54 5.99 -31.38
CA ASP N 3 37.91 6.28 -31.77
C ASP N 3 38.90 5.45 -30.95
N ARG N 4 39.06 5.83 -29.68
CA ARG N 4 39.94 5.08 -28.79
C ARG N 4 39.27 3.78 -28.38
N PRO N 5 39.86 2.61 -28.66
CA PRO N 5 39.25 1.36 -28.20
C PRO N 5 39.13 1.27 -26.69
N PHE N 6 40.11 1.79 -25.95
CA PHE N 6 40.13 1.70 -24.49
C PHE N 6 40.49 3.04 -23.90
N GLU N 7 39.79 3.41 -22.82
CA GLU N 7 40.01 4.67 -22.13
C GLU N 7 40.73 4.40 -20.81
N PHE N 8 41.76 5.18 -20.52
CA PHE N 8 42.51 5.00 -19.29
C PHE N 8 41.65 5.29 -18.07
N ARG N 9 40.80 6.31 -18.14
CA ARG N 9 40.00 6.71 -16.99
C ARG N 9 39.05 5.62 -16.55
N THR N 10 38.39 4.95 -17.51
CA THR N 10 37.44 3.91 -17.16
C THR N 10 38.12 2.74 -16.47
N SER N 11 39.29 2.33 -16.99
CA SER N 11 40.01 1.22 -16.37
C SER N 11 40.48 1.59 -14.97
N VAL N 12 40.92 2.83 -14.78
CA VAL N 12 41.34 3.27 -13.45
C VAL N 12 40.17 3.18 -12.48
N VAL N 13 39.00 3.68 -12.89
CA VAL N 13 37.83 3.66 -12.00
C VAL N 13 37.47 2.23 -11.64
N VAL N 14 37.38 1.35 -12.65
CA VAL N 14 36.94 -0.02 -12.41
C VAL N 14 37.92 -0.76 -11.50
N SER N 15 39.22 -0.64 -11.77
CA SER N 15 40.20 -1.37 -10.97
C SER N 15 40.24 -0.86 -9.54
N THR N 16 40.15 0.45 -9.33
CA THR N 16 40.15 0.99 -7.98
C THR N 16 38.94 0.48 -7.19
N LEU N 17 37.75 0.51 -7.81
CA LEU N 17 36.56 0.04 -7.10
C LEU N 17 36.64 -1.44 -6.79
N LEU N 18 37.14 -2.25 -7.73
CA LEU N 18 37.27 -3.68 -7.49
C LEU N 18 38.24 -3.97 -6.35
N GLY N 19 39.36 -3.25 -6.31
CA GLY N 19 40.30 -3.44 -5.21
C GLY N 19 39.72 -3.09 -3.87
N LEU N 20 38.99 -1.97 -3.79
CA LEU N 20 38.37 -1.58 -2.52
C LEU N 20 37.34 -2.60 -2.06
N VAL N 21 36.49 -3.05 -2.98
CA VAL N 21 35.46 -4.04 -2.61
C VAL N 21 36.10 -5.34 -2.14
N MET N 22 37.15 -5.79 -2.83
CA MET N 22 37.82 -7.01 -2.43
C MET N 22 38.46 -6.88 -1.06
N ALA N 23 39.08 -5.73 -0.77
CA ALA N 23 39.70 -5.54 0.54
C ALA N 23 38.65 -5.60 1.65
N LEU N 24 37.52 -4.91 1.45
CA LEU N 24 36.46 -4.94 2.46
C LEU N 24 35.93 -6.35 2.67
N LEU N 25 35.66 -7.07 1.58
CA LEU N 25 35.11 -8.43 1.69
C LEU N 25 36.09 -9.37 2.39
N ILE N 26 37.37 -9.30 2.02
CA ILE N 26 38.35 -10.22 2.62
C ILE N 26 38.53 -9.92 4.09
N HIS N 27 38.57 -8.64 4.47
CA HIS N 27 38.67 -8.30 5.88
C HIS N 27 37.47 -8.83 6.66
N PHE N 28 36.25 -8.65 6.13
CA PHE N 28 35.07 -9.15 6.81
C PHE N 28 35.13 -10.66 6.99
N VAL N 29 35.40 -11.40 5.90
CA VAL N 29 35.38 -12.85 5.96
C VAL N 29 36.45 -13.36 6.93
N VAL N 30 37.65 -12.77 6.89
CA VAL N 30 38.74 -13.26 7.73
C VAL N 30 38.48 -12.93 9.20
N LEU N 31 38.03 -11.72 9.50
CA LEU N 31 37.91 -11.30 10.89
C LEU N 31 36.62 -11.76 11.54
N SER N 32 35.64 -12.24 10.77
CA SER N 32 34.41 -12.76 11.36
C SER N 32 34.40 -14.28 11.51
N SER N 33 35.52 -14.95 11.25
CA SER N 33 35.57 -16.40 11.30
C SER N 33 36.03 -16.94 12.64
N GLY N 34 36.77 -16.16 13.41
CA GLY N 34 37.27 -16.61 14.70
C GLY N 34 38.57 -17.39 14.65
N ALA N 35 39.22 -17.47 13.50
CA ALA N 35 40.49 -18.18 13.41
C ALA N 35 41.64 -17.41 14.02
N PHE N 36 41.59 -16.08 13.97
CA PHE N 36 42.64 -15.22 14.48
C PHE N 36 42.17 -14.52 15.75
N ASN N 37 43.12 -14.32 16.68
CA ASN N 37 42.84 -13.68 17.96
C ASN N 37 42.96 -12.18 17.78
N TRP N 38 41.92 -11.57 17.22
CA TRP N 38 41.89 -10.15 16.92
C TRP N 38 40.69 -9.50 17.60
N LEU N 39 40.96 -8.44 18.36
CA LEU N 39 39.93 -7.69 19.09
C LEU N 39 39.01 -8.62 19.90
N ARG N 40 39.62 -9.32 20.84
CA ARG N 40 38.89 -10.19 21.75
C ARG N 40 38.65 -9.47 23.07
N ALA N 41 37.41 -9.52 23.56
CA ALA N 41 37.07 -8.92 24.84
C ALA N 41 37.76 -9.63 25.98
N GLN O 6 50.78 17.51 -26.58
CA GLN O 6 50.26 16.19 -26.29
C GLN O 6 50.97 15.14 -27.12
N ASN O 7 50.94 13.88 -26.65
CA ASN O 7 51.56 12.76 -27.35
C ASN O 7 53.02 13.02 -27.65
N ASP O 8 53.74 13.57 -26.67
CA ASP O 8 55.14 13.92 -26.83
C ASP O 8 56.06 13.14 -25.91
N LEU O 9 55.69 13.01 -24.63
CA LEU O 9 56.47 12.21 -23.69
C LEU O 9 56.16 10.73 -23.78
N VAL O 10 55.09 10.35 -24.48
CA VAL O 10 54.71 8.96 -24.66
C VAL O 10 55.65 8.31 -25.67
N PRO O 11 56.14 7.10 -25.43
CA PRO O 11 56.90 6.39 -26.46
C PRO O 11 56.02 6.10 -27.67
N ASP O 12 56.67 6.04 -28.84
CA ASP O 12 55.93 5.89 -30.10
C ASP O 12 55.10 4.61 -30.13
N GLN O 13 55.45 3.61 -29.33
CA GLN O 13 54.68 2.38 -29.29
C GLN O 13 53.29 2.62 -28.71
N TRP O 14 53.19 3.40 -27.64
CA TRP O 14 51.95 3.60 -26.91
C TRP O 14 51.27 4.93 -27.24
N LYS O 15 51.75 5.65 -28.23
CA LYS O 15 51.08 6.88 -28.65
C LYS O 15 49.62 6.66 -29.06
N PRO O 16 49.24 5.60 -29.78
CA PRO O 16 47.80 5.42 -30.08
C PRO O 16 46.93 5.23 -28.87
N LEU O 17 47.48 4.86 -27.71
CA LEU O 17 46.69 4.57 -26.54
C LEU O 17 46.79 5.60 -25.43
N PHE O 18 47.88 6.37 -25.37
CA PHE O 18 48.14 7.23 -24.22
C PHE O 18 48.31 8.68 -24.65
N ASN O 19 48.62 9.51 -23.66
CA ASN O 19 48.73 10.95 -23.78
C ASN O 19 49.77 11.42 -22.76
N ASN O 20 50.01 12.72 -22.68
CA ASN O 20 50.98 13.22 -21.71
C ASN O 20 50.46 13.09 -20.28
N ALA O 21 49.31 13.71 -20.00
CA ALA O 21 48.74 13.65 -18.66
C ALA O 21 48.43 12.21 -18.25
N GLU O 22 47.89 11.43 -19.18
CA GLU O 22 47.58 10.04 -18.89
C GLU O 22 48.84 9.23 -18.62
N TRP O 23 49.92 9.53 -19.34
CA TRP O 23 51.19 8.85 -19.07
C TRP O 23 51.70 9.15 -17.66
N LEU O 24 51.62 10.42 -17.25
CA LEU O 24 52.08 10.78 -15.91
C LEU O 24 51.24 10.09 -14.83
N VAL O 25 49.91 10.12 -14.98
CA VAL O 25 49.04 9.49 -14.00
C VAL O 25 49.25 7.98 -13.98
N HIS O 26 49.52 7.39 -15.15
CA HIS O 26 49.79 5.96 -15.21
C HIS O 26 51.06 5.60 -14.43
N ASP O 27 52.11 6.42 -14.57
CA ASP O 27 53.32 6.17 -13.79
C ASP O 27 53.03 6.24 -12.29
N ILE O 28 52.24 7.23 -11.87
CA ILE O 28 51.87 7.33 -10.46
C ILE O 28 51.16 6.05 -10.01
N VAL O 29 50.21 5.57 -10.82
CA VAL O 29 49.42 4.40 -10.45
C VAL O 29 50.30 3.17 -10.30
N VAL O 30 51.23 2.96 -11.23
CA VAL O 30 52.04 1.74 -11.17
C VAL O 30 52.99 1.79 -9.97
N LYS O 31 53.52 2.97 -9.63
CA LYS O 31 54.35 3.07 -8.43
C LYS O 31 53.54 2.76 -7.17
N THR O 32 52.32 3.29 -7.10
CA THR O 32 51.46 2.99 -5.96
C THR O 32 51.20 1.49 -5.84
N ILE O 33 50.94 0.83 -6.97
CA ILE O 33 50.67 -0.61 -6.96
C ILE O 33 51.87 -1.38 -6.46
N TYR O 34 53.07 -1.03 -6.92
CA TYR O 34 54.27 -1.73 -6.45
C TYR O 34 54.47 -1.58 -4.95
N GLY O 35 54.31 -0.35 -4.43
CA GLY O 35 54.45 -0.15 -2.99
C GLY O 35 53.43 -0.95 -2.19
N GLY O 36 52.17 -0.94 -2.65
CA GLY O 36 51.15 -1.72 -1.97
C GLY O 36 51.45 -3.22 -1.98
N LEU O 37 51.99 -3.72 -3.09
CA LEU O 37 52.35 -5.14 -3.16
C LEU O 37 53.44 -5.49 -2.15
N ILE O 38 54.46 -4.63 -2.03
CA ILE O 38 55.51 -4.89 -1.05
C ILE O 38 54.94 -4.94 0.36
N ILE O 39 54.09 -3.96 0.70
CA ILE O 39 53.50 -3.94 2.03
C ILE O 39 52.65 -5.19 2.27
N ALA O 40 51.89 -5.62 1.26
CA ALA O 40 51.05 -6.79 1.40
C ALA O 40 51.87 -8.05 1.65
N VAL O 41 53.00 -8.18 0.94
CA VAL O 41 53.86 -9.36 1.15
C VAL O 41 54.37 -9.38 2.58
N ILE O 42 54.83 -8.22 3.08
CA ILE O 42 55.34 -8.18 4.45
C ILE O 42 54.24 -8.53 5.45
N ALA O 43 53.03 -8.00 5.24
CA ALA O 43 51.93 -8.28 6.14
C ALA O 43 51.56 -9.76 6.16
N HIS O 44 51.55 -10.39 4.98
CA HIS O 44 51.24 -11.81 4.92
C HIS O 44 52.30 -12.65 5.64
N VAL O 45 53.57 -12.30 5.47
CA VAL O 45 54.62 -13.03 6.18
C VAL O 45 54.46 -12.90 7.68
N LEU O 46 54.18 -11.68 8.16
CA LEU O 46 54.01 -11.48 9.60
C LEU O 46 52.81 -12.28 10.12
N CYS O 47 51.70 -12.26 9.40
CA CYS O 47 50.52 -12.99 9.87
C CYS O 47 50.74 -14.50 9.87
N TRP O 48 51.46 -15.03 8.88
CA TRP O 48 51.77 -16.45 8.90
C TRP O 48 52.69 -16.81 10.06
N ALA O 49 53.67 -15.94 10.36
CA ALA O 49 54.51 -16.18 11.52
C ALA O 49 53.68 -16.18 12.81
N TRP O 50 52.68 -15.30 12.88
CA TRP O 50 51.78 -15.24 14.03
C TRP O 50 51.00 -16.54 14.21
N THR O 51 50.09 -16.84 13.28
CA THR O 51 49.30 -18.07 13.28
C THR O 51 49.06 -18.55 11.85
N PRO O 52 49.58 -19.69 11.45
CA PRO O 52 49.29 -20.22 10.12
C PRO O 52 47.80 -20.51 9.93
N TRP O 53 47.30 -20.20 8.73
CA TRP O 53 45.90 -20.40 8.40
C TRP O 53 45.63 -21.71 7.66
N ILE O 54 46.67 -22.44 7.29
CA ILE O 54 46.54 -23.71 6.59
C ILE O 54 47.01 -24.79 7.55
N ARG O 55 46.08 -25.64 7.97
CA ARG O 55 46.41 -26.74 8.88
C ARG O 55 45.92 -28.06 8.32
N ARG P 4 41.86 17.27 -20.35
CA ARG P 4 41.77 17.18 -18.90
C ARG P 4 41.09 15.87 -18.51
N PRO P 5 41.86 14.77 -18.49
CA PRO P 5 41.27 13.46 -18.20
C PRO P 5 40.67 13.35 -16.81
N PHE P 6 41.24 14.03 -15.81
CA PHE P 6 40.79 13.92 -14.44
C PHE P 6 40.58 15.30 -13.84
N GLU P 7 39.62 15.40 -12.93
CA GLU P 7 39.24 16.65 -12.30
C GLU P 7 39.70 16.66 -10.86
N PHE P 8 40.17 17.82 -10.39
CA PHE P 8 40.73 17.91 -9.04
C PHE P 8 39.64 17.88 -7.99
N ARG P 9 38.53 18.59 -8.22
CA ARG P 9 37.47 18.64 -7.22
C ARG P 9 36.81 17.28 -7.03
N THR P 10 36.72 16.48 -8.10
CA THR P 10 36.14 15.15 -7.97
C THR P 10 37.00 14.27 -7.08
N SER P 11 38.32 14.29 -7.27
CA SER P 11 39.21 13.51 -6.44
C SER P 11 39.17 13.98 -4.99
N VAL P 12 39.09 15.29 -4.77
CA VAL P 12 38.99 15.80 -3.41
C VAL P 12 37.72 15.29 -2.73
N VAL P 13 36.59 15.37 -3.44
CA VAL P 13 35.32 14.95 -2.86
C VAL P 13 35.35 13.47 -2.52
N VAL P 14 35.84 12.64 -3.45
CA VAL P 14 35.84 11.20 -3.25
C VAL P 14 36.75 10.83 -2.07
N SER P 15 37.96 11.39 -2.02
CA SER P 15 38.88 11.06 -0.95
C SER P 15 38.35 11.50 0.41
N THR P 16 37.79 12.71 0.50
CA THR P 16 37.30 13.21 1.78
C THR P 16 36.13 12.35 2.29
N LEU P 17 35.18 12.03 1.41
CA LEU P 17 34.07 11.19 1.82
C LEU P 17 34.53 9.82 2.28
N LEU P 18 35.45 9.21 1.53
CA LEU P 18 35.95 7.90 1.92
C LEU P 18 36.64 7.94 3.28
N GLY P 19 37.46 8.96 3.51
CA GLY P 19 38.14 9.07 4.79
C GLY P 19 37.20 9.23 5.96
N LEU P 20 36.19 10.09 5.81
CA LEU P 20 35.23 10.29 6.90
C LEU P 20 34.44 9.01 7.18
N VAL P 21 33.98 8.34 6.13
CA VAL P 21 33.20 7.11 6.31
C VAL P 21 34.04 6.03 6.99
N MET P 22 35.29 5.87 6.57
CA MET P 22 36.13 4.86 7.18
C MET P 22 36.42 5.18 8.64
N ALA P 23 36.64 6.46 8.96
CA ALA P 23 36.89 6.83 10.35
C ALA P 23 35.70 6.47 11.24
N LEU P 24 34.49 6.84 10.81
CA LEU P 24 33.31 6.50 11.60
C LEU P 24 33.13 5.00 11.75
N LEU P 25 33.30 4.25 10.66
CA LEU P 25 33.11 2.80 10.71
C LEU P 25 34.08 2.15 11.67
N ILE P 26 35.37 2.51 11.57
CA ILE P 26 36.37 1.91 12.45
C ILE P 26 36.12 2.28 13.90
N HIS P 27 35.75 3.53 14.16
CA HIS P 27 35.49 3.94 15.54
C HIS P 27 34.36 3.14 16.15
N PHE P 28 33.26 2.95 15.40
CA PHE P 28 32.13 2.24 15.99
C PHE P 28 32.42 0.74 16.14
N VAL P 29 33.15 0.15 15.19
CA VAL P 29 33.53 -1.25 15.33
C VAL P 29 34.38 -1.45 16.59
N VAL P 30 35.36 -0.56 16.80
CA VAL P 30 36.23 -0.71 17.96
C VAL P 30 35.47 -0.45 19.26
N LEU P 31 34.55 0.53 19.25
CA LEU P 31 33.76 0.79 20.46
C LEU P 31 32.90 -0.40 20.83
N SER P 32 32.23 -1.01 19.86
CA SER P 32 31.34 -2.12 20.16
C SER P 32 32.06 -3.44 20.37
N SER P 33 33.33 -3.55 19.98
CA SER P 33 34.06 -4.80 20.20
C SER P 33 34.19 -5.12 21.69
N GLY P 34 34.47 -4.10 22.50
CA GLY P 34 34.65 -4.29 23.93
C GLY P 34 36.05 -4.65 24.38
N ALA P 35 37.04 -4.55 23.49
CA ALA P 35 38.40 -4.95 23.86
C ALA P 35 39.06 -3.92 24.77
N PHE P 36 38.89 -2.63 24.47
CA PHE P 36 39.49 -1.56 25.26
C PHE P 36 38.50 -1.08 26.32
N ASN P 37 39.03 -0.51 27.39
CA ASN P 37 38.18 0.05 28.44
C ASN P 37 37.32 1.18 27.88
N TRP P 38 37.95 2.29 27.54
CA TRP P 38 37.29 3.45 26.90
C TRP P 38 36.10 3.86 27.77
N LEU P 39 34.90 4.03 27.23
CA LEU P 39 33.77 4.61 27.97
C LEU P 39 33.03 3.50 28.70
N ARG P 40 33.49 3.18 29.90
CA ARG P 40 32.90 2.14 30.73
C ARG P 40 32.08 2.76 31.85
N ALA P 41 30.92 2.17 32.13
CA ALA P 41 30.02 2.67 33.15
C ALA P 41 30.64 2.61 34.54
N GLN Q 6 47.63 32.23 -15.57
CA GLN Q 6 46.86 30.99 -15.52
C GLN Q 6 47.73 29.83 -15.05
N ASN Q 7 48.67 29.42 -15.89
CA ASN Q 7 49.64 28.38 -15.56
C ASN Q 7 51.03 29.01 -15.53
N ASP Q 8 51.38 29.60 -14.39
CA ASP Q 8 52.71 30.17 -14.21
C ASP Q 8 53.37 29.82 -12.89
N LEU Q 9 52.61 29.45 -11.86
CA LEU Q 9 53.19 28.91 -10.64
C LEU Q 9 53.33 27.39 -10.69
N VAL Q 10 52.62 26.74 -11.60
CA VAL Q 10 52.71 25.28 -11.73
C VAL Q 10 54.05 24.93 -12.37
N PRO Q 11 54.73 23.87 -11.93
CA PRO Q 11 55.93 23.43 -12.63
C PRO Q 11 55.61 22.96 -14.05
N ASP Q 12 56.63 23.01 -14.90
CA ASP Q 12 56.43 22.66 -16.30
C ASP Q 12 55.93 21.23 -16.46
N GLN Q 13 56.30 20.34 -15.55
CA GLN Q 13 55.92 18.94 -15.67
C GLN Q 13 54.43 18.73 -15.47
N TRP Q 14 53.79 19.54 -14.63
CA TRP Q 14 52.40 19.33 -14.25
C TRP Q 14 51.46 20.38 -14.84
N LYS Q 15 51.92 21.18 -15.79
CA LYS Q 15 51.04 22.15 -16.42
C LYS Q 15 49.82 21.54 -17.11
N PRO Q 16 49.90 20.41 -17.81
CA PRO Q 16 48.69 19.85 -18.41
C PRO Q 16 47.62 19.43 -17.42
N LEU Q 17 47.97 19.26 -16.15
CA LEU Q 17 47.05 18.72 -15.16
C LEU Q 17 46.55 19.72 -14.13
N PHE Q 18 47.31 20.77 -13.82
CA PHE Q 18 47.00 21.64 -12.70
C PHE Q 18 46.81 23.09 -13.15
N ASN Q 19 46.70 23.96 -12.16
CA ASN Q 19 46.34 25.36 -12.32
C ASN Q 19 46.84 26.08 -11.06
N ASN Q 20 46.88 27.41 -11.11
CA ASN Q 20 47.38 28.17 -9.97
C ASN Q 20 46.54 27.91 -8.73
N ALA Q 21 45.22 28.10 -8.82
CA ALA Q 21 44.34 27.85 -7.69
C ALA Q 21 44.40 26.39 -7.26
N GLU Q 22 44.38 25.48 -8.23
CA GLU Q 22 44.43 24.06 -7.92
C GLU Q 22 45.77 23.67 -7.33
N TRP Q 23 46.86 24.27 -7.79
CA TRP Q 23 48.17 23.98 -7.22
C TRP Q 23 48.23 24.42 -5.75
N LEU Q 24 47.70 25.61 -5.44
CA LEU Q 24 47.72 26.08 -4.06
C LEU Q 24 46.85 25.20 -3.15
N VAL Q 25 45.64 24.88 -3.60
CA VAL Q 25 44.77 24.03 -2.80
C VAL Q 25 45.38 22.64 -2.63
N HIS Q 26 46.06 22.15 -3.66
CA HIS Q 26 46.71 20.85 -3.58
C HIS Q 26 47.80 20.85 -2.52
N ASP Q 27 48.59 21.91 -2.47
CA ASP Q 27 49.61 22.00 -1.42
C ASP Q 27 48.98 21.98 -0.04
N ILE Q 28 47.88 22.72 0.14
CA ILE Q 28 47.17 22.70 1.42
C ILE Q 28 46.76 21.29 1.78
N VAL Q 29 46.19 20.56 0.81
CA VAL Q 29 45.67 19.22 1.08
C VAL Q 29 46.80 18.27 1.47
N VAL Q 30 47.93 18.33 0.77
CA VAL Q 30 49.01 17.38 1.08
C VAL Q 30 49.60 17.67 2.45
N LYS Q 31 49.71 18.95 2.84
CA LYS Q 31 50.19 19.25 4.17
C LYS Q 31 49.24 18.73 5.25
N THR Q 32 47.93 18.88 5.03
CA THR Q 32 46.96 18.33 5.97
C THR Q 32 47.09 16.81 6.08
N ILE Q 33 47.27 16.13 4.95
CA ILE Q 33 47.39 14.68 4.97
C ILE Q 33 48.62 14.24 5.76
N TYR Q 34 49.76 14.92 5.55
CA TYR Q 34 50.97 14.55 6.29
C TYR Q 34 50.80 14.76 7.79
N GLY Q 35 50.20 15.88 8.19
CA GLY Q 35 49.98 16.10 9.62
C GLY Q 35 49.09 15.04 10.24
N GLY Q 36 47.99 14.71 9.55
CA GLY Q 36 47.11 13.67 10.05
C GLY Q 36 47.79 12.32 10.13
N LEU Q 37 48.65 12.02 9.16
CA LEU Q 37 49.38 10.76 9.17
C LEU Q 37 50.31 10.65 10.38
N ILE Q 38 51.03 11.72 10.69
CA ILE Q 38 51.91 11.70 11.86
C ILE Q 38 51.10 11.51 13.14
N ILE Q 39 49.98 12.23 13.26
CA ILE Q 39 49.14 12.10 14.44
C ILE Q 39 48.62 10.66 14.57
N ALA Q 40 48.21 10.05 13.46
CA ALA Q 40 47.71 8.68 13.48
C ALA Q 40 48.79 7.70 13.93
N VAL Q 41 50.02 7.89 13.46
CA VAL Q 41 51.12 7.01 13.89
C VAL Q 41 51.29 7.08 15.40
N ILE Q 42 51.31 8.31 15.94
CA ILE Q 42 51.51 8.45 17.39
C ILE Q 42 50.36 7.81 18.16
N ALA Q 43 49.13 8.02 17.69
CA ALA Q 43 47.96 7.45 18.37
C ALA Q 43 48.00 5.93 18.38
N HIS Q 44 48.39 5.32 17.25
CA HIS Q 44 48.49 3.86 17.21
C HIS Q 44 49.56 3.33 18.15
N VAL Q 45 50.71 4.00 18.20
CA VAL Q 45 51.76 3.57 19.13
C VAL Q 45 51.27 3.63 20.56
N LEU Q 46 50.59 4.73 20.93
CA LEU Q 46 50.08 4.86 22.29
C LEU Q 46 49.06 3.79 22.63
N CYS Q 47 48.15 3.51 21.70
CA CYS Q 47 47.12 2.51 21.97
C CYS Q 47 47.72 1.11 22.08
N TRP Q 48 48.76 0.80 21.31
CA TRP Q 48 49.41 -0.50 21.48
C TRP Q 48 50.15 -0.56 22.81
N ALA Q 49 50.78 0.53 23.24
CA ALA Q 49 51.42 0.54 24.55
C ALA Q 49 50.40 0.38 25.66
N TRP Q 50 49.15 0.79 25.43
CA TRP Q 50 48.11 0.64 26.43
C TRP Q 50 47.57 -0.79 26.50
N THR Q 51 46.99 -1.27 25.39
CA THR Q 51 46.36 -2.59 25.35
C THR Q 51 46.53 -3.16 23.95
N PRO Q 52 47.48 -4.08 23.75
CA PRO Q 52 47.65 -4.68 22.43
C PRO Q 52 46.41 -5.45 21.99
N TRP Q 53 46.10 -5.35 20.70
CA TRP Q 53 44.89 -5.93 20.13
C TRP Q 53 45.15 -7.24 19.40
N ILE Q 54 46.39 -7.72 19.38
CA ILE Q 54 46.77 -8.95 18.71
C ILE Q 54 47.40 -9.88 19.74
N ARG Q 55 46.80 -11.02 19.97
CA ARG Q 55 47.30 -11.97 20.94
C ARG Q 55 47.48 -13.35 20.33
N ASP R 3 39.31 28.63 -12.87
CA ASP R 3 38.78 29.11 -11.60
C ASP R 3 39.15 28.19 -10.45
N ARG R 4 38.77 28.60 -9.25
CA ARG R 4 39.03 27.79 -8.08
C ARG R 4 38.16 26.54 -8.09
N PRO R 5 38.67 25.42 -7.54
CA PRO R 5 37.86 24.19 -7.53
C PRO R 5 36.56 24.31 -6.76
N PHE R 6 36.56 25.00 -5.62
CA PHE R 6 35.37 25.11 -4.78
C PHE R 6 35.12 26.57 -4.45
N GLU R 7 33.87 26.86 -4.07
CA GLU R 7 33.45 28.18 -3.67
C GLU R 7 33.51 28.31 -2.15
N PHE R 8 33.67 29.55 -1.68
CA PHE R 8 33.79 29.79 -0.24
C PHE R 8 32.51 29.42 0.50
N ARG R 9 31.36 29.72 -0.10
CA ARG R 9 30.08 29.43 0.53
C ARG R 9 29.90 27.93 0.76
N THR R 10 30.28 27.11 -0.23
CA THR R 10 30.15 25.66 -0.08
C THR R 10 31.00 25.14 1.06
N SER R 11 32.23 25.65 1.17
CA SER R 11 33.10 25.25 2.27
C SER R 11 32.49 25.62 3.61
N VAL R 12 31.95 26.83 3.73
CA VAL R 12 31.35 27.26 4.99
C VAL R 12 30.16 26.37 5.35
N VAL R 13 29.30 26.08 4.38
CA VAL R 13 28.11 25.28 4.66
C VAL R 13 28.50 23.88 5.11
N VAL R 14 29.41 23.24 4.38
CA VAL R 14 29.80 21.86 4.70
C VAL R 14 30.46 21.79 6.07
N SER R 15 31.41 22.70 6.33
CA SER R 15 32.10 22.65 7.61
C SER R 15 31.16 22.92 8.78
N THR R 16 30.27 23.90 8.64
CA THR R 16 29.38 24.23 9.75
C THR R 16 28.42 23.09 10.05
N LEU R 17 27.82 22.49 9.01
CA LEU R 17 26.91 21.37 9.25
C LEU R 17 27.64 20.18 9.84
N LEU R 18 28.84 19.86 9.33
CA LEU R 18 29.60 18.74 9.88
C LEU R 18 29.94 18.97 11.35
N GLY R 19 30.35 20.18 11.70
CA GLY R 19 30.67 20.47 13.09
C GLY R 19 29.47 20.34 14.01
N LEU R 20 28.33 20.87 13.60
CA LEU R 20 27.14 20.79 14.44
C LEU R 20 26.70 19.33 14.63
N VAL R 21 26.66 18.56 13.54
CA VAL R 21 26.22 17.17 13.63
C VAL R 21 27.18 16.36 14.49
N MET R 22 28.49 16.58 14.32
CA MET R 22 29.47 15.86 15.12
C MET R 22 29.33 16.20 16.60
N ALA R 23 29.10 17.48 16.91
CA ALA R 23 28.94 17.88 18.31
C ALA R 23 27.74 17.18 18.95
N LEU R 24 26.60 17.19 18.25
CA LEU R 24 25.41 16.53 18.81
C LEU R 24 25.63 15.03 18.97
N LEU R 25 26.25 14.39 17.98
CA LEU R 25 26.47 12.94 18.06
C LEU R 25 27.41 12.59 19.21
N ILE R 26 28.49 13.35 19.39
CA ILE R 26 29.43 13.05 20.46
C ILE R 26 28.79 13.29 21.82
N HIS R 27 27.99 14.35 21.96
CA HIS R 27 27.30 14.56 23.22
C HIS R 27 26.35 13.41 23.53
N PHE R 28 25.61 12.93 22.53
CA PHE R 28 24.70 11.80 22.77
C PHE R 28 25.46 10.54 23.16
N VAL R 29 26.56 10.25 22.47
CA VAL R 29 27.28 9.01 22.75
C VAL R 29 27.94 9.06 24.13
N VAL R 30 28.53 10.21 24.49
CA VAL R 30 29.24 10.29 25.76
C VAL R 30 28.27 10.36 26.94
N LEU R 31 27.21 11.16 26.82
CA LEU R 31 26.34 11.37 27.96
C LEU R 31 25.41 10.19 28.25
N SER R 32 25.18 9.31 27.28
CA SER R 32 24.28 8.19 27.46
C SER R 32 25.00 6.89 27.79
N SER R 33 26.30 6.93 28.06
CA SER R 33 27.10 5.74 28.38
C SER R 33 27.03 5.44 29.87
N GLY R 34 26.78 6.44 30.71
CA GLY R 34 26.74 6.26 32.17
C GLY R 34 28.12 6.22 32.79
N ALA R 35 29.13 6.76 32.10
CA ALA R 35 30.51 6.79 32.60
C ALA R 35 30.76 8.04 33.46
N PHE R 36 29.94 9.08 33.31
CA PHE R 36 30.13 10.36 34.02
C PHE R 36 28.89 10.67 34.87
N ASN R 37 29.08 11.22 36.07
CA ASN R 37 27.95 11.60 36.97
C ASN R 37 27.44 12.99 36.58
N TRP R 38 26.52 13.05 35.63
CA TRP R 38 25.96 14.34 35.15
C TRP R 38 24.44 14.33 35.26
N LEU R 39 23.81 15.43 35.66
CA LEU R 39 22.33 15.61 35.76
C LEU R 39 21.59 14.44 36.46
N ARG R 40 22.20 13.85 37.48
CA ARG R 40 21.57 12.68 38.14
C ARG R 40 20.82 13.10 39.41
N ALA R 41 19.70 12.44 39.69
CA ALA R 41 18.88 12.78 40.88
C ALA R 41 19.64 12.50 42.17
N GLN S 6 36.96 45.69 -5.58
CA GLN S 6 36.84 44.25 -5.74
C GLN S 6 38.22 43.63 -5.94
N ASN S 7 38.59 42.72 -5.03
CA ASN S 7 39.85 41.99 -5.09
C ASN S 7 41.05 42.94 -5.03
N ASP S 8 41.14 43.68 -3.92
CA ASP S 8 42.22 44.64 -3.73
C ASP S 8 42.97 44.41 -2.43
N LEU S 9 42.25 43.94 -1.40
CA LEU S 9 42.85 43.72 -0.09
C LEU S 9 43.44 42.33 0.07
N VAL S 10 43.16 41.41 -0.84
CA VAL S 10 43.71 40.04 -0.77
C VAL S 10 45.22 40.11 -0.99
N PRO S 11 46.02 39.33 -0.27
CA PRO S 11 47.46 39.32 -0.52
C PRO S 11 47.77 38.78 -1.91
N ASP S 12 49.03 38.95 -2.31
CA ASP S 12 49.43 38.58 -3.66
C ASP S 12 49.27 37.09 -3.92
N GLN S 13 49.60 36.26 -2.92
CA GLN S 13 49.59 34.82 -3.12
C GLN S 13 48.18 34.28 -3.36
N TRP S 14 47.20 34.82 -2.64
CA TRP S 14 45.84 34.27 -2.63
C TRP S 14 44.88 35.05 -3.52
N LYS S 15 45.41 35.90 -4.41
CA LYS S 15 44.55 36.65 -5.32
C LYS S 15 43.62 35.76 -6.15
N PRO S 16 44.06 34.64 -6.74
CA PRO S 16 43.16 33.84 -7.58
C PRO S 16 42.11 33.04 -6.82
N LEU S 17 42.05 33.14 -5.50
CA LEU S 17 41.16 32.30 -4.70
C LEU S 17 40.15 33.07 -3.88
N PHE S 18 40.43 34.31 -3.48
CA PHE S 18 39.56 35.05 -2.60
C PHE S 18 39.09 36.34 -3.24
N ASN S 19 37.97 36.85 -2.73
CA ASN S 19 37.38 38.12 -3.12
C ASN S 19 37.73 39.16 -2.07
N ASN S 20 37.15 40.35 -2.19
CA ASN S 20 37.43 41.40 -1.21
C ASN S 20 36.65 41.18 0.08
N ALA S 21 35.43 40.66 -0.03
CA ALA S 21 34.59 40.41 1.15
C ALA S 21 34.81 39.01 1.72
N GLU S 22 35.11 38.04 0.87
CA GLU S 22 35.38 36.69 1.34
C GLU S 22 36.63 36.63 2.21
N TRP S 23 37.61 37.50 1.94
CA TRP S 23 38.80 37.56 2.78
C TRP S 23 38.44 37.99 4.21
N LEU S 24 37.57 38.99 4.35
CA LEU S 24 37.13 39.44 5.67
C LEU S 24 36.33 38.37 6.39
N VAL S 25 35.39 37.74 5.68
CA VAL S 25 34.59 36.69 6.30
C VAL S 25 35.47 35.52 6.70
N HIS S 26 36.47 35.19 5.88
CA HIS S 26 37.40 34.13 6.20
C HIS S 26 38.18 34.44 7.47
N ASP S 27 38.63 35.69 7.63
CA ASP S 27 39.33 36.07 8.85
C ASP S 27 38.44 35.89 10.07
N ILE S 28 37.18 36.30 9.97
CA ILE S 28 36.23 36.10 11.07
C ILE S 28 36.14 34.62 11.44
N VAL S 29 35.96 33.76 10.42
CA VAL S 29 35.80 32.33 10.67
C VAL S 29 37.03 31.74 11.34
N VAL S 30 38.23 32.14 10.87
CA VAL S 30 39.46 31.60 11.42
C VAL S 30 39.60 31.97 12.89
N LYS S 31 39.31 33.23 13.24
CA LYS S 31 39.39 33.63 14.64
C LYS S 31 38.39 32.86 15.51
N THR S 32 37.18 32.66 14.99
CA THR S 32 36.19 31.89 15.74
C THR S 32 36.67 30.46 15.99
N ILE S 33 37.28 29.84 14.97
CA ILE S 33 37.76 28.47 15.13
C ILE S 33 38.89 28.42 16.17
N TYR S 34 39.78 29.42 16.16
CA TYR S 34 40.86 29.43 17.15
C TYR S 34 40.31 29.51 18.57
N GLY S 35 39.36 30.42 18.80
CA GLY S 35 38.76 30.54 20.11
C GLY S 35 38.07 29.26 20.55
N GLY S 36 37.32 28.65 19.64
CA GLY S 36 36.66 27.39 19.95
C GLY S 36 37.63 26.28 20.29
N LEU S 37 38.76 26.23 19.59
CA LEU S 37 39.77 25.22 19.89
C LEU S 37 40.37 25.42 21.27
N ILE S 38 40.64 26.67 21.65
CA ILE S 38 41.17 26.93 23.00
C ILE S 38 40.19 26.48 24.07
N ILE S 39 38.91 26.85 23.89
CA ILE S 39 37.89 26.45 24.87
C ILE S 39 37.77 24.94 24.94
N ALA S 40 37.85 24.25 23.79
CA ALA S 40 37.75 22.80 23.78
C ALA S 40 38.91 22.14 24.52
N VAL S 41 40.13 22.67 24.33
CA VAL S 41 41.27 22.12 25.05
C VAL S 41 41.08 22.26 26.55
N ILE S 42 40.63 23.44 26.99
CA ILE S 42 40.43 23.63 28.43
C ILE S 42 39.35 22.69 28.96
N ALA S 43 38.27 22.52 28.20
CA ALA S 43 37.19 21.63 28.64
C ALA S 43 37.66 20.18 28.76
N HIS S 44 38.48 19.72 27.81
CA HIS S 44 38.99 18.36 27.88
C HIS S 44 39.91 18.17 29.07
N VAL S 45 40.77 19.15 29.35
CA VAL S 45 41.66 19.04 30.51
C VAL S 45 40.84 18.97 31.80
N LEU S 46 39.83 19.82 31.92
CA LEU S 46 38.98 19.80 33.12
C LEU S 46 38.27 18.46 33.27
N CYS S 47 37.69 17.94 32.18
CA CYS S 47 36.97 16.68 32.28
C CYS S 47 37.89 15.51 32.61
N TRP S 48 39.15 15.54 32.14
CA TRP S 48 40.10 14.52 32.56
C TRP S 48 40.43 14.65 34.03
N ALA S 49 40.57 15.88 34.53
CA ALA S 49 40.80 16.06 35.95
C ALA S 49 39.62 15.57 36.79
N TRP S 50 38.41 15.60 36.22
CA TRP S 50 37.22 15.12 36.92
C TRP S 50 37.20 13.60 37.01
N THR S 51 37.09 12.91 35.87
CA THR S 51 37.16 11.46 35.79
C THR S 51 37.85 11.03 34.50
N PRO S 52 39.02 10.43 34.57
CA PRO S 52 39.68 9.92 33.36
C PRO S 52 38.83 8.87 32.66
N TRP S 53 38.75 8.97 31.34
CA TRP S 53 37.93 8.08 30.52
C TRP S 53 38.72 6.94 29.92
N ILE S 54 40.02 6.83 30.22
CA ILE S 54 40.87 5.76 29.72
C ILE S 54 41.47 5.04 30.92
N ARG S 55 41.13 3.77 31.06
CA ARG S 55 41.65 2.96 32.17
C ARG S 55 42.17 1.62 31.68
N ASP T 3 30.84 40.19 -4.67
CA ASP T 3 29.60 40.08 -3.90
C ASP T 3 29.83 39.19 -2.68
N ARG T 4 29.17 39.53 -1.57
CA ARG T 4 29.37 38.81 -0.33
C ARG T 4 28.82 37.39 -0.43
N PRO T 5 29.45 36.42 0.24
CA PRO T 5 28.98 35.03 0.15
C PRO T 5 27.57 34.81 0.65
N PHE T 6 27.16 35.47 1.75
CA PHE T 6 25.88 35.22 2.39
C PHE T 6 25.15 36.52 2.63
N GLU T 7 23.82 36.43 2.65
CA GLU T 7 22.96 37.56 3.00
C GLU T 7 22.87 37.70 4.52
N PHE T 8 22.45 38.90 4.95
CA PHE T 8 22.20 39.13 6.36
C PHE T 8 20.93 38.41 6.81
N ARG T 9 19.92 38.37 5.95
CA ARG T 9 18.65 37.75 6.27
C ARG T 9 18.82 36.26 6.58
N THR T 10 19.62 35.56 5.78
CA THR T 10 19.87 34.15 6.00
C THR T 10 20.54 33.90 7.35
N SER T 11 21.53 34.71 7.69
CA SER T 11 22.23 34.56 8.96
C SER T 11 21.25 34.74 10.12
N VAL T 12 20.40 35.77 10.04
CA VAL T 12 19.45 36.03 11.11
C VAL T 12 18.50 34.85 11.27
N VAL T 13 17.95 34.36 10.15
CA VAL T 13 16.99 33.27 10.21
C VAL T 13 17.62 32.03 10.84
N VAL T 14 18.80 31.64 10.34
CA VAL T 14 19.45 30.42 10.81
C VAL T 14 19.76 30.51 12.29
N SER T 15 20.39 31.62 12.71
CA SER T 15 20.79 31.74 14.11
C SER T 15 19.58 31.75 15.04
N THR T 16 18.53 32.51 14.68
CA THR T 16 17.36 32.58 15.56
C THR T 16 16.68 31.24 15.69
N LEU T 17 16.50 30.53 14.58
CA LEU T 17 15.84 29.23 14.61
C LEU T 17 16.63 28.23 15.45
N LEU T 18 17.95 28.17 15.23
CA LEU T 18 18.78 27.24 15.99
C LEU T 18 18.75 27.55 17.49
N GLY T 19 18.81 28.83 17.84
CA GLY T 19 18.78 29.19 19.25
C GLY T 19 17.49 28.82 19.93
N LEU T 20 16.36 29.08 19.26
CA LEU T 20 15.06 28.74 19.85
C LEU T 20 14.92 27.24 20.04
N VAL T 21 15.29 26.46 19.03
CA VAL T 21 15.18 25.00 19.12
C VAL T 21 16.05 24.48 20.26
N MET T 22 17.30 24.97 20.35
CA MET T 22 18.19 24.49 21.40
C MET T 22 17.68 24.84 22.78
N ALA T 23 17.15 26.06 22.96
CA ALA T 23 16.64 26.47 24.26
C ALA T 23 15.48 25.58 24.71
N LEU T 24 14.53 25.33 23.80
CA LEU T 24 13.42 24.45 24.15
C LEU T 24 13.91 23.06 24.51
N LEU T 25 14.83 22.51 23.71
CA LEU T 25 15.32 21.16 23.97
C LEU T 25 16.02 21.06 25.32
N ILE T 26 16.87 22.03 25.65
CA ILE T 26 17.59 21.98 26.92
C ILE T 26 16.62 22.13 28.09
N HIS T 27 15.67 23.05 28.06
CA HIS T 27 14.66 23.20 29.13
C HIS T 27 13.87 21.91 29.33
N PHE T 28 13.47 21.22 28.25
CA PHE T 28 12.70 20.00 28.44
C PHE T 28 13.56 18.83 28.91
N VAL T 29 14.84 18.80 28.50
CA VAL T 29 15.72 17.74 28.99
C VAL T 29 16.01 17.91 30.47
N VAL T 30 16.23 19.14 30.92
CA VAL T 30 16.51 19.37 32.34
C VAL T 30 15.26 19.16 33.19
N LEU T 31 14.08 19.51 32.67
CA LEU T 31 12.85 19.38 33.47
C LEU T 31 12.56 17.93 33.84
N SER T 32 12.74 17.00 32.91
CA SER T 32 12.31 15.63 33.13
C SER T 32 13.38 14.73 33.73
N SER T 33 14.57 15.26 34.02
CA SER T 33 15.62 14.45 34.59
C SER T 33 15.41 14.17 36.07
N GLY T 34 14.81 15.10 36.80
CA GLY T 34 14.66 14.98 38.23
C GLY T 34 15.84 15.43 39.06
N ALA T 35 16.83 16.07 38.44
CA ALA T 35 18.02 16.51 39.18
C ALA T 35 17.71 17.74 40.04
N PHE T 36 16.80 18.59 39.59
CA PHE T 36 16.49 19.84 40.32
C PHE T 36 15.08 19.79 40.91
N ASN T 37 14.83 20.44 42.04
CA ASN T 37 13.47 20.54 42.63
C ASN T 37 12.73 21.67 41.92
N TRP T 38 12.30 21.46 40.69
CA TRP T 38 11.59 22.50 39.90
C TRP T 38 10.25 21.93 39.43
N LEU T 39 9.15 22.66 39.65
CA LEU T 39 7.79 22.25 39.24
C LEU T 39 7.53 20.82 39.76
N ARG T 40 7.79 20.60 41.04
CA ARG T 40 7.58 19.27 41.66
C ARG T 40 6.37 19.36 42.57
N ALA T 41 5.51 18.37 42.48
CA ALA T 41 4.31 18.33 43.29
C ALA T 41 4.64 18.23 44.77
N GLN U 6 22.71 54.29 0.18
CA GLN U 6 23.28 53.04 0.67
C GLN U 6 24.79 53.15 0.85
N ASN U 7 25.35 52.33 1.75
CA ASN U 7 26.78 52.30 2.04
C ASN U 7 27.29 53.69 2.43
N ASP U 8 26.58 54.32 3.36
CA ASP U 8 26.92 55.68 3.78
C ASP U 8 27.34 55.75 5.24
N LEU U 9 26.55 55.19 6.15
CA LEU U 9 26.87 55.22 7.57
C LEU U 9 27.80 54.09 8.00
N VAL U 10 28.03 53.10 7.15
CA VAL U 10 28.90 51.97 7.47
C VAL U 10 30.35 52.46 7.52
N PRO U 11 31.18 51.88 8.37
CA PRO U 11 32.60 52.25 8.39
C PRO U 11 33.30 51.82 7.11
N ASP U 12 34.48 52.40 6.89
CA ASP U 12 35.22 52.14 5.67
C ASP U 12 35.62 50.67 5.54
N GLN U 13 35.79 49.98 6.67
CA GLN U 13 36.24 48.59 6.62
C GLN U 13 35.13 47.65 6.18
N TRP U 14 33.88 47.93 6.54
CA TRP U 14 32.77 47.02 6.29
C TRP U 14 31.84 47.50 5.19
N LYS U 15 32.33 48.39 4.32
CA LYS U 15 31.53 48.82 3.17
C LYS U 15 31.13 47.68 2.24
N PRO U 16 32.02 46.74 1.85
CA PRO U 16 31.62 45.73 0.86
C PRO U 16 30.70 44.66 1.41
N LEU U 17 30.23 44.80 2.64
CA LEU U 17 29.42 43.77 3.29
C LEU U 17 28.09 44.24 3.85
N PHE U 18 27.92 45.54 4.12
CA PHE U 18 26.73 46.01 4.83
C PHE U 18 26.08 47.17 4.07
N ASN U 19 24.81 47.36 4.38
CA ASN U 19 23.95 48.41 3.86
C ASN U 19 23.74 49.48 4.92
N ASN U 20 22.89 50.45 4.62
CA ASN U 20 22.52 51.44 5.62
C ASN U 20 21.55 50.86 6.64
N ALA U 21 20.59 50.06 6.19
CA ALA U 21 19.60 49.48 7.09
C ALA U 21 20.12 48.22 7.78
N GLU U 22 20.90 47.42 7.07
CA GLU U 22 21.48 46.22 7.66
C GLU U 22 22.43 46.55 8.79
N TRP U 23 23.14 47.69 8.69
CA TRP U 23 24.02 48.10 9.77
C TRP U 23 23.25 48.39 11.06
N LEU U 24 22.13 49.11 10.96
CA LEU U 24 21.31 49.40 12.12
C LEU U 24 20.71 48.13 12.73
N VAL U 25 20.18 47.25 11.88
CA VAL U 25 19.63 46.00 12.39
C VAL U 25 20.71 45.16 13.06
N HIS U 26 21.91 45.15 12.49
CA HIS U 26 23.03 44.42 13.08
C HIS U 26 23.37 44.96 14.45
N ASP U 27 23.37 46.28 14.62
CA ASP U 27 23.64 46.86 15.93
C ASP U 27 22.60 46.41 16.95
N ILE U 28 21.32 46.42 16.56
CA ILE U 28 20.27 45.94 17.46
C ILE U 28 20.53 44.49 17.86
N VAL U 29 20.88 43.65 16.89
CA VAL U 29 21.06 42.22 17.16
C VAL U 29 22.23 41.99 18.11
N VAL U 30 23.35 42.68 17.89
CA VAL U 30 24.50 42.44 18.75
C VAL U 30 24.22 42.91 20.18
N LYS U 31 23.48 44.01 20.33
CA LYS U 31 23.11 44.43 21.68
C LYS U 31 22.23 43.40 22.37
N THR U 32 21.26 42.84 21.63
CA THR U 32 20.43 41.77 22.19
C THR U 32 21.28 40.59 22.65
N ILE U 33 22.24 40.19 21.82
CA ILE U 33 23.07 39.03 22.16
C ILE U 33 23.90 39.30 23.40
N TYR U 34 24.47 40.50 23.51
CA TYR U 34 25.26 40.83 24.70
C TYR U 34 24.42 40.77 25.97
N GLY U 35 23.23 41.38 25.94
CA GLY U 35 22.37 41.33 27.11
C GLY U 35 21.97 39.92 27.50
N GLY U 36 21.60 39.12 26.50
CA GLY U 36 21.24 37.73 26.78
C GLY U 36 22.39 36.93 27.35
N LEU U 37 23.60 37.18 26.86
CA LEU U 37 24.77 36.47 27.38
C LEU U 37 25.01 36.80 28.85
N ILE U 38 24.89 38.08 29.21
CA ILE U 38 25.07 38.46 30.62
C ILE U 38 24.03 37.77 31.49
N ILE U 39 22.77 37.80 31.06
CA ILE U 39 21.72 37.17 31.86
C ILE U 39 21.96 35.66 32.00
N ALA U 40 22.41 35.02 30.91
CA ALA U 40 22.65 33.58 30.94
C ALA U 40 23.78 33.22 31.91
N VAL U 41 24.85 34.02 31.93
CA VAL U 41 25.93 33.78 32.88
C VAL U 41 25.41 33.87 34.31
N ILE U 42 24.62 34.91 34.59
CA ILE U 42 24.08 35.07 35.94
C ILE U 42 23.20 33.89 36.33
N ALA U 43 22.33 33.45 35.40
CA ALA U 43 21.44 32.34 35.69
C ALA U 43 22.21 31.05 35.97
N HIS U 44 23.26 30.79 35.20
CA HIS U 44 24.06 29.59 35.43
C HIS U 44 24.75 29.63 36.78
N VAL U 45 25.30 30.79 37.16
CA VAL U 45 25.95 30.89 38.47
C VAL U 45 24.95 30.64 39.59
N LEU U 46 23.76 31.24 39.48
CA LEU U 46 22.74 31.05 40.51
C LEU U 46 22.33 29.58 40.62
N CYS U 47 22.11 28.92 39.48
CA CYS U 47 21.68 27.53 39.53
C CYS U 47 22.77 26.61 40.05
N TRP U 48 24.05 26.93 39.79
CA TRP U 48 25.12 26.14 40.40
C TRP U 48 25.16 26.33 41.90
N ALA U 49 24.95 27.57 42.36
CA ALA U 49 24.88 27.79 43.80
C ALA U 49 23.74 26.99 44.43
N TRP U 50 22.60 26.93 43.75
CA TRP U 50 21.48 26.12 44.23
C TRP U 50 21.83 24.63 44.27
N THR U 51 22.08 24.04 43.11
CA THR U 51 22.35 22.60 42.99
C THR U 51 23.42 22.32 41.94
N PRO U 52 24.64 22.01 42.35
CA PRO U 52 25.67 21.65 41.36
C PRO U 52 25.33 20.35 40.64
N TRP U 53 25.41 20.37 39.31
CA TRP U 53 25.02 19.25 38.48
C TRP U 53 26.17 18.33 38.11
N ILE U 54 27.39 18.64 38.53
CA ILE U 54 28.56 17.80 38.30
C ILE U 54 29.05 17.31 39.65
N ARG U 55 29.07 16.01 39.85
CA ARG U 55 29.47 15.43 41.13
C ARG U 55 30.38 14.23 40.96
N SER V 30 2.92 36.56 -29.05
CA SER V 30 2.84 35.20 -28.55
C SER V 30 2.62 35.18 -27.03
N ALA V 31 3.70 35.39 -26.28
CA ALA V 31 3.65 35.37 -24.83
C ALA V 31 4.18 36.70 -24.29
N GLU V 32 3.57 37.16 -23.20
CA GLU V 32 4.03 38.36 -22.49
C GLU V 32 3.76 38.18 -21.02
N VAL V 33 4.23 39.14 -20.22
CA VAL V 33 4.11 39.06 -18.77
C VAL V 33 2.70 39.46 -18.36
N ILE V 34 1.98 38.54 -17.71
CA ILE V 34 0.64 38.77 -17.22
C ILE V 34 0.67 38.63 -15.70
N PRO V 35 0.09 39.55 -14.94
CA PRO V 35 0.28 39.56 -13.48
C PRO V 35 -0.61 38.60 -12.69
N PHE V 36 -1.35 37.70 -13.34
CA PHE V 36 -2.19 36.68 -12.70
C PHE V 36 -3.48 37.25 -12.12
N SER V 37 -3.61 38.57 -12.05
CA SER V 37 -4.91 39.15 -11.72
C SER V 37 -5.86 39.05 -12.90
N ILE V 38 -5.33 39.29 -14.10
CA ILE V 38 -6.12 39.16 -15.31
C ILE V 38 -6.51 37.71 -15.56
N ILE V 39 -5.62 36.77 -15.23
CA ILE V 39 -5.99 35.36 -15.54
C ILE V 39 -7.09 34.93 -14.55
N GLU V 40 -7.07 35.39 -13.30
CA GLU V 40 -8.16 35.01 -12.41
C GLU V 40 -9.46 35.71 -12.78
N GLU V 41 -9.41 36.99 -13.14
CA GLU V 41 -10.64 37.70 -13.45
C GLU V 41 -11.22 37.32 -14.80
N PHE V 42 -10.44 36.70 -15.69
CA PHE V 42 -10.98 36.30 -16.99
C PHE V 42 -11.92 35.10 -16.84
N TYR V 43 -11.60 34.16 -15.97
CA TYR V 43 -12.27 32.87 -15.93
C TYR V 43 -13.42 32.79 -14.94
N LYS V 44 -13.74 33.88 -14.22
CA LYS V 44 -14.84 33.85 -13.28
C LYS V 44 -16.16 34.03 -14.00
N ARG V 45 -17.03 33.03 -13.95
CA ARG V 45 -18.33 33.05 -14.57
C ARG V 45 -19.40 32.67 -13.55
N PRO V 46 -20.62 33.17 -13.71
CA PRO V 46 -21.71 32.77 -12.79
C PRO V 46 -22.54 31.61 -13.30
N GLY V 47 -22.89 30.73 -12.38
CA GLY V 47 -23.95 29.75 -12.60
C GLY V 47 -23.72 28.66 -13.62
N LYS V 48 -22.81 27.73 -13.34
CA LYS V 48 -22.66 26.54 -14.17
C LYS V 48 -22.50 25.29 -13.32
N THR V 49 -23.10 25.27 -12.13
CA THR V 49 -22.88 24.23 -11.15
C THR V 49 -24.02 23.22 -11.15
N LEU V 50 -23.98 22.26 -10.22
CA LEU V 50 -25.01 21.24 -10.14
C LEU V 50 -26.33 21.81 -9.62
N ALA V 51 -26.25 22.58 -8.54
CA ALA V 51 -27.45 23.20 -7.98
C ALA V 51 -28.04 24.22 -8.95
N ALA V 52 -27.21 24.87 -9.74
CA ALA V 52 -27.70 25.79 -10.77
C ALA V 52 -28.46 25.06 -11.87
N ARG V 53 -28.17 23.78 -12.09
CA ARG V 53 -28.89 22.99 -13.08
C ARG V 53 -30.11 22.29 -12.50
N PHE V 54 -30.12 22.03 -11.20
CA PHE V 54 -31.26 21.36 -10.58
C PHE V 54 -32.35 22.35 -10.16
N PHE V 55 -31.99 23.41 -9.45
CA PHE V 55 -32.96 24.40 -8.99
C PHE V 55 -33.10 25.59 -9.92
N GLY V 56 -32.24 25.72 -10.92
CA GLY V 56 -32.22 26.90 -11.77
C GLY V 56 -31.37 28.04 -11.24
N VAL V 57 -30.85 27.92 -10.03
CA VAL V 57 -30.00 28.96 -9.44
C VAL V 57 -29.25 28.32 -8.29
N ASP V 58 -28.05 28.86 -8.00
CA ASP V 58 -27.27 28.42 -6.87
C ASP V 58 -27.40 29.44 -5.75
N PRO V 59 -27.96 29.07 -4.60
CA PRO V 59 -28.20 30.07 -3.55
C PRO V 59 -26.94 30.78 -3.06
N PHE V 60 -25.83 30.06 -2.94
CA PHE V 60 -24.61 30.61 -2.37
C PHE V 60 -23.51 30.77 -3.42
N ASP V 61 -23.87 31.09 -4.65
CA ASP V 61 -22.90 31.16 -5.74
C ASP V 61 -22.01 32.39 -5.63
N PHE V 62 -20.93 32.32 -4.85
CA PHE V 62 -20.01 33.46 -4.80
C PHE V 62 -18.66 33.00 -4.27
N TRP V 63 -17.78 33.96 -4.02
CA TRP V 63 -16.42 33.70 -3.56
C TRP V 63 -16.19 34.43 -2.24
N ILE V 64 -15.60 33.74 -1.28
CA ILE V 64 -15.16 34.34 -0.03
C ILE V 64 -13.64 34.24 0.01
N GLY V 65 -12.98 35.38 -0.01
CA GLY V 65 -11.52 35.38 -0.12
C GLY V 65 -11.11 34.70 -1.41
N ARG V 66 -10.29 33.67 -1.30
CA ARG V 66 -9.89 32.87 -2.44
C ARG V 66 -10.80 31.69 -2.70
N PHE V 67 -11.64 31.31 -1.74
CA PHE V 67 -12.43 30.09 -1.84
C PHE V 67 -13.74 30.36 -2.57
N TYR V 68 -14.21 29.36 -3.30
CA TYR V 68 -15.53 29.42 -3.92
C TYR V 68 -16.54 28.80 -2.98
N VAL V 69 -17.49 29.59 -2.51
CA VAL V 69 -18.62 29.10 -1.72
C VAL V 69 -19.77 28.88 -2.68
N GLY V 70 -20.36 27.70 -2.61
CA GLY V 70 -21.60 27.41 -3.30
C GLY V 70 -22.44 26.53 -2.40
N LEU V 71 -23.48 25.89 -2.94
CA LEU V 71 -24.07 24.78 -2.22
C LEU V 71 -23.09 23.62 -2.22
N PHE V 72 -23.15 22.82 -1.16
CA PHE V 72 -22.18 21.77 -0.85
C PHE V 72 -20.88 22.38 -0.33
N GLY V 73 -20.78 23.70 -0.37
CA GLY V 73 -19.67 24.40 0.26
C GLY V 73 -20.08 24.90 1.62
N ALA V 74 -21.40 24.95 1.85
CA ALA V 74 -21.97 25.27 3.15
C ALA V 74 -22.23 24.02 3.99
N ILE V 75 -22.76 22.97 3.35
CA ILE V 75 -22.96 21.70 4.01
C ILE V 75 -21.64 21.15 4.54
N SER V 76 -20.59 21.24 3.72
CA SER V 76 -19.29 20.76 4.12
C SER V 76 -18.76 21.51 5.33
N ILE V 77 -18.91 22.84 5.35
CA ILE V 77 -18.35 23.63 6.45
C ILE V 77 -19.14 23.38 7.74
N ILE V 78 -20.47 23.22 7.62
CA ILE V 78 -21.27 22.85 8.79
C ILE V 78 -20.78 21.53 9.38
N GLY V 79 -20.60 20.53 8.51
CA GLY V 79 -20.12 19.24 8.97
C GLY V 79 -18.74 19.32 9.59
N ILE V 80 -17.84 20.11 9.01
CA ILE V 80 -16.49 20.23 9.54
C ILE V 80 -16.51 20.82 10.94
N ILE V 81 -17.24 21.93 11.13
CA ILE V 81 -17.27 22.57 12.44
C ILE V 81 -17.88 21.64 13.48
N LEU V 82 -19.02 21.02 13.15
CA LEU V 82 -19.67 20.17 14.12
C LEU V 82 -18.85 18.93 14.43
N GLY V 83 -18.17 18.36 13.44
CA GLY V 83 -17.33 17.20 13.69
C GLY V 83 -16.16 17.52 14.59
N VAL V 84 -15.49 18.65 14.37
CA VAL V 84 -14.38 19.04 15.23
C VAL V 84 -14.87 19.28 16.66
N ALA V 85 -16.01 19.97 16.80
CA ALA V 85 -16.54 20.24 18.13
C ALA V 85 -16.90 18.95 18.87
N PHE V 86 -17.59 18.02 18.18
CA PHE V 86 -17.98 16.77 18.82
C PHE V 86 -16.76 15.92 19.19
N TYR V 87 -15.76 15.88 18.31
CA TYR V 87 -14.54 15.13 18.60
C TYR V 87 -13.85 15.68 19.84
N LEU V 88 -13.69 17.00 19.90
CA LEU V 88 -12.98 17.58 21.04
C LEU V 88 -13.79 17.47 22.33
N TYR V 89 -15.12 17.53 22.26
CA TYR V 89 -15.91 17.34 23.46
C TYR V 89 -15.82 15.91 23.96
N GLU V 90 -15.85 14.94 23.06
CA GLU V 90 -15.71 13.54 23.48
C GLU V 90 -14.32 13.24 24.02
N GLY V 91 -13.30 13.93 23.51
CA GLY V 91 -11.96 13.73 24.03
C GLY V 91 -11.66 14.43 25.34
N VAL V 92 -11.78 15.75 25.37
CA VAL V 92 -11.42 16.52 26.57
C VAL V 92 -12.39 16.20 27.70
N VAL V 93 -13.69 16.27 27.43
CA VAL V 93 -14.71 15.91 28.40
C VAL V 93 -15.11 14.47 28.11
N ASN V 94 -15.70 13.82 29.12
CA ASN V 94 -16.12 12.41 29.07
C ASN V 94 -14.91 11.48 29.12
N GLU V 95 -13.71 12.04 29.05
CA GLU V 95 -12.49 11.29 29.31
C GLU V 95 -11.51 12.03 30.20
N GLY V 96 -11.61 13.35 30.32
CA GLY V 96 -10.85 14.08 31.31
C GLY V 96 -9.37 14.23 31.03
N THR V 97 -8.95 14.12 29.77
CA THR V 97 -7.55 14.17 29.42
C THR V 97 -7.29 15.36 28.49
N LEU V 98 -6.23 16.11 28.77
CA LEU V 98 -5.77 17.16 27.87
C LEU V 98 -4.66 16.68 26.94
N ASN V 99 -4.22 15.44 27.10
CA ASN V 99 -3.23 14.85 26.21
C ASN V 99 -3.93 14.38 24.94
N ILE V 100 -3.57 14.99 23.81
CA ILE V 100 -4.25 14.68 22.55
C ILE V 100 -3.90 13.29 22.04
N LEU V 101 -2.76 12.73 22.45
CA LEU V 101 -2.30 11.43 22.01
C LEU V 101 -2.66 10.32 22.99
N ALA V 102 -3.66 10.54 23.84
CA ALA V 102 -4.09 9.52 24.79
C ALA V 102 -5.61 9.47 24.90
N MET V 103 -6.31 9.84 23.84
CA MET V 103 -7.77 9.80 23.78
C MET V 103 -8.23 8.54 23.07
N ARG V 104 -9.41 8.03 23.47
CA ARG V 104 -10.03 6.85 22.89
C ARG V 104 -11.48 7.20 22.52
N ILE V 105 -11.67 7.77 21.35
CA ILE V 105 -13.02 8.14 20.91
C ILE V 105 -13.64 6.90 20.29
N GLU V 106 -14.38 6.12 21.10
CA GLU V 106 -14.74 4.76 20.73
C GLU V 106 -16.23 4.58 20.48
N PRO V 107 -16.59 3.64 19.63
CA PRO V 107 -18.01 3.40 19.31
C PRO V 107 -18.74 2.71 20.45
N PRO V 108 -20.04 2.44 20.29
CA PRO V 108 -20.74 1.62 21.29
C PRO V 108 -20.24 0.19 21.27
N PRO V 109 -20.50 -0.58 22.32
CA PRO V 109 -20.16 -2.01 22.29
C PRO V 109 -21.03 -2.77 21.30
N VAL V 110 -20.57 -3.96 20.92
CA VAL V 110 -21.28 -4.76 19.94
C VAL V 110 -22.56 -5.37 20.48
N SER V 111 -22.80 -5.28 21.79
CA SER V 111 -24.04 -5.77 22.37
C SER V 111 -25.20 -4.83 22.16
N GLN V 112 -24.95 -3.59 21.75
CA GLN V 112 -26.00 -2.62 21.48
C GLN V 112 -26.60 -2.78 20.08
N GLY V 113 -25.96 -3.55 19.21
CA GLY V 113 -26.45 -3.71 17.85
C GLY V 113 -26.32 -2.44 17.05
N LEU V 114 -27.27 -2.23 16.14
CA LEU V 114 -27.33 -1.03 15.31
C LEU V 114 -28.23 0.04 15.90
N ASN V 115 -28.32 0.11 17.22
CA ASN V 115 -29.13 1.10 17.92
C ASN V 115 -28.26 2.26 18.39
N VAL V 116 -28.86 3.45 18.38
CA VAL V 116 -28.22 4.66 18.88
C VAL V 116 -29.04 5.18 20.05
N ASP V 117 -28.38 5.48 21.16
CA ASP V 117 -29.06 5.95 22.37
C ASP V 117 -28.31 7.17 22.90
N PRO V 118 -28.99 8.30 23.08
CA PRO V 118 -28.30 9.49 23.60
C PRO V 118 -27.75 9.32 25.01
N ALA V 119 -28.23 8.34 25.77
CA ALA V 119 -27.86 8.16 27.16
C ALA V 119 -26.82 7.06 27.36
N GLN V 120 -26.07 6.72 26.33
CA GLN V 120 -25.15 5.59 26.48
C GLN V 120 -23.82 5.96 25.84
N PRO V 121 -22.68 5.38 26.27
CA PRO V 121 -21.40 5.63 25.62
C PRO V 121 -21.35 5.30 24.11
N GLY V 122 -20.63 6.10 23.32
CA GLY V 122 -20.53 5.92 21.87
C GLY V 122 -21.43 6.84 21.09
N PHE V 123 -22.11 7.77 21.76
CA PHE V 123 -23.06 8.70 21.11
C PHE V 123 -22.30 9.83 20.42
N PHE V 124 -21.23 10.32 21.03
CA PHE V 124 -20.44 11.42 20.43
C PHE V 124 -19.54 10.83 19.34
N TRP V 125 -19.23 9.54 19.35
CA TRP V 125 -18.57 8.89 18.21
C TRP V 125 -19.50 8.84 17.01
N PHE V 126 -20.76 8.49 17.24
CA PHE V 126 -21.73 8.44 16.14
C PHE V 126 -21.98 9.83 15.55
N LEU V 127 -22.12 10.84 16.41
CA LEU V 127 -22.32 12.20 15.91
C LEU V 127 -21.13 12.66 15.08
N THR V 128 -19.92 12.42 15.57
CA THR V 128 -18.72 12.80 14.84
C THR V 128 -18.61 12.06 13.52
N MET V 129 -18.94 10.77 13.50
CA MET V 129 -18.86 9.99 12.28
C MET V 129 -19.83 10.50 11.22
N VAL V 130 -21.07 10.83 11.63
CA VAL V 130 -22.05 11.34 10.67
C VAL V 130 -21.63 12.71 10.14
N ALA V 131 -21.13 13.58 11.03
CA ALA V 131 -20.68 14.90 10.58
C ALA V 131 -19.51 14.78 9.60
N ALA V 132 -18.56 13.89 9.88
CA ALA V 132 -17.43 13.70 8.97
C ALA V 132 -17.87 13.16 7.62
N THR V 133 -18.84 12.24 7.62
CA THR V 133 -19.38 11.76 6.35
C THR V 133 -19.97 12.91 5.53
N ILE V 134 -20.76 13.76 6.19
CA ILE V 134 -21.37 14.88 5.50
C ILE V 134 -20.30 15.81 4.93
N ALA V 135 -19.24 16.07 5.71
CA ALA V 135 -18.16 16.93 5.25
C ALA V 135 -17.46 16.35 4.02
N PHE V 136 -17.17 15.05 4.04
CA PHE V 136 -16.43 14.46 2.92
C PHE V 136 -17.27 14.44 1.65
N VAL V 137 -18.56 14.10 1.76
CA VAL V 137 -19.40 14.08 0.56
C VAL V 137 -19.61 15.49 0.03
N GLY V 138 -19.74 16.48 0.92
CA GLY V 138 -19.83 17.86 0.47
C GLY V 138 -18.58 18.32 -0.26
N TRP V 139 -17.40 17.91 0.24
CA TRP V 139 -16.16 18.26 -0.44
C TRP V 139 -16.13 17.66 -1.85
N LEU V 140 -16.55 16.41 -2.00
CA LEU V 140 -16.59 15.78 -3.32
C LEU V 140 -17.51 16.53 -4.27
N LEU V 141 -18.72 16.84 -3.82
CA LEU V 141 -19.67 17.52 -4.69
C LEU V 141 -19.22 18.93 -5.05
N ARG V 142 -18.55 19.62 -4.12
CA ARG V 142 -17.99 20.94 -4.41
C ARG V 142 -16.88 20.85 -5.45
N GLN V 143 -16.07 19.78 -5.40
CA GLN V 143 -15.09 19.56 -6.45
C GLN V 143 -15.74 19.38 -7.81
N ILE V 144 -16.85 18.64 -7.85
CA ILE V 144 -17.59 18.49 -9.11
C ILE V 144 -18.07 19.85 -9.61
N ASP V 145 -18.60 20.68 -8.71
CA ASP V 145 -19.04 22.03 -9.09
C ASP V 145 -17.90 22.84 -9.71
N ILE V 146 -16.76 22.89 -9.04
CA ILE V 146 -15.65 23.71 -9.52
C ILE V 146 -15.08 23.16 -10.82
N SER V 147 -15.13 21.83 -11.02
CA SER V 147 -14.78 21.28 -12.32
C SER V 147 -15.73 21.75 -13.40
N LEU V 148 -17.03 21.81 -13.08
CA LEU V 148 -18.01 22.26 -14.07
C LEU V 148 -17.83 23.73 -14.43
N LYS V 149 -17.42 24.57 -13.48
CA LYS V 149 -17.25 25.99 -13.78
C LYS V 149 -16.11 26.24 -14.77
N LEU V 150 -15.03 25.46 -14.68
CA LEU V 150 -13.83 25.69 -15.50
C LEU V 150 -13.78 24.84 -16.76
N ASP V 151 -14.85 24.12 -17.08
CA ASP V 151 -14.94 23.30 -18.30
C ASP V 151 -13.86 22.22 -18.35
N MET V 152 -13.65 21.53 -17.24
CA MET V 152 -12.66 20.48 -17.15
C MET V 152 -13.34 19.11 -17.20
N GLY V 153 -12.52 18.07 -17.19
CA GLY V 153 -13.00 16.72 -17.00
C GLY V 153 -13.22 16.40 -15.54
N MET V 154 -13.74 15.20 -15.30
CA MET V 154 -14.14 14.78 -13.96
C MET V 154 -13.17 13.80 -13.32
N GLU V 155 -11.86 13.99 -13.57
CA GLU V 155 -10.88 13.04 -13.04
C GLU V 155 -10.65 13.24 -11.54
N VAL V 156 -10.54 14.48 -11.09
CA VAL V 156 -10.30 14.74 -9.66
C VAL V 156 -11.43 14.25 -8.78
N PRO V 157 -12.72 14.49 -9.11
CA PRO V 157 -13.79 13.86 -8.33
C PRO V 157 -13.74 12.34 -8.31
N ILE V 158 -13.35 11.70 -9.41
CA ILE V 158 -13.24 10.24 -9.42
C ILE V 158 -12.15 9.78 -8.44
N ALA V 159 -10.98 10.41 -8.53
CA ALA V 159 -9.85 10.01 -7.69
C ALA V 159 -10.15 10.24 -6.21
N PHE V 160 -10.84 11.33 -5.89
CA PHE V 160 -11.21 11.56 -4.49
C PHE V 160 -12.36 10.67 -4.04
N GLY V 161 -13.29 10.33 -4.94
CA GLY V 161 -14.37 9.45 -4.57
C GLY V 161 -13.92 8.05 -4.27
N ALA V 162 -12.79 7.62 -4.85
CA ALA V 162 -12.23 6.33 -4.47
C ALA V 162 -11.94 6.25 -2.97
N VAL V 163 -11.26 7.25 -2.43
CA VAL V 163 -10.90 7.20 -1.00
C VAL V 163 -12.11 7.55 -0.13
N VAL V 164 -13.05 8.34 -0.64
CA VAL V 164 -14.30 8.56 0.10
C VAL V 164 -15.06 7.23 0.25
N SER V 165 -15.11 6.43 -0.81
CA SER V 165 -15.74 5.12 -0.71
C SER V 165 -14.97 4.20 0.22
N SER V 166 -13.65 4.35 0.30
CA SER V 166 -12.88 3.60 1.28
C SER V 166 -13.33 3.91 2.70
N TRP V 167 -13.50 5.20 3.02
CA TRP V 167 -14.03 5.58 4.33
C TRP V 167 -15.43 5.00 4.55
N ILE V 168 -16.28 5.07 3.53
CA ILE V 168 -17.67 4.60 3.65
C ILE V 168 -17.71 3.10 3.93
N THR V 169 -16.89 2.31 3.24
CA THR V 169 -16.89 0.88 3.51
C THR V 169 -16.29 0.56 4.86
N LEU V 170 -15.32 1.36 5.33
CA LEU V 170 -14.74 1.08 6.64
C LEU V 170 -15.71 1.40 7.77
N GLN V 171 -16.52 2.46 7.63
CA GLN V 171 -17.36 2.92 8.74
C GLN V 171 -18.85 2.66 8.58
N TRP V 172 -19.33 2.39 7.37
CA TRP V 172 -20.76 2.15 7.16
C TRP V 172 -21.07 0.74 6.71
N LEU V 173 -20.49 0.28 5.61
CA LEU V 173 -20.92 -0.97 5.00
C LEU V 173 -20.53 -2.18 5.85
N ARG V 174 -19.27 -2.24 6.26
CA ARG V 174 -18.82 -3.39 7.06
C ARG V 174 -19.51 -3.45 8.42
N PRO V 175 -19.63 -2.37 9.19
CA PRO V 175 -20.41 -2.46 10.43
C PRO V 175 -21.86 -2.89 10.23
N ILE V 176 -22.52 -2.44 9.17
CA ILE V 176 -23.90 -2.84 8.95
C ILE V 176 -23.99 -4.32 8.59
N ALA V 177 -23.10 -4.79 7.71
CA ALA V 177 -23.12 -6.20 7.32
C ALA V 177 -22.78 -7.11 8.49
N MET V 178 -21.77 -6.73 9.31
CA MET V 178 -21.41 -7.52 10.48
C MET V 178 -22.53 -7.51 11.52
N GLY V 179 -23.16 -6.36 11.73
CA GLY V 179 -24.37 -6.31 12.53
C GLY V 179 -24.38 -5.36 13.71
N ALA V 180 -23.36 -4.51 13.84
CA ALA V 180 -23.28 -3.60 14.97
C ALA V 180 -22.43 -2.39 14.59
N TRP V 181 -22.74 -1.26 15.21
CA TRP V 181 -21.92 -0.05 15.09
C TRP V 181 -20.59 -0.19 15.81
N GLY V 182 -20.45 -1.16 16.71
CA GLY V 182 -19.23 -1.41 17.41
C GLY V 182 -18.16 -2.14 16.62
N HIS V 183 -18.38 -2.31 15.32
CA HIS V 183 -17.39 -2.89 14.42
C HIS V 183 -16.63 -1.83 13.62
N GLY V 184 -16.80 -0.54 13.97
CA GLY V 184 -16.06 0.51 13.32
C GLY V 184 -14.82 0.91 14.10
N PHE V 185 -13.93 1.68 13.44
CA PHE V 185 -12.74 1.89 14.23
C PHE V 185 -12.83 3.14 15.10
N PRO V 186 -12.12 3.17 16.22
CA PRO V 186 -12.15 4.35 17.09
C PRO V 186 -11.34 5.49 16.50
N LEU V 187 -11.74 6.73 16.73
CA LEU V 187 -11.08 7.90 16.07
C LEU V 187 -9.93 8.53 16.86
N GLY V 188 -9.30 7.82 17.80
CA GLY V 188 -8.11 8.32 18.51
C GLY V 188 -6.87 8.35 17.63
N ILE V 189 -5.91 9.24 17.90
CA ILE V 189 -4.73 9.44 17.01
C ILE V 189 -3.77 8.24 17.02
N THR V 190 -3.33 7.78 18.18
CA THR V 190 -2.46 6.56 18.25
C THR V 190 -3.32 5.32 18.52
N HIS V 191 -4.60 5.45 18.89
CA HIS V 191 -5.48 4.33 19.30
C HIS V 191 -6.24 3.71 18.14
N HIS V 192 -6.37 4.39 17.02
CA HIS V 192 -6.99 3.75 15.84
C HIS V 192 -6.01 2.72 15.28
N LEU V 193 -4.74 2.76 15.68
CA LEU V 193 -3.67 1.84 15.24
C LEU V 193 -3.76 0.56 16.06
N ASP V 194 -4.39 0.62 17.24
CA ASP V 194 -4.70 -0.57 18.03
C ASP V 194 -5.83 -1.38 17.39
N TRP V 195 -6.85 -0.71 16.87
CA TRP V 195 -7.89 -1.40 16.13
C TRP V 195 -7.31 -2.09 14.91
N VAL V 196 -6.42 -1.40 14.18
CA VAL V 196 -5.80 -2.00 13.00
C VAL V 196 -5.03 -3.26 13.39
N SER V 197 -4.26 -3.18 14.48
CA SER V 197 -3.45 -4.32 14.91
C SER V 197 -4.30 -5.51 15.33
N ASN V 198 -5.33 -5.26 16.15
CA ASN V 198 -6.16 -6.35 16.63
C ASN V 198 -6.99 -6.98 15.52
N ILE V 199 -7.48 -6.16 14.59
CA ILE V 199 -8.24 -6.71 13.46
C ILE V 199 -7.33 -7.51 12.54
N GLY V 200 -6.09 -7.04 12.35
CA GLY V 200 -5.17 -7.77 11.49
C GLY V 200 -4.68 -9.07 12.10
N TYR V 201 -4.63 -9.15 13.43
CA TYR V 201 -4.24 -10.40 14.05
C TYR V 201 -5.41 -11.31 14.40
N GLN V 202 -6.65 -10.82 14.32
CA GLN V 202 -7.81 -11.71 14.47
C GLN V 202 -7.99 -12.58 13.25
N TYR V 203 -7.74 -12.04 12.06
CA TYR V 203 -7.87 -12.77 10.80
C TYR V 203 -6.52 -13.19 10.26
N TYR V 204 -5.62 -13.58 11.17
CA TYR V 204 -4.26 -13.98 10.83
C TYR V 204 -4.25 -15.11 9.80
N ASN V 205 -3.39 -14.98 8.79
CA ASN V 205 -2.39 -13.95 8.55
C ASN V 205 -2.88 -12.95 7.52
N PHE V 206 -2.91 -11.67 7.88
CA PHE V 206 -3.42 -10.66 6.97
C PHE V 206 -2.50 -10.42 5.77
N PHE V 207 -1.22 -10.79 5.88
CA PHE V 207 -0.33 -10.69 4.73
C PHE V 207 -0.76 -11.60 3.58
N TYR V 208 -1.41 -12.71 3.91
CA TYR V 208 -1.80 -13.73 2.94
C TYR V 208 -3.13 -13.41 2.26
N ASN V 209 -3.68 -12.24 2.52
CA ASN V 209 -4.87 -11.75 1.82
C ASN V 209 -4.48 -11.33 0.40
N PRO V 210 -5.10 -11.89 -0.64
CA PRO V 210 -4.70 -11.50 -2.01
C PRO V 210 -4.93 -10.03 -2.34
N PHE V 211 -6.09 -9.47 -1.95
CA PHE V 211 -6.35 -8.06 -2.23
C PHE V 211 -5.45 -7.15 -1.42
N HIS V 212 -5.05 -7.59 -0.22
CA HIS V 212 -4.06 -6.86 0.55
C HIS V 212 -2.74 -6.77 -0.20
N ALA V 213 -2.30 -7.89 -0.77
CA ALA V 213 -1.06 -7.89 -1.55
C ALA V 213 -1.16 -6.99 -2.77
N ILE V 214 -2.31 -7.02 -3.45
CA ILE V 214 -2.48 -6.16 -4.62
C ILE V 214 -2.43 -4.68 -4.22
N GLY V 215 -3.10 -4.33 -3.11
CA GLY V 215 -3.06 -2.95 -2.65
C GLY V 215 -1.67 -2.49 -2.27
N ILE V 216 -0.91 -3.34 -1.58
CA ILE V 216 0.47 -2.98 -1.21
C ILE V 216 1.33 -2.81 -2.45
N THR V 217 1.19 -3.71 -3.42
CA THR V 217 1.92 -3.59 -4.67
C THR V 217 1.62 -2.26 -5.36
N LEU V 218 0.35 -1.86 -5.38
CA LEU V 218 -0.02 -0.61 -6.02
C LEU V 218 0.47 0.62 -5.25
N LEU V 219 0.52 0.56 -3.92
CA LEU V 219 1.10 1.66 -3.14
C LEU V 219 2.59 1.84 -3.45
N PHE V 220 3.33 0.73 -3.44
CA PHE V 220 4.76 0.82 -3.73
C PHE V 220 5.01 1.31 -5.15
N ALA V 221 4.20 0.83 -6.10
CA ALA V 221 4.35 1.28 -7.48
C ALA V 221 4.03 2.77 -7.62
N SER V 222 3.02 3.26 -6.89
CA SER V 222 2.71 4.68 -6.94
C SER V 222 3.88 5.53 -6.45
N THR V 223 4.51 5.12 -5.35
CA THR V 223 5.65 5.89 -4.85
C THR V 223 6.82 5.85 -5.84
N LEU V 224 7.08 4.68 -6.44
CA LEU V 224 8.15 4.58 -7.43
C LEU V 224 7.88 5.48 -8.64
N PHE V 225 6.64 5.45 -9.15
CA PHE V 225 6.29 6.25 -10.33
C PHE V 225 6.38 7.74 -10.01
N LEU V 226 5.96 8.15 -8.82
CA LEU V 226 6.06 9.56 -8.45
C LEU V 226 7.52 10.01 -8.42
N HIS V 227 8.40 9.20 -7.83
CA HIS V 227 9.82 9.55 -7.83
C HIS V 227 10.37 9.64 -9.24
N MET V 228 10.02 8.67 -10.09
CA MET V 228 10.52 8.66 -11.46
C MET V 228 10.07 9.89 -12.24
N HIS V 229 8.78 10.24 -12.16
CA HIS V 229 8.27 11.40 -12.89
C HIS V 229 8.87 12.69 -12.37
N GLY V 230 8.99 12.85 -11.05
CA GLY V 230 9.59 14.05 -10.51
C GLY V 230 11.03 14.22 -10.98
N SER V 231 11.82 13.15 -10.90
CA SER V 231 13.19 13.20 -11.38
C SER V 231 13.26 13.55 -12.86
N ALA V 232 12.41 12.91 -13.67
CA ALA V 232 12.45 13.12 -15.11
C ALA V 232 12.13 14.55 -15.49
N VAL V 233 11.12 15.15 -14.85
CA VAL V 233 10.78 16.52 -15.22
C VAL V 233 11.80 17.50 -14.67
N LEU V 234 12.33 17.25 -13.47
CA LEU V 234 13.32 18.17 -12.91
C LEU V 234 14.64 18.14 -13.68
N SER V 235 14.97 17.01 -14.29
CA SER V 235 16.28 16.83 -14.91
C SER V 235 16.42 17.57 -16.24
N GLU V 236 15.35 18.15 -16.78
CA GLU V 236 15.37 18.82 -18.07
C GLU V 236 14.92 20.26 -18.00
N ALA V 237 14.70 20.81 -16.80
CA ALA V 237 13.99 22.07 -16.66
C ALA V 237 14.72 23.27 -17.28
N LYS V 238 15.84 23.68 -16.72
CA LYS V 238 16.51 24.90 -17.16
C LYS V 238 17.75 24.57 -17.99
N ARG V 239 17.51 24.12 -19.22
CA ARG V 239 18.59 23.66 -20.07
C ARG V 239 18.27 23.99 -21.52
N ASN V 240 19.32 24.27 -22.29
CA ASN V 240 19.19 24.55 -23.72
C ASN V 240 19.20 23.24 -24.50
N ILE V 241 18.13 22.47 -24.32
CA ILE V 241 17.96 21.17 -24.96
C ILE V 241 16.56 21.12 -25.55
N SER V 242 16.34 20.13 -26.41
CA SER V 242 15.03 19.93 -27.02
C SER V 242 14.17 19.03 -26.14
N ASP V 243 12.91 18.90 -26.53
CA ASP V 243 11.95 18.12 -25.75
C ASP V 243 12.01 16.63 -26.07
N GLN V 244 12.94 16.20 -26.91
CA GLN V 244 13.13 14.80 -27.25
C GLN V 244 14.28 14.14 -26.51
N ASN V 245 15.00 14.88 -25.67
CA ASN V 245 16.12 14.30 -24.94
C ASN V 245 15.65 13.30 -23.89
N ILE V 246 14.53 13.60 -23.22
CA ILE V 246 14.07 12.73 -22.15
C ILE V 246 13.54 11.41 -22.70
N HIS V 247 13.00 11.41 -23.92
CA HIS V 247 12.57 10.17 -24.55
C HIS V 247 13.77 9.26 -24.84
N VAL V 248 14.86 9.85 -25.34
CA VAL V 248 16.08 9.08 -25.58
C VAL V 248 16.66 8.57 -24.26
N PHE V 249 16.61 9.39 -23.21
CA PHE V 249 17.09 8.94 -21.91
C PHE V 249 16.29 7.74 -21.41
N TRP V 250 14.96 7.82 -21.48
CA TRP V 250 14.12 6.73 -20.97
C TRP V 250 14.06 5.55 -21.92
N ARG V 251 14.57 5.67 -23.14
CA ARG V 251 14.69 4.51 -24.02
C ARG V 251 16.05 3.85 -23.97
N ASN V 252 17.11 4.56 -23.61
CA ASN V 252 18.46 3.97 -23.48
C ASN V 252 18.48 3.07 -22.25
N ILE V 253 17.82 3.46 -21.16
CA ILE V 253 17.83 2.73 -19.86
C ILE V 253 16.80 1.58 -19.79
N LEU V 254 15.57 1.75 -20.27
CA LEU V 254 14.52 0.71 -20.08
C LEU V 254 14.06 0.09 -21.39
N GLY V 255 14.49 0.61 -22.53
CA GLY V 255 14.07 0.10 -23.83
C GLY V 255 12.74 0.68 -24.23
N TYR V 256 12.07 1.35 -23.29
CA TYR V 256 10.74 1.84 -23.63
C TYR V 256 10.51 3.17 -22.93
N SER V 257 9.99 4.18 -23.64
CA SER V 257 9.57 5.50 -23.07
C SER V 257 8.04 5.64 -23.21
N ILE V 258 7.29 5.93 -22.14
CA ILE V 258 5.79 5.93 -22.16
C ILE V 258 5.16 7.11 -22.89
N GLY V 259 5.66 8.33 -22.73
CA GLY V 259 5.01 9.51 -23.32
C GLY V 259 4.68 10.55 -22.27
N GLU V 260 3.97 11.61 -22.65
CA GLU V 260 3.68 12.74 -21.74
C GLU V 260 2.27 12.63 -21.14
N ILE V 261 1.25 12.26 -21.90
CA ILE V 261 -0.06 12.08 -21.29
C ILE V 261 -0.16 10.68 -20.67
N GLY V 262 0.62 9.73 -21.19
CA GLY V 262 0.54 8.37 -20.68
C GLY V 262 1.01 8.23 -19.25
N ILE V 263 2.06 8.98 -18.87
CA ILE V 263 2.56 8.88 -17.50
C ILE V 263 1.55 9.46 -16.51
N HIS V 264 0.89 10.56 -16.88
CA HIS V 264 -0.08 11.16 -15.99
C HIS V 264 -1.35 10.29 -15.89
N ARG V 265 -1.74 9.64 -17.00
CA ARG V 265 -2.82 8.66 -16.94
C ARG V 265 -2.48 7.48 -16.03
N VAL V 266 -1.26 6.95 -16.16
CA VAL V 266 -0.83 5.83 -15.33
C VAL V 266 -0.84 6.24 -13.86
N ALA V 267 -0.37 7.44 -13.57
CA ALA V 267 -0.41 7.97 -12.20
C ALA V 267 -1.82 7.96 -11.64
N PHE V 268 -2.76 8.57 -12.38
CA PHE V 268 -4.15 8.63 -11.95
C PHE V 268 -4.72 7.23 -11.70
N TRP V 269 -4.56 6.33 -12.67
CA TRP V 269 -5.18 5.00 -12.58
C TRP V 269 -4.61 4.19 -11.42
N THR V 270 -3.28 4.19 -11.27
CA THR V 270 -2.65 3.44 -10.19
C THR V 270 -3.06 3.97 -8.83
N GLY V 271 -3.06 5.30 -8.68
CA GLY V 271 -3.48 5.88 -7.42
C GLY V 271 -4.88 5.48 -7.01
N ALA V 272 -5.83 5.53 -7.94
CA ALA V 272 -7.20 5.14 -7.59
C ALA V 272 -7.31 3.65 -7.29
N ALA V 273 -6.72 2.81 -8.14
CA ALA V 273 -6.87 1.37 -7.99
C ALA V 273 -6.28 0.86 -6.68
N SER V 274 -5.24 1.54 -6.16
CA SER V 274 -4.60 1.06 -4.94
C SER V 274 -5.59 0.92 -3.79
N VAL V 275 -6.48 1.89 -3.61
CA VAL V 275 -7.47 1.83 -2.55
C VAL V 275 -8.74 1.09 -2.99
N LEU V 276 -9.06 1.14 -4.29
CA LEU V 276 -10.22 0.38 -4.77
C LEU V 276 -10.05 -1.10 -4.48
N PHE V 277 -8.85 -1.64 -4.63
CA PHE V 277 -8.65 -3.07 -4.37
C PHE V 277 -8.61 -3.40 -2.89
N SER V 278 -8.13 -2.49 -2.05
CA SER V 278 -8.04 -2.75 -0.62
C SER V 278 -9.37 -2.54 0.11
N ASN V 279 -10.38 -1.96 -0.54
CA ASN V 279 -11.72 -2.03 0.05
C ASN V 279 -12.18 -3.47 0.23
N LEU V 280 -11.95 -4.30 -0.79
CA LEU V 280 -12.48 -5.67 -0.80
C LEU V 280 -11.86 -6.52 0.31
N CYS V 281 -10.57 -6.35 0.57
CA CYS V 281 -9.91 -7.17 1.58
C CYS V 281 -10.52 -6.95 2.95
N ILE V 282 -10.67 -5.68 3.34
CA ILE V 282 -11.21 -5.39 4.67
C ILE V 282 -12.70 -5.73 4.73
N PHE V 283 -13.44 -5.61 3.63
CA PHE V 283 -14.84 -6.01 3.70
C PHE V 283 -14.98 -7.51 3.87
N LEU V 284 -14.23 -8.29 3.10
CA LEU V 284 -14.34 -9.74 3.15
C LEU V 284 -13.65 -10.36 4.36
N SER V 285 -12.84 -9.59 5.10
CA SER V 285 -12.22 -10.15 6.30
C SER V 285 -13.26 -10.62 7.31
N GLY V 286 -14.24 -9.82 7.67
CA GLY V 286 -15.15 -10.34 8.71
C GLY V 286 -16.43 -11.01 8.26
N THR V 287 -16.80 -10.93 6.99
CA THR V 287 -18.13 -11.40 6.48
C THR V 287 -18.08 -12.79 5.87
N PHE V 288 -17.28 -13.00 4.82
CA PHE V 288 -17.24 -14.30 4.09
C PHE V 288 -16.06 -15.17 4.54
N VAL V 289 -15.01 -14.59 5.13
CA VAL V 289 -13.79 -15.34 5.56
C VAL V 289 -13.53 -15.14 7.05
N LYS V 290 -12.93 -16.12 7.76
CA LYS V 290 -12.48 -16.00 9.14
C LYS V 290 -10.99 -16.26 9.33
N ASP V 291 -10.26 -16.64 8.28
CA ASP V 291 -8.90 -17.11 8.43
C ASP V 291 -8.23 -17.05 7.07
N TRP V 292 -7.13 -16.31 6.97
CA TRP V 292 -6.44 -16.18 5.69
C TRP V 292 -5.31 -17.19 5.51
N ASN V 293 -5.06 -18.04 6.51
CA ASN V 293 -4.19 -19.19 6.31
C ASN V 293 -4.95 -20.40 5.83
N ALA V 294 -6.18 -20.59 6.28
CA ALA V 294 -7.04 -21.67 5.82
C ALA V 294 -7.65 -21.38 4.45
N PHE V 295 -7.52 -20.16 3.95
CA PHE V 295 -7.99 -19.84 2.61
C PHE V 295 -7.20 -20.61 1.55
N TRP V 296 -5.88 -20.75 1.75
CA TRP V 296 -4.99 -21.37 0.79
C TRP V 296 -4.91 -22.87 0.93
N GLY V 297 -5.87 -23.50 1.61
CA GLY V 297 -5.85 -24.94 1.77
C GLY V 297 -6.19 -25.70 0.50
N PHE V 298 -6.83 -25.05 -0.47
CA PHE V 298 -7.21 -25.72 -1.70
C PHE V 298 -6.02 -25.96 -2.61
N TRP V 299 -4.98 -25.13 -2.50
CA TRP V 299 -3.92 -25.10 -3.51
C TRP V 299 -3.24 -26.46 -3.65
N ASP V 300 -2.93 -27.10 -2.53
CA ASP V 300 -2.22 -28.38 -2.58
C ASP V 300 -3.14 -29.56 -2.83
N LYS V 301 -4.45 -29.34 -2.94
CA LYS V 301 -5.40 -30.43 -3.13
C LYS V 301 -5.93 -30.51 -4.55
N MET V 302 -5.39 -29.72 -5.46
CA MET V 302 -5.85 -29.79 -6.85
C MET V 302 -5.28 -31.03 -7.52
N PRO V 303 -6.06 -31.68 -8.41
CA PRO V 303 -5.65 -33.01 -8.91
C PRO V 303 -4.38 -33.00 -9.73
N ILE V 304 -3.91 -31.84 -10.19
CA ILE V 304 -2.75 -31.79 -11.07
C ILE V 304 -1.47 -32.17 -10.32
N TRP V 305 -1.40 -31.92 -9.02
CA TRP V 305 -0.16 -32.18 -8.31
C TRP V 305 -0.33 -32.77 -6.91
N ASN V 306 -1.53 -33.17 -6.52
CA ASN V 306 -1.68 -33.90 -5.26
C ASN V 306 -1.26 -35.35 -5.46
N GLY V 307 -0.69 -35.94 -4.41
CA GLY V 307 -0.24 -37.31 -4.52
C GLY V 307 0.93 -37.54 -5.46
N VAL V 308 1.94 -36.69 -5.40
CA VAL V 308 3.15 -36.88 -6.20
C VAL V 308 4.43 -36.84 -5.37
N GLY V 309 4.36 -36.50 -4.08
CA GLY V 309 5.54 -36.43 -3.24
C GLY V 309 5.64 -37.58 -2.25
N GLN V 310 6.76 -37.60 -1.54
CA GLN V 310 7.06 -38.56 -0.48
C GLN V 310 7.04 -37.84 0.87
N GLY V 311 7.45 -38.56 1.91
CA GLY V 311 7.34 -38.05 3.27
C GLY V 311 7.90 -36.67 3.50
N ALA V 312 7.10 -35.79 4.11
CA ALA V 312 7.40 -34.38 4.35
C ALA V 312 7.41 -33.57 3.06
N LEU V 313 7.24 -34.24 1.91
CA LEU V 313 7.01 -33.58 0.63
C LEU V 313 5.65 -33.94 0.07
N VAL V 314 4.78 -34.50 0.90
CA VAL V 314 3.44 -34.93 0.51
C VAL V 314 2.54 -33.71 0.36
N ALA V 315 1.33 -33.94 -0.19
CA ALA V 315 0.29 -32.94 -0.34
C ALA V 315 0.62 -31.94 -1.43
N PRO W 335 26.73 20.13 -27.81
CA PRO W 335 26.84 19.27 -28.99
C PRO W 335 26.53 17.81 -28.69
N ILE W 336 25.26 17.43 -28.79
CA ILE W 336 24.82 16.07 -28.55
C ILE W 336 23.97 15.63 -29.74
N ASP W 337 24.38 14.54 -30.37
CA ASP W 337 23.66 13.96 -31.51
C ASP W 337 22.79 12.82 -31.00
N LEU W 338 21.48 13.07 -30.91
CA LEU W 338 20.58 12.08 -30.33
C LEU W 338 20.50 10.83 -31.20
N HIS W 339 20.55 10.99 -32.51
CA HIS W 339 20.47 9.83 -33.40
C HIS W 339 21.66 8.90 -33.18
N ASP W 340 22.87 9.45 -33.04
CA ASP W 340 24.03 8.63 -32.74
C ASP W 340 23.89 7.99 -31.36
N GLU W 341 23.32 8.73 -30.41
CA GLU W 341 23.14 8.18 -29.07
C GLU W 341 22.18 7.01 -29.05
N GLU W 342 21.25 6.95 -30.00
CA GLU W 342 20.27 5.88 -30.02
C GLU W 342 20.51 4.81 -31.07
N TYR W 343 21.35 5.05 -32.07
CA TYR W 343 21.57 4.10 -33.16
C TYR W 343 23.06 3.87 -33.40
N ARG W 344 23.82 3.63 -32.34
CA ARG W 344 25.24 3.34 -32.45
C ARG W 344 25.49 1.84 -32.29
N ASP W 345 26.61 1.37 -32.82
CA ASP W 345 26.99 -0.03 -32.74
C ASP W 345 28.12 -0.23 -31.75
N GLY W 346 28.38 -1.50 -31.43
CA GLY W 346 29.45 -1.85 -30.53
C GLY W 346 28.98 -2.06 -29.11
N LEU W 347 29.95 -2.19 -28.20
CA LEU W 347 29.64 -2.29 -26.79
C LEU W 347 28.97 -1.02 -26.29
N GLU W 348 29.57 0.13 -26.57
CA GLU W 348 28.97 1.42 -26.25
C GLU W 348 27.97 1.78 -27.35
N GLY W 349 26.86 1.05 -27.34
CA GLY W 349 25.83 1.22 -28.35
C GLY W 349 24.61 0.43 -27.97
N THR W 350 23.64 0.43 -28.87
CA THR W 350 22.31 -0.13 -28.59
C THR W 350 22.10 -1.43 -29.36
N ILE W 351 21.16 -2.23 -28.86
CA ILE W 351 20.70 -3.43 -29.56
C ILE W 351 19.20 -3.31 -29.76
N ALA W 352 18.59 -4.33 -30.39
CA ALA W 352 17.19 -4.27 -30.82
C ALA W 352 16.98 -3.06 -31.74
N LYS W 353 17.90 -2.88 -32.68
CA LYS W 353 17.99 -1.62 -33.42
C LYS W 353 16.74 -1.28 -34.22
N PRO W 354 16.14 -2.18 -34.99
CA PRO W 354 14.86 -1.85 -35.61
C PRO W 354 13.75 -1.91 -34.59
N PRO W 355 13.22 -0.75 -34.18
CA PRO W 355 12.26 -0.73 -33.07
C PRO W 355 10.97 -1.45 -33.42
N GLY W 356 10.33 -2.01 -32.40
CA GLY W 356 9.05 -2.65 -32.55
C GLY W 356 7.91 -1.68 -32.42
N HIS W 357 6.71 -2.22 -32.24
CA HIS W 357 5.51 -1.42 -32.08
C HIS W 357 4.37 -2.25 -31.53
N VAL W 358 3.75 -1.81 -30.43
CA VAL W 358 2.63 -2.49 -29.81
C VAL W 358 1.41 -1.59 -29.90
N GLY W 359 0.32 -2.13 -30.45
CA GLY W 359 -0.87 -1.36 -30.72
C GLY W 359 -1.68 -0.92 -29.51
N TRP W 360 -1.89 -1.83 -28.55
CA TRP W 360 -2.72 -1.47 -27.40
C TRP W 360 -2.02 -0.44 -26.52
N MET W 361 -0.68 -0.48 -26.46
CA MET W 361 0.06 0.56 -25.77
C MET W 361 -0.10 1.90 -26.49
N GLN W 362 -0.14 1.87 -27.82
CA GLN W 362 -0.37 3.10 -28.58
C GLN W 362 -1.75 3.67 -28.30
N ARG W 363 -2.76 2.81 -28.21
CA ARG W 363 -4.12 3.30 -27.97
C ARG W 363 -4.32 3.79 -26.55
N LEU W 364 -3.83 3.06 -25.55
CA LEU W 364 -4.05 3.44 -24.16
C LEU W 364 -3.06 4.51 -23.72
N LEU W 365 -1.77 4.20 -23.78
CA LEU W 365 -0.74 5.04 -23.19
C LEU W 365 -0.25 6.14 -24.13
N GLY W 366 -0.58 6.07 -25.41
CA GLY W 366 -0.20 7.11 -26.35
C GLY W 366 1.13 6.90 -27.05
N GLU W 367 1.88 5.86 -26.70
CA GLU W 367 3.16 5.59 -27.34
C GLU W 367 3.38 4.08 -27.37
N GLY W 368 3.89 3.57 -28.48
CA GLY W 368 3.99 2.14 -28.65
C GLY W 368 5.32 1.60 -29.15
N GLN W 369 6.28 2.49 -29.43
CA GLN W 369 7.59 2.04 -29.92
C GLN W 369 8.40 1.39 -28.81
N VAL W 370 9.00 0.24 -29.12
CA VAL W 370 9.82 -0.51 -28.17
C VAL W 370 11.22 -0.65 -28.74
N GLY W 371 12.22 -0.25 -27.96
CA GLY W 371 13.60 -0.31 -28.39
C GLY W 371 14.02 0.94 -29.14
N PRO W 372 15.32 1.08 -29.42
CA PRO W 372 16.44 0.22 -29.01
C PRO W 372 16.89 0.47 -27.57
N ILE W 373 17.71 -0.41 -27.00
CA ILE W 373 18.13 -0.31 -25.60
C ILE W 373 19.65 -0.31 -25.53
N TYR W 374 20.20 0.53 -24.68
CA TYR W 374 21.65 0.70 -24.57
C TYR W 374 22.27 -0.44 -23.76
N VAL W 375 23.39 -0.97 -24.25
CA VAL W 375 23.98 -2.18 -23.69
C VAL W 375 25.45 -1.97 -23.35
N GLY W 376 25.82 -0.74 -23.03
CA GLY W 376 27.22 -0.42 -22.79
C GLY W 376 27.74 -1.02 -21.49
N LEU W 377 28.99 -0.67 -21.17
CA LEU W 377 29.56 -1.07 -19.90
C LEU W 377 28.78 -0.45 -18.75
N TRP W 378 28.82 -1.11 -17.60
CA TRP W 378 27.98 -0.95 -16.43
C TRP W 378 26.60 -1.57 -16.64
N GLY W 379 26.30 -2.05 -17.84
CA GLY W 379 25.03 -2.69 -18.10
C GLY W 379 25.18 -4.18 -18.27
N VAL W 380 26.34 -4.62 -18.75
CA VAL W 380 26.63 -6.04 -18.81
C VAL W 380 26.96 -6.59 -17.43
N ILE W 381 27.63 -5.79 -16.59
CA ILE W 381 27.99 -6.25 -15.26
C ILE W 381 26.75 -6.49 -14.41
N SER W 382 25.79 -5.57 -14.45
CA SER W 382 24.54 -5.75 -13.72
C SER W 382 23.82 -7.00 -14.18
N PHE W 383 23.70 -7.17 -15.50
CA PHE W 383 23.05 -8.35 -16.06
C PHE W 383 23.69 -9.63 -15.57
N ILE W 384 25.01 -9.72 -15.69
CA ILE W 384 25.72 -10.95 -15.36
C ILE W 384 25.62 -11.27 -13.87
N THR W 385 25.80 -10.28 -13.00
CA THR W 385 25.77 -10.55 -11.57
C THR W 385 24.35 -10.85 -11.09
N PHE W 386 23.35 -10.15 -11.62
CA PHE W 386 21.97 -10.46 -11.28
C PHE W 386 21.61 -11.89 -11.71
N PHE W 387 22.05 -12.30 -12.89
CA PHE W 387 21.67 -13.65 -13.31
C PHE W 387 22.48 -14.71 -12.59
N ALA W 388 23.70 -14.39 -12.12
CA ALA W 388 24.41 -15.33 -11.26
C ALA W 388 23.65 -15.57 -9.96
N SER W 389 23.20 -14.50 -9.32
CA SER W 389 22.45 -14.65 -8.07
C SER W 389 21.14 -15.40 -8.30
N ALA W 390 20.42 -15.07 -9.39
CA ALA W 390 19.16 -15.73 -9.67
C ALA W 390 19.35 -17.22 -9.95
N PHE W 391 20.40 -17.58 -10.68
CA PHE W 391 20.72 -18.98 -10.93
C PHE W 391 20.96 -19.72 -9.62
N ILE W 392 21.76 -19.12 -8.72
CA ILE W 392 22.03 -19.75 -7.44
C ILE W 392 20.73 -20.02 -6.68
N ILE W 393 19.85 -19.01 -6.64
CA ILE W 393 18.62 -19.15 -5.87
C ILE W 393 17.72 -20.24 -6.44
N LEU W 394 17.53 -20.23 -7.77
CA LEU W 394 16.61 -21.20 -8.37
C LEU W 394 17.14 -22.62 -8.28
N VAL W 395 18.45 -22.81 -8.44
CA VAL W 395 19.02 -24.14 -8.31
C VAL W 395 18.89 -24.64 -6.87
N ASP W 396 19.02 -23.75 -5.88
CA ASP W 396 18.83 -24.20 -4.51
C ASP W 396 17.37 -24.55 -4.23
N TYR W 397 16.43 -23.80 -4.82
CA TYR W 397 15.02 -24.21 -4.76
C TYR W 397 14.86 -25.64 -5.25
N GLY W 398 15.42 -25.92 -6.42
CA GLY W 398 15.33 -27.26 -6.97
C GLY W 398 15.93 -28.32 -6.06
N ARG W 399 17.07 -28.00 -5.44
CA ARG W 399 17.68 -28.96 -4.52
C ARG W 399 16.77 -29.25 -3.33
N GLN W 400 16.17 -28.20 -2.77
CA GLN W 400 15.29 -28.38 -1.62
C GLN W 400 14.08 -29.24 -1.98
N VAL W 401 13.49 -29.00 -3.15
CA VAL W 401 12.32 -29.78 -3.55
C VAL W 401 12.66 -31.24 -3.80
N GLY W 402 13.87 -31.53 -4.25
CA GLY W 402 14.27 -32.87 -4.60
C GLY W 402 14.44 -33.12 -6.08
N TRP W 403 14.58 -32.07 -6.88
CA TRP W 403 14.68 -32.16 -8.35
C TRP W 403 13.41 -32.75 -8.96
N ASN W 404 12.26 -32.45 -8.38
CA ASN W 404 10.96 -32.89 -8.90
C ASN W 404 10.23 -31.69 -9.48
N PRO W 405 10.01 -31.65 -10.80
CA PRO W 405 9.42 -30.44 -11.40
C PRO W 405 8.00 -30.15 -10.94
N ILE W 406 7.19 -31.18 -10.67
CA ILE W 406 5.80 -30.95 -10.29
C ILE W 406 5.71 -30.39 -8.88
N ILE W 407 6.49 -30.93 -7.94
CA ILE W 407 6.57 -30.35 -6.60
C ILE W 407 7.18 -28.96 -6.67
N TYR W 408 8.10 -28.74 -7.60
CA TYR W 408 8.66 -27.40 -7.81
C TYR W 408 7.57 -26.41 -8.19
N LEU W 409 6.70 -26.79 -9.11
CA LEU W 409 5.61 -25.90 -9.53
C LEU W 409 4.59 -25.70 -8.41
N ARG W 410 4.29 -26.77 -7.66
CA ARG W 410 3.31 -26.65 -6.59
C ARG W 410 3.79 -25.74 -5.47
N GLU W 411 5.07 -25.86 -5.09
CA GLU W 411 5.60 -25.21 -3.90
C GLU W 411 6.42 -23.96 -4.20
N PHE W 412 6.34 -23.43 -5.42
CA PHE W 412 7.25 -22.36 -5.83
C PHE W 412 7.07 -21.09 -5.01
N TRP W 413 5.86 -20.80 -4.54
CA TRP W 413 5.57 -19.54 -3.89
C TRP W 413 5.79 -19.58 -2.38
N ASN W 414 6.22 -20.72 -1.83
CA ASN W 414 6.61 -20.80 -0.43
C ASN W 414 7.96 -21.51 -0.29
N LEU W 415 8.82 -21.39 -1.30
CA LEU W 415 10.21 -21.79 -1.22
C LEU W 415 11.07 -20.57 -0.93
N ALA W 416 12.21 -20.79 -0.26
CA ALA W 416 13.11 -19.69 0.08
C ALA W 416 14.49 -20.23 0.42
N VAL W 417 15.47 -19.34 0.40
CA VAL W 417 16.80 -19.60 0.95
C VAL W 417 17.01 -18.62 2.11
N TYR W 418 17.37 -19.15 3.27
CA TYR W 418 17.41 -18.34 4.47
C TYR W 418 18.85 -18.08 4.91
N PRO W 419 19.10 -16.96 5.58
CA PRO W 419 20.45 -16.67 6.08
C PRO W 419 20.84 -17.64 7.17
N PRO W 420 22.13 -17.79 7.45
CA PRO W 420 22.57 -18.75 8.47
C PRO W 420 21.93 -18.47 9.82
N PRO W 421 21.56 -19.52 10.56
CA PRO W 421 20.82 -19.30 11.82
C PRO W 421 21.64 -18.60 12.90
N THR W 422 21.02 -18.40 14.07
CA THR W 422 21.61 -17.55 15.10
C THR W 422 22.83 -18.18 15.77
N GLU W 423 22.98 -19.51 15.70
CA GLU W 423 24.13 -20.15 16.32
C GLU W 423 25.43 -19.66 15.67
N TYR W 424 25.44 -19.53 14.35
CA TYR W 424 26.48 -18.78 13.69
C TYR W 424 26.29 -17.30 13.95
N GLY W 425 27.39 -16.55 13.96
CA GLY W 425 27.25 -15.12 14.16
C GLY W 425 27.17 -14.42 12.83
N LEU W 426 28.23 -13.69 12.48
CA LEU W 426 28.41 -13.15 11.14
C LEU W 426 29.42 -13.98 10.35
N SER W 427 29.59 -15.25 10.70
CA SER W 427 30.57 -16.10 10.06
C SER W 427 30.13 -16.48 8.65
N TRP W 428 31.11 -16.84 7.82
CA TRP W 428 30.88 -17.28 6.45
C TRP W 428 31.17 -18.76 6.25
N ASN W 429 31.63 -19.47 7.29
CA ASN W 429 31.89 -20.91 7.21
C ASN W 429 30.62 -21.68 7.56
N VAL W 430 29.64 -21.57 6.66
CA VAL W 430 28.32 -22.13 6.87
C VAL W 430 28.03 -23.12 5.75
N PRO W 431 27.38 -24.26 6.03
CA PRO W 431 27.07 -25.21 4.95
C PRO W 431 26.22 -24.59 3.86
N TRP W 432 26.36 -25.12 2.65
CA TRP W 432 25.70 -24.53 1.49
C TRP W 432 24.18 -24.58 1.64
N ASP W 433 23.65 -25.64 2.21
CA ASP W 433 22.22 -25.77 2.46
C ASP W 433 21.80 -25.21 3.81
N LYS W 434 22.64 -24.37 4.43
CA LYS W 434 22.29 -23.75 5.69
C LYS W 434 22.67 -22.27 5.75
N GLY W 435 22.99 -21.65 4.62
CA GLY W 435 23.31 -20.24 4.64
C GLY W 435 24.36 -19.74 3.68
N GLY W 436 25.17 -20.64 3.11
CA GLY W 436 26.20 -20.21 2.17
C GLY W 436 25.61 -19.68 0.86
N ALA W 437 24.55 -20.31 0.39
CA ALA W 437 23.91 -19.87 -0.85
C ALA W 437 23.37 -18.46 -0.72
N TRP W 438 22.74 -18.16 0.42
CA TRP W 438 22.23 -16.81 0.68
C TRP W 438 23.36 -15.79 0.64
N LEU W 439 24.50 -16.13 1.23
CA LEU W 439 25.63 -15.21 1.27
C LEU W 439 26.14 -14.90 -0.14
N ALA W 440 26.34 -15.94 -0.95
CA ALA W 440 26.83 -15.73 -2.31
C ALA W 440 25.84 -14.89 -3.13
N ALA W 441 24.56 -15.27 -3.11
CA ALA W 441 23.56 -14.57 -3.90
C ALA W 441 23.43 -13.12 -3.48
N THR W 442 23.50 -12.84 -2.19
CA THR W 442 23.36 -11.47 -1.71
C THR W 442 24.56 -10.61 -2.12
N PHE W 443 25.77 -11.17 -2.08
CA PHE W 443 26.93 -10.42 -2.56
C PHE W 443 26.76 -10.02 -4.02
N PHE W 444 26.33 -10.98 -4.85
CA PHE W 444 26.14 -10.66 -6.27
C PHE W 444 25.04 -9.63 -6.47
N LEU W 445 23.98 -9.69 -5.67
CA LEU W 445 22.91 -8.70 -5.77
C LEU W 445 23.40 -7.30 -5.43
N HIS W 446 24.23 -7.18 -4.39
CA HIS W 446 24.83 -5.89 -4.05
C HIS W 446 25.60 -5.33 -5.24
N ILE W 447 26.44 -6.16 -5.85
CA ILE W 447 27.24 -5.68 -6.98
C ILE W 447 26.33 -5.19 -8.10
N SER W 448 25.26 -5.93 -8.39
CA SER W 448 24.38 -5.58 -9.51
C SER W 448 23.67 -4.25 -9.26
N VAL W 449 23.18 -4.00 -8.04
CA VAL W 449 22.47 -2.75 -7.80
C VAL W 449 23.42 -1.56 -7.88
N LEU W 450 24.66 -1.72 -7.38
CA LEU W 450 25.62 -0.62 -7.50
C LEU W 450 25.94 -0.31 -8.95
N THR W 451 26.12 -1.35 -9.76
CA THR W 451 26.41 -1.12 -11.18
C THR W 451 25.23 -0.51 -11.92
N TRP W 452 24.00 -0.82 -11.50
CA TRP W 452 22.82 -0.17 -12.08
C TRP W 452 22.79 1.32 -11.75
N TRP W 453 23.15 1.68 -10.52
CA TRP W 453 23.26 3.11 -10.19
C TRP W 453 24.25 3.80 -11.11
N ALA W 454 25.41 3.18 -11.32
CA ALA W 454 26.41 3.76 -12.22
C ALA W 454 25.86 3.92 -13.64
N ARG W 455 25.11 2.93 -14.10
CA ARG W 455 24.50 3.01 -15.43
C ARG W 455 23.57 4.22 -15.55
N LEU W 456 22.69 4.40 -14.56
CA LEU W 456 21.78 5.55 -14.58
C LEU W 456 22.55 6.86 -14.63
N TYR W 457 23.57 6.99 -13.78
CA TYR W 457 24.35 8.22 -13.71
C TYR W 457 25.01 8.54 -15.06
N THR W 458 25.72 7.56 -15.62
CA THR W 458 26.48 7.83 -16.84
C THR W 458 25.57 8.06 -18.03
N ARG W 459 24.44 7.34 -18.12
CA ARG W 459 23.55 7.56 -19.25
C ARG W 459 22.79 8.87 -19.13
N ALA W 460 22.57 9.37 -17.91
CA ALA W 460 22.02 10.71 -17.77
C ALA W 460 23.01 11.76 -18.25
N LYS W 461 24.29 11.60 -17.90
CA LYS W 461 25.28 12.57 -18.36
C LYS W 461 25.52 12.50 -19.85
N ALA W 462 25.40 11.31 -20.45
CA ALA W 462 25.68 11.16 -21.88
C ALA W 462 24.71 11.95 -22.74
N THR W 463 23.43 11.92 -22.40
CA THR W 463 22.45 12.79 -23.04
C THR W 463 22.54 14.17 -22.39
N GLY W 464 21.58 15.04 -22.65
CA GLY W 464 21.72 16.39 -22.15
C GLY W 464 21.05 16.68 -20.83
N VAL W 465 20.60 15.67 -20.10
CA VAL W 465 19.76 15.88 -18.94
C VAL W 465 20.61 15.81 -17.67
N GLY W 466 20.04 16.25 -16.55
CA GLY W 466 20.72 16.23 -15.28
C GLY W 466 20.56 14.89 -14.58
N THR W 467 21.23 14.79 -13.43
CA THR W 467 21.30 13.54 -12.68
C THR W 467 20.46 13.67 -11.42
N GLN W 468 19.16 13.42 -11.56
CA GLN W 468 18.22 13.40 -10.45
C GLN W 468 17.67 12.02 -10.16
N LEU W 469 17.60 11.16 -11.16
CA LEU W 469 17.16 9.78 -10.96
C LEU W 469 18.21 8.97 -10.21
N ALA W 470 19.49 9.24 -10.45
CA ALA W 470 20.55 8.54 -9.74
C ALA W 470 20.51 8.78 -8.24
N TRP W 471 20.28 10.03 -7.83
CA TRP W 471 20.24 10.33 -6.40
C TRP W 471 18.95 9.83 -5.75
N GLY W 472 17.85 9.79 -6.48
CA GLY W 472 16.66 9.12 -5.98
C GLY W 472 16.90 7.63 -5.78
N PHE W 473 17.60 6.99 -6.71
CA PHE W 473 17.94 5.58 -6.53
C PHE W 473 18.89 5.40 -5.35
N ALA W 474 19.79 6.36 -5.12
CA ALA W 474 20.66 6.28 -3.94
C ALA W 474 19.85 6.35 -2.65
N SER W 475 18.87 7.25 -2.61
CA SER W 475 18.00 7.32 -1.43
C SER W 475 17.22 6.03 -1.24
N ALA W 476 16.79 5.40 -2.33
CA ALA W 476 16.13 4.10 -2.22
C ALA W 476 17.08 3.01 -1.74
N LEU W 477 18.35 3.07 -2.18
CA LEU W 477 19.33 2.04 -1.84
C LEU W 477 19.82 2.15 -0.41
N SER W 478 19.66 3.32 0.21
CA SER W 478 20.00 3.44 1.64
C SER W 478 19.22 2.43 2.48
N LEU W 479 17.90 2.34 2.25
CA LEU W 479 17.08 1.39 2.99
C LEU W 479 17.43 -0.06 2.62
N TYR W 480 17.75 -0.31 1.35
CA TYR W 480 18.14 -1.65 0.93
C TYR W 480 19.39 -2.12 1.67
N PHE W 481 20.40 -1.26 1.77
CA PHE W 481 21.63 -1.64 2.44
C PHE W 481 21.47 -1.67 3.95
N VAL W 482 20.52 -0.90 4.50
CA VAL W 482 20.20 -1.07 5.92
C VAL W 482 19.57 -2.44 6.15
N ILE W 483 18.63 -2.84 5.31
CA ILE W 483 17.93 -4.11 5.51
C ILE W 483 18.89 -5.27 5.39
N TYR W 484 19.74 -5.26 4.36
CA TYR W 484 20.50 -6.45 4.02
C TYR W 484 21.93 -6.46 4.55
N LEU W 485 22.51 -5.32 4.90
CA LEU W 485 23.92 -5.35 5.29
C LEU W 485 24.21 -4.76 6.65
N PHE W 486 23.61 -3.61 7.00
CA PHE W 486 24.08 -2.85 8.15
C PHE W 486 23.34 -3.18 9.44
N HIS W 487 22.02 -3.40 9.36
CA HIS W 487 21.28 -3.81 10.56
C HIS W 487 21.72 -5.17 11.07
N PRO W 488 21.87 -6.21 10.23
CA PRO W 488 22.49 -7.45 10.73
C PRO W 488 23.88 -7.25 11.30
N LEU W 489 24.67 -6.37 10.70
CA LEU W 489 26.02 -6.11 11.17
C LEU W 489 26.02 -5.51 12.57
N ALA W 490 25.10 -4.58 12.83
CA ALA W 490 25.02 -3.97 14.15
C ALA W 490 24.39 -4.91 15.18
N LEU W 491 23.47 -5.77 14.74
CA LEU W 491 22.87 -6.74 15.67
C LEU W 491 23.79 -7.91 15.96
N GLY W 492 24.56 -8.35 14.97
CA GLY W 492 25.56 -9.38 15.18
C GLY W 492 25.25 -10.75 14.61
N ASN W 493 24.23 -10.88 13.75
CA ASN W 493 23.93 -12.16 13.13
C ASN W 493 23.33 -11.94 11.75
N TRP W 494 23.49 -12.93 10.88
CA TRP W 494 22.95 -12.85 9.53
C TRP W 494 21.48 -13.17 9.45
N SER W 495 20.92 -13.86 10.44
CA SER W 495 19.51 -14.22 10.39
C SER W 495 18.60 -13.07 10.72
N ALA W 496 19.11 -11.85 10.81
CA ALA W 496 18.29 -10.67 11.01
C ALA W 496 17.79 -10.08 9.69
N ALA W 497 18.20 -10.66 8.55
CA ALA W 497 17.99 -10.32 7.15
C ALA W 497 16.95 -11.24 6.52
N PRO W 498 16.26 -10.77 5.49
CA PRO W 498 15.18 -11.57 4.89
C PRO W 498 15.70 -12.74 4.06
N GLY W 499 14.87 -13.77 3.95
CA GLY W 499 15.11 -14.82 3.00
C GLY W 499 14.71 -14.41 1.60
N HIS W 500 15.18 -15.18 0.62
CA HIS W 500 14.92 -14.90 -0.79
C HIS W 500 13.73 -15.75 -1.24
N GLY W 501 12.54 -15.17 -1.16
CA GLY W 501 11.34 -15.90 -1.56
C GLY W 501 10.13 -15.01 -1.57
N PHE W 502 9.09 -15.49 -2.26
CA PHE W 502 7.85 -14.74 -2.42
C PHE W 502 7.17 -14.50 -1.08
N ARG W 503 7.08 -15.53 -0.24
CA ARG W 503 6.48 -15.45 1.07
C ARG W 503 7.46 -15.01 2.15
N ALA W 504 8.77 -15.13 1.90
CA ALA W 504 9.75 -14.88 2.94
C ALA W 504 9.83 -13.41 3.36
N ILE W 505 9.51 -12.48 2.45
CA ILE W 505 9.54 -11.07 2.80
C ILE W 505 8.41 -10.71 3.74
N LEU W 506 7.22 -11.28 3.53
CA LEU W 506 6.10 -11.07 4.44
C LEU W 506 6.42 -11.62 5.83
N ASP W 507 7.04 -12.80 5.88
CA ASP W 507 7.44 -13.39 7.15
C ASP W 507 8.48 -12.54 7.85
N TRP W 508 9.45 -12.00 7.10
CA TRP W 508 10.43 -11.10 7.71
C TRP W 508 9.77 -9.88 8.31
N THR W 509 8.84 -9.26 7.58
CA THR W 509 8.14 -8.10 8.09
C THR W 509 7.43 -8.42 9.40
N ASN W 510 6.67 -9.51 9.41
CA ASN W 510 5.95 -9.93 10.61
C ASN W 510 6.90 -10.18 11.78
N TYR W 511 7.96 -10.95 11.55
CA TYR W 511 8.88 -11.33 12.61
C TYR W 511 9.62 -10.12 13.17
N VAL W 512 10.06 -9.22 12.31
CA VAL W 512 10.81 -8.05 12.78
C VAL W 512 9.91 -7.12 13.57
N SER W 513 8.64 -6.98 13.17
CA SER W 513 7.72 -6.20 14.00
C SER W 513 7.48 -6.86 15.35
N ILE W 514 7.31 -8.20 15.36
CA ILE W 514 6.99 -8.91 16.60
C ILE W 514 8.17 -8.88 17.57
N HIS W 515 9.40 -9.01 17.05
CA HIS W 515 10.58 -9.14 17.88
C HIS W 515 10.82 -7.87 18.71
N TRP W 516 10.76 -6.71 18.08
CA TRP W 516 11.09 -5.45 18.76
C TRP W 516 9.83 -4.71 19.19
N GLY W 517 9.07 -5.31 20.09
CA GLY W 517 7.87 -4.67 20.58
C GLY W 517 6.80 -4.59 19.51
N ASN W 518 6.21 -3.42 19.35
CA ASN W 518 5.19 -3.17 18.34
C ASN W 518 5.67 -2.05 17.44
N PHE W 519 5.69 -2.29 16.13
CA PHE W 519 6.23 -1.30 15.20
C PHE W 519 5.30 -0.11 14.98
N TYR W 520 4.03 -0.19 15.39
CA TYR W 520 3.15 0.96 15.28
C TYR W 520 3.61 2.11 16.16
N TYR W 521 4.29 1.81 17.26
CA TYR W 521 4.80 2.82 18.17
C TYR W 521 6.22 3.24 17.87
N ASN W 522 6.69 2.99 16.64
CA ASN W 522 7.97 3.48 16.16
C ASN W 522 7.73 4.83 15.50
N PRO W 523 8.27 5.93 16.03
CA PRO W 523 7.94 7.25 15.46
C PRO W 523 8.42 7.47 14.03
N PHE W 524 9.57 6.89 13.66
CA PHE W 524 10.03 7.01 12.29
C PHE W 524 9.28 6.10 11.33
N HIS W 525 8.58 5.09 11.86
CA HIS W 525 7.64 4.30 11.04
C HIS W 525 6.43 5.18 10.79
N MET W 526 6.02 6.01 11.76
CA MET W 526 4.93 6.96 11.52
C MET W 526 5.32 7.97 10.47
N LEU W 527 6.55 8.51 10.53
CA LEU W 527 7.00 9.44 9.51
C LEU W 527 7.04 8.79 8.13
N SER W 528 7.54 7.55 8.04
CA SER W 528 7.57 6.86 6.76
C SER W 528 6.17 6.69 6.19
N ILE W 529 5.20 6.33 7.02
CA ILE W 529 3.84 6.12 6.50
C ILE W 529 3.23 7.44 6.09
N PHE W 530 3.51 8.51 6.85
CA PHE W 530 3.11 9.86 6.44
C PHE W 530 3.57 10.15 5.02
N PHE W 531 4.86 9.93 4.75
CA PHE W 531 5.40 10.28 3.43
C PHE W 531 4.91 9.33 2.33
N LEU W 532 4.72 8.05 2.64
CA LEU W 532 4.24 7.10 1.63
C LEU W 532 2.81 7.43 1.20
N LEU W 533 1.92 7.66 2.17
CA LEU W 533 0.55 7.99 1.83
C LEU W 533 0.45 9.36 1.18
N GLY W 534 1.30 10.30 1.58
CA GLY W 534 1.36 11.57 0.89
C GLY W 534 1.81 11.44 -0.56
N SER W 535 2.76 10.54 -0.81
CA SER W 535 3.21 10.29 -2.18
C SER W 535 2.09 9.74 -3.04
N THR W 536 1.34 8.77 -2.51
CA THR W 536 0.22 8.23 -3.28
C THR W 536 -0.85 9.29 -3.55
N LEU W 537 -1.18 10.09 -2.53
CA LEU W 537 -2.16 11.17 -2.70
C LEU W 537 -1.70 12.18 -3.75
N LEU W 538 -0.43 12.58 -3.70
CA LEU W 538 0.08 13.59 -4.63
C LEU W 538 0.16 13.06 -6.05
N LEU W 539 0.55 11.79 -6.22
CA LEU W 539 0.55 11.20 -7.55
C LEU W 539 -0.84 11.18 -8.16
N ALA W 540 -1.83 10.76 -7.38
CA ALA W 540 -3.20 10.73 -7.89
C ALA W 540 -3.68 12.13 -8.25
N MET W 541 -3.41 13.12 -7.39
CA MET W 541 -3.86 14.49 -7.64
C MET W 541 -3.23 15.06 -8.91
N HIS W 542 -1.91 14.92 -9.06
CA HIS W 542 -1.25 15.48 -10.25
C HIS W 542 -1.73 14.80 -11.52
N GLY W 543 -1.81 13.46 -11.51
CA GLY W 543 -2.28 12.78 -12.70
C GLY W 543 -3.68 13.18 -13.09
N ALA W 544 -4.60 13.22 -12.11
CA ALA W 544 -5.98 13.57 -12.41
C ALA W 544 -6.11 14.99 -12.93
N THR W 545 -5.40 15.94 -12.31
CA THR W 545 -5.54 17.33 -12.75
C THR W 545 -4.83 17.61 -14.07
N ILE W 546 -3.85 16.80 -14.45
CA ILE W 546 -3.27 17.00 -15.78
C ILE W 546 -4.13 16.35 -16.86
N VAL W 547 -4.73 15.20 -16.56
CA VAL W 547 -5.61 14.58 -17.54
C VAL W 547 -6.88 15.40 -17.73
N ALA W 548 -7.39 16.01 -16.66
CA ALA W 548 -8.62 16.79 -16.75
C ALA W 548 -8.45 18.05 -17.61
N THR W 549 -7.24 18.60 -17.67
CA THR W 549 -6.96 19.81 -18.43
C THR W 549 -6.20 19.51 -19.72
N SER W 550 -6.20 18.26 -20.17
CA SER W 550 -5.37 17.85 -21.30
C SER W 550 -5.93 18.30 -22.64
N LYS W 551 -7.14 18.87 -22.68
CA LYS W 551 -7.69 19.38 -23.92
C LYS W 551 -6.87 20.53 -24.47
N TRP W 552 -6.19 21.27 -23.59
CA TRP W 552 -5.35 22.40 -23.97
C TRP W 552 -3.87 22.08 -23.84
N LYS W 553 -3.51 20.80 -24.00
CA LYS W 553 -2.12 20.36 -24.09
C LYS W 553 -1.31 20.73 -22.87
N SER W 554 -1.88 20.51 -21.68
CA SER W 554 -1.19 20.83 -20.43
C SER W 554 -0.11 19.82 -20.07
N GLU W 555 -0.13 18.63 -20.67
CA GLU W 555 0.83 17.60 -20.33
C GLU W 555 2.19 17.81 -20.98
N MET W 556 2.32 18.79 -21.86
CA MET W 556 3.60 19.14 -22.47
C MET W 556 4.35 20.06 -21.51
N GLU W 557 4.74 19.48 -20.37
CA GLU W 557 5.32 20.22 -19.26
C GLU W 557 6.68 20.82 -19.59
N PHE W 558 7.33 20.41 -20.67
CA PHE W 558 8.59 21.02 -21.07
C PHE W 558 8.37 22.42 -21.63
N THR W 559 7.37 22.60 -22.48
CA THR W 559 7.09 23.90 -23.06
C THR W 559 6.21 24.77 -22.17
N GLU W 560 5.57 24.19 -21.15
CA GLU W 560 4.80 24.96 -20.19
C GLU W 560 5.66 25.65 -19.15
N MET W 561 6.93 25.28 -19.04
CA MET W 561 7.87 25.95 -18.14
C MET W 561 8.54 27.14 -18.81
N MET W 562 8.15 27.48 -20.04
CA MET W 562 8.59 28.69 -20.71
C MET W 562 7.47 29.72 -20.90
N ALA W 563 6.23 29.25 -21.03
CA ALA W 563 5.06 30.12 -21.08
C ALA W 563 3.83 29.26 -20.88
N GLU W 564 2.97 29.64 -19.95
CA GLU W 564 1.84 28.82 -19.53
C GLU W 564 0.57 29.21 -20.25
N GLY W 565 -0.13 28.22 -20.80
CA GLY W 565 -1.33 28.44 -21.55
C GLY W 565 -2.59 28.07 -20.78
N PRO W 566 -3.72 27.94 -21.49
CA PRO W 566 -5.01 27.79 -20.80
C PRO W 566 -5.12 26.59 -19.89
N GLY W 567 -4.48 25.46 -20.22
CA GLY W 567 -4.58 24.29 -19.37
C GLY W 567 -3.96 24.51 -18.00
N THR W 568 -2.75 25.06 -17.97
CA THR W 568 -2.08 25.30 -16.69
C THR W 568 -2.79 26.38 -15.89
N GLN W 569 -3.30 27.40 -16.57
CA GLN W 569 -4.07 28.44 -15.90
C GLN W 569 -5.33 27.85 -15.25
N ARG W 570 -6.02 26.96 -15.95
CA ARG W 570 -7.21 26.32 -15.38
C ARG W 570 -6.85 25.42 -14.20
N ALA W 571 -5.74 24.69 -14.29
CA ALA W 571 -5.33 23.85 -13.16
C ALA W 571 -5.01 24.70 -11.92
N GLN W 572 -4.29 25.79 -12.12
CA GLN W 572 -3.99 26.70 -11.02
C GLN W 572 -5.26 27.27 -10.41
N LEU W 573 -6.20 27.71 -11.24
CA LEU W 573 -7.44 28.27 -10.72
C LEU W 573 -8.27 27.23 -9.98
N PHE W 574 -8.31 25.99 -10.49
CA PHE W 574 -9.03 24.93 -9.80
C PHE W 574 -8.50 24.74 -8.39
N TRP W 575 -7.20 24.55 -8.26
CA TRP W 575 -6.68 24.27 -6.92
C TRP W 575 -6.67 25.50 -6.04
N ARG W 576 -6.65 26.71 -6.60
CA ARG W 576 -6.76 27.91 -5.77
C ARG W 576 -8.18 28.07 -5.23
N TRP W 577 -9.20 27.82 -6.06
CA TRP W 577 -10.58 27.93 -5.60
C TRP W 577 -10.98 26.78 -4.70
N VAL W 578 -10.24 25.66 -4.72
CA VAL W 578 -10.52 24.57 -3.80
C VAL W 578 -9.79 24.75 -2.48
N MET W 579 -8.46 24.89 -2.52
CA MET W 579 -7.65 24.90 -1.30
C MET W 579 -7.28 26.29 -0.80
N GLY W 580 -7.34 27.31 -1.65
CA GLY W 580 -6.81 28.61 -1.29
C GLY W 580 -5.36 28.83 -1.65
N TRP W 581 -4.67 27.83 -2.20
CA TRP W 581 -3.31 28.01 -2.68
C TRP W 581 -3.04 26.97 -3.76
N ASN W 582 -2.06 27.27 -4.61
CA ASN W 582 -1.74 26.42 -5.75
C ASN W 582 -0.23 26.45 -5.99
N ALA W 583 0.20 25.91 -7.12
CA ALA W 583 1.61 25.75 -7.45
C ALA W 583 1.82 26.07 -8.93
N ASN W 584 2.98 25.71 -9.45
CA ASN W 584 3.40 25.93 -10.82
C ASN W 584 3.38 24.60 -11.57
N SER W 585 3.74 24.66 -12.85
CA SER W 585 4.09 23.48 -13.61
C SER W 585 5.55 23.09 -13.39
N TYR W 586 6.25 23.77 -12.50
CA TYR W 586 7.64 23.48 -12.18
C TYR W 586 7.82 22.91 -10.78
N ASN W 587 7.31 23.58 -9.74
CA ASN W 587 7.61 23.18 -8.37
C ASN W 587 6.71 22.05 -7.86
N ILE W 588 5.65 21.70 -8.58
CA ILE W 588 4.86 20.54 -8.21
C ILE W 588 5.72 19.27 -8.30
N HIS W 589 6.59 19.21 -9.31
CA HIS W 589 7.48 18.06 -9.44
C HIS W 589 8.59 18.10 -8.40
N ILE W 590 8.90 19.26 -7.84
CA ILE W 590 9.78 19.34 -6.67
C ILE W 590 9.13 18.70 -5.46
N TRP W 591 7.85 19.04 -5.22
CA TRP W 591 7.10 18.37 -4.15
C TRP W 591 7.12 16.86 -4.35
N ALA W 592 6.90 16.41 -5.59
CA ALA W 592 6.92 14.98 -5.90
C ALA W 592 8.25 14.34 -5.52
N TRP W 593 9.36 14.94 -5.98
CA TRP W 593 10.68 14.37 -5.71
C TRP W 593 10.94 14.26 -4.21
N TRP W 594 10.67 15.32 -3.46
CA TRP W 594 11.06 15.29 -2.05
C TRP W 594 10.13 14.40 -1.22
N PHE W 595 8.84 14.37 -1.56
CA PHE W 595 7.93 13.47 -0.84
C PHE W 595 8.29 12.02 -1.09
N ALA W 596 8.69 11.66 -2.31
CA ALA W 596 9.10 10.29 -2.55
C ALA W 596 10.46 9.98 -1.94
N ALA W 597 11.33 10.98 -1.81
CA ALA W 597 12.66 10.73 -1.26
C ALA W 597 12.65 10.53 0.25
N PHE W 598 11.85 11.32 0.97
CA PHE W 598 11.88 11.27 2.43
C PHE W 598 11.46 9.91 2.99
N THR W 599 10.65 9.16 2.23
CA THR W 599 10.11 7.90 2.71
C THR W 599 11.22 6.91 3.06
N ALA W 600 12.15 6.70 2.12
CA ALA W 600 13.20 5.71 2.32
C ALA W 600 14.17 6.15 3.41
N ILE W 601 14.46 7.44 3.52
CA ILE W 601 15.40 7.93 4.51
C ILE W 601 14.83 7.75 5.92
N THR W 602 13.58 8.15 6.12
CA THR W 602 12.95 7.96 7.43
C THR W 602 12.82 6.48 7.75
N GLY W 603 12.47 5.65 6.77
CA GLY W 603 12.38 4.22 7.01
C GLY W 603 13.71 3.60 7.40
N ALA W 604 14.80 4.01 6.74
CA ALA W 604 16.11 3.49 7.07
C ALA W 604 16.51 3.86 8.49
N ILE W 605 16.29 5.12 8.88
CA ILE W 605 16.63 5.53 10.25
C ILE W 605 15.82 4.73 11.26
N GLY W 606 14.52 4.58 11.01
CA GLY W 606 13.68 3.84 11.95
C GLY W 606 14.09 2.38 12.08
N LEU W 607 14.33 1.71 10.95
CA LEU W 607 14.73 0.32 11.01
C LEU W 607 16.08 0.14 11.70
N PHE W 608 17.03 1.03 11.44
CA PHE W 608 18.32 0.89 12.10
C PHE W 608 18.19 1.08 13.60
N LEU W 609 17.40 2.07 14.04
CA LEU W 609 17.21 2.26 15.47
C LEU W 609 16.41 1.14 16.11
N SER W 610 15.70 0.34 15.32
CA SER W 610 14.71 -0.59 15.86
C SER W 610 15.33 -1.59 16.85
N GLY W 611 16.47 -2.17 16.53
CA GLY W 611 16.97 -3.20 17.42
C GLY W 611 18.10 -2.78 18.33
N THR W 612 18.84 -1.75 17.90
CA THR W 612 20.13 -1.41 18.51
C THR W 612 20.01 -0.42 19.66
N LEU W 613 18.99 0.45 19.66
CA LEU W 613 18.83 1.42 20.73
C LEU W 613 17.55 1.23 21.53
N VAL W 614 16.44 0.92 20.88
CA VAL W 614 15.16 0.73 21.55
C VAL W 614 14.69 -0.69 21.30
N PRO W 615 14.94 -1.61 22.24
CA PRO W 615 14.56 -3.01 22.04
C PRO W 615 13.08 -3.30 22.17
N ASP W 616 12.24 -2.30 22.45
CA ASP W 616 10.83 -2.51 22.69
C ASP W 616 10.13 -1.18 22.51
N TRP W 617 9.26 -1.08 21.52
CA TRP W 617 8.68 0.21 21.16
C TRP W 617 7.41 0.53 21.94
N TYR W 618 6.63 -0.47 22.35
CA TYR W 618 5.45 -0.19 23.15
C TYR W 618 5.82 0.32 24.55
N ALA W 619 6.84 -0.30 25.17
CA ALA W 619 7.30 0.18 26.47
C ALA W 619 7.90 1.58 26.37
N TRP W 620 8.67 1.83 25.31
CA TRP W 620 9.20 3.17 25.09
C TRP W 620 8.08 4.19 24.92
N GLY W 621 7.06 3.86 24.13
CA GLY W 621 5.93 4.76 23.97
C GLY W 621 5.18 4.99 25.26
N GLU W 622 5.14 3.99 26.13
CA GLU W 622 4.57 4.20 27.46
C GLU W 622 5.38 5.20 28.27
N THR W 623 6.70 5.09 28.23
CA THR W 623 7.53 6.06 28.94
C THR W 623 7.48 7.44 28.32
N ALA W 624 7.15 7.54 27.03
CA ALA W 624 7.11 8.80 26.31
C ALA W 624 5.72 9.42 26.25
N LYS W 625 4.72 8.79 26.88
CA LYS W 625 3.38 9.38 27.07
C LYS W 625 2.58 9.46 25.76
N ILE W 626 2.65 8.41 24.94
CA ILE W 626 1.92 8.42 23.67
C ILE W 626 1.02 7.19 23.53
N VAL W 627 0.80 6.45 24.62
CA VAL W 627 -0.04 5.26 24.61
C VAL W 627 -1.27 5.53 25.45
N ALA W 628 -2.45 5.20 24.90
CA ALA W 628 -3.72 5.40 25.58
C ALA W 628 -3.95 4.33 26.64
N PRO W 629 -4.66 4.67 27.73
CA PRO W 629 -4.82 3.72 28.85
C PRO W 629 -5.58 2.43 28.52
N TRP W 630 -6.81 2.54 28.03
CA TRP W 630 -7.65 1.38 27.69
C TRP W 630 -7.82 0.41 28.86
N PRO W 631 -8.56 0.79 29.91
CA PRO W 631 -8.65 -0.08 31.09
C PRO W 631 -9.69 -1.19 30.99
N ASN W 632 -10.77 -0.97 30.25
CA ASN W 632 -11.86 -1.94 30.12
C ASN W 632 -12.19 -2.16 28.66
N PRO W 633 -11.40 -2.97 27.95
CA PRO W 633 -11.71 -3.26 26.54
C PRO W 633 -12.98 -4.06 26.38
N ASP W 634 -13.66 -3.83 25.26
CA ASP W 634 -14.83 -4.60 24.85
C ASP W 634 -14.34 -5.67 23.89
N TRP W 635 -14.00 -6.84 24.43
CA TRP W 635 -13.34 -7.87 23.65
C TRP W 635 -14.30 -8.78 22.91
N ALA W 636 -15.60 -8.61 23.08
CA ALA W 636 -16.57 -9.41 22.34
C ALA W 636 -16.48 -9.17 20.85
N GLN W 637 -15.82 -8.08 20.43
CA GLN W 637 -15.61 -7.85 19.00
C GLN W 637 -14.56 -8.77 18.42
N TYR W 638 -13.58 -9.20 19.23
CA TYR W 638 -12.40 -9.89 18.73
C TYR W 638 -12.45 -11.39 18.94
N VAL W 639 -13.62 -11.96 19.19
CA VAL W 639 -13.78 -13.39 19.43
C VAL W 639 -14.91 -13.90 18.56
N PHE W 640 -14.69 -15.02 17.88
CA PHE W 640 -15.74 -15.69 17.11
C PHE W 640 -16.61 -16.51 18.05
N ASP X 3 17.88 49.13 1.29
CA ASP X 3 16.82 48.13 1.33
C ASP X 3 16.92 47.31 2.61
N ARG X 4 15.83 47.28 3.37
CA ARG X 4 15.83 46.60 4.65
C ARG X 4 15.75 45.08 4.44
N PRO X 5 16.36 44.30 5.34
CA PRO X 5 16.33 42.84 5.20
C PRO X 5 14.94 42.24 5.35
N PHE X 6 14.23 42.63 6.41
CA PHE X 6 12.92 42.09 6.71
C PHE X 6 11.86 43.17 6.62
N GLU X 7 10.64 42.76 6.30
CA GLU X 7 9.49 43.65 6.32
C GLU X 7 8.88 43.71 7.71
N PHE X 8 8.06 44.74 7.92
CA PHE X 8 7.40 44.92 9.20
C PHE X 8 6.30 43.89 9.41
N ARG X 9 5.60 43.52 8.33
CA ARG X 9 4.51 42.55 8.44
C ARG X 9 5.02 41.18 8.90
N THR X 10 6.13 40.72 8.33
CA THR X 10 6.66 39.41 8.70
C THR X 10 7.12 39.41 10.14
N SER X 11 7.75 40.50 10.59
CA SER X 11 8.18 40.60 11.97
C SER X 11 6.98 40.54 12.92
N VAL X 12 5.91 41.27 12.58
CA VAL X 12 4.72 41.27 13.43
C VAL X 12 4.10 39.89 13.50
N VAL X 13 3.96 39.23 12.35
CA VAL X 13 3.33 37.90 12.32
C VAL X 13 4.15 36.90 13.12
N VAL X 14 5.47 36.87 12.89
CA VAL X 14 6.32 35.90 13.57
C VAL X 14 6.31 36.12 15.08
N SER X 15 6.46 37.38 15.52
CA SER X 15 6.51 37.65 16.95
C SER X 15 5.18 37.34 17.63
N THR X 16 4.06 37.72 16.99
CA THR X 16 2.75 37.46 17.58
C THR X 16 2.48 35.97 17.71
N LEU X 17 2.75 35.20 16.66
CA LEU X 17 2.53 33.77 16.72
C LEU X 17 3.41 33.11 17.76
N LEU X 18 4.68 33.52 17.84
CA LEU X 18 5.58 32.94 18.83
C LEU X 18 5.10 33.22 20.24
N GLY X 19 4.67 34.45 20.51
CA GLY X 19 4.18 34.78 21.84
C GLY X 19 2.95 33.98 22.23
N LEU X 20 1.98 33.87 21.31
CA LEU X 20 0.77 33.10 21.62
C LEU X 20 1.09 31.63 21.86
N VAL X 21 1.95 31.04 21.03
CA VAL X 21 2.28 29.62 21.18
C VAL X 21 3.00 29.38 22.49
N MET X 22 3.94 30.26 22.85
CA MET X 22 4.64 30.09 24.11
C MET X 22 3.70 30.22 25.30
N ALA X 23 2.77 31.18 25.25
CA ALA X 23 1.82 31.33 26.34
C ALA X 23 0.98 30.07 26.53
N LEU X 24 0.45 29.53 25.43
CA LEU X 24 -0.35 28.31 25.52
C LEU X 24 0.48 27.15 26.07
N LEU X 25 1.70 26.97 25.57
CA LEU X 25 2.53 25.85 26.01
C LEU X 25 2.88 25.95 27.49
N ILE X 26 3.24 27.15 27.97
CA ILE X 26 3.61 27.30 29.37
C ILE X 26 2.41 27.08 30.27
N HIS X 27 1.23 27.57 29.87
CA HIS X 27 0.03 27.30 30.67
C HIS X 27 -0.25 25.81 30.75
N PHE X 28 -0.14 25.11 29.62
CA PHE X 28 -0.39 23.67 29.61
C PHE X 28 0.58 22.93 30.51
N VAL X 29 1.87 23.28 30.45
CA VAL X 29 2.88 22.59 31.24
C VAL X 29 2.66 22.85 32.73
N VAL X 30 2.44 24.11 33.12
CA VAL X 30 2.26 24.44 34.52
C VAL X 30 0.98 23.80 35.06
N LEU X 31 -0.06 23.69 34.23
CA LEU X 31 -1.28 23.01 34.68
C LEU X 31 -1.04 21.53 34.89
N SER X 32 -0.36 20.87 33.95
CA SER X 32 -0.18 19.42 34.06
C SER X 32 0.91 19.03 35.05
N SER X 33 1.71 19.97 35.54
CA SER X 33 2.76 19.63 36.49
C SER X 33 2.19 19.13 37.81
N GLY X 34 1.11 19.75 38.29
CA GLY X 34 0.56 19.44 39.59
C GLY X 34 1.19 20.17 40.75
N ALA X 35 2.05 21.16 40.50
CA ALA X 35 2.73 21.86 41.58
C ALA X 35 1.80 22.84 42.28
N PHE X 36 0.96 23.55 41.53
CA PHE X 36 0.06 24.56 42.08
C PHE X 36 -1.33 23.96 42.26
N ASN X 37 -2.09 24.52 43.20
CA ASN X 37 -3.45 24.07 43.42
C ASN X 37 -4.30 24.32 42.19
N TRP X 38 -4.54 25.59 41.86
CA TRP X 38 -5.24 26.00 40.65
C TRP X 38 -6.57 25.25 40.48
N LEU X 39 -6.69 24.42 39.44
CA LEU X 39 -7.99 23.87 39.04
C LEU X 39 -8.22 22.46 39.60
N ARG X 40 -7.78 22.20 40.83
CA ARG X 40 -8.06 20.93 41.46
C ARG X 40 -9.52 20.80 41.84
N ALA X 41 -10.03 19.58 41.78
CA ALA X 41 -11.42 19.30 42.13
C ALA X 41 -11.67 19.54 43.61
N GLN Y 6 6.02 60.67 2.21
CA GLN Y 6 6.15 59.23 2.40
C GLN Y 6 6.54 58.91 3.84
N ASN Y 7 7.68 59.44 4.29
CA ASN Y 7 8.15 59.26 5.68
C ASN Y 7 8.49 60.62 6.26
N ASP Y 8 7.50 61.30 6.82
CA ASP Y 8 7.68 62.61 7.43
C ASP Y 8 7.70 62.55 8.95
N LEU Y 9 6.90 61.66 9.55
CA LEU Y 9 6.86 61.53 11.00
C LEU Y 9 8.00 60.69 11.55
N VAL Y 10 8.67 59.91 10.70
CA VAL Y 10 9.76 59.04 11.16
C VAL Y 10 10.98 59.90 11.48
N PRO Y 11 11.65 59.68 12.62
CA PRO Y 11 12.89 60.41 12.89
C PRO Y 11 13.95 60.08 11.85
N ASP Y 12 14.91 60.99 11.71
CA ASP Y 12 15.88 60.88 10.62
C ASP Y 12 16.72 59.62 10.73
N GLN Y 13 16.95 59.12 11.95
CA GLN Y 13 17.80 57.95 12.11
C GLN Y 13 17.15 56.70 11.52
N TRP Y 14 15.84 56.55 11.68
CA TRP Y 14 15.14 55.34 11.29
C TRP Y 14 14.38 55.48 9.98
N LYS Y 15 14.66 56.53 9.21
CA LYS Y 15 14.02 56.70 7.92
C LYS Y 15 14.29 55.54 6.94
N PRO Y 16 15.50 54.98 6.83
CA PRO Y 16 15.71 53.88 5.89
C PRO Y 16 14.96 52.60 6.24
N LEU Y 17 14.21 52.56 7.35
CA LEU Y 17 13.54 51.33 7.78
C LEU Y 17 12.03 51.44 7.93
N PHE Y 18 11.49 52.65 8.13
CA PHE Y 18 10.06 52.85 8.33
C PHE Y 18 9.52 53.91 7.39
N ASN Y 19 8.23 53.80 7.08
CA ASN Y 19 7.44 54.91 6.58
C ASN Y 19 6.35 55.21 7.59
N ASN Y 20 5.76 56.40 7.49
CA ASN Y 20 4.95 56.91 8.60
C ASN Y 20 3.68 56.12 8.86
N ALA Y 21 3.29 55.23 7.95
CA ALA Y 21 2.15 54.35 8.22
C ALA Y 21 2.55 53.12 9.04
N GLU Y 22 3.84 52.86 9.21
CA GLU Y 22 4.32 51.77 10.03
C GLU Y 22 4.88 52.23 11.37
N TRP Y 23 5.30 53.50 11.46
CA TRP Y 23 5.76 54.06 12.72
C TRP Y 23 4.66 54.06 13.77
N LEU Y 24 3.43 54.38 13.35
CA LEU Y 24 2.29 54.40 14.27
C LEU Y 24 1.96 53.00 14.78
N VAL Y 25 1.91 52.02 13.89
CA VAL Y 25 1.64 50.65 14.30
C VAL Y 25 2.75 50.14 15.21
N HIS Y 26 4.00 50.50 14.92
CA HIS Y 26 5.11 50.13 15.77
C HIS Y 26 4.94 50.70 17.19
N ASP Y 27 4.55 51.97 17.28
CA ASP Y 27 4.33 52.57 18.59
C ASP Y 27 3.23 51.85 19.35
N ILE Y 28 2.13 51.50 18.66
CA ILE Y 28 1.05 50.76 19.30
C ILE Y 28 1.57 49.44 19.85
N VAL Y 29 2.36 48.72 19.05
CA VAL Y 29 2.86 47.41 19.45
C VAL Y 29 3.77 47.53 20.68
N VAL Y 30 4.65 48.52 20.71
CA VAL Y 30 5.58 48.63 21.83
C VAL Y 30 4.84 49.02 23.11
N LYS Y 31 3.79 49.86 22.99
CA LYS Y 31 2.98 50.17 24.16
C LYS Y 31 2.27 48.93 24.70
N THR Y 32 1.73 48.11 23.79
CA THR Y 32 1.10 46.85 24.21
C THR Y 32 2.09 45.96 24.94
N ILE Y 33 3.32 45.87 24.42
CA ILE Y 33 4.33 45.01 25.04
C ILE Y 33 4.71 45.52 26.42
N TYR Y 34 4.82 46.84 26.59
CA TYR Y 34 5.13 47.39 27.90
C TYR Y 34 4.03 47.09 28.92
N GLY Y 35 2.78 47.27 28.53
CA GLY Y 35 1.68 46.93 29.44
C GLY Y 35 1.67 45.46 29.80
N GLY Y 36 1.88 44.59 28.82
CA GLY Y 36 1.94 43.17 29.09
C GLY Y 36 3.06 42.81 30.04
N LEU Y 37 4.23 43.42 29.88
CA LEU Y 37 5.36 43.13 30.76
C LEU Y 37 5.08 43.57 32.20
N ILE Y 38 4.44 44.73 32.38
CA ILE Y 38 4.10 45.17 33.73
C ILE Y 38 3.15 44.17 34.39
N ILE Y 39 2.11 43.78 33.66
CA ILE Y 39 1.14 42.82 34.21
C ILE Y 39 1.83 41.49 34.53
N ALA Y 40 2.75 41.06 33.66
CA ALA Y 40 3.44 39.78 33.86
C ALA Y 40 4.32 39.82 35.11
N VAL Y 41 5.02 40.92 35.34
CA VAL Y 41 5.83 41.04 36.56
C VAL Y 41 4.95 40.95 37.79
N ILE Y 42 3.82 41.66 37.78
CA ILE Y 42 2.92 41.61 38.94
C ILE Y 42 2.42 40.19 39.17
N ALA Y 43 2.03 39.49 38.09
CA ALA Y 43 1.52 38.13 38.22
C ALA Y 43 2.57 37.18 38.77
N HIS Y 44 3.82 37.30 38.31
CA HIS Y 44 4.87 36.43 38.80
C HIS Y 44 5.15 36.68 40.28
N VAL Y 45 5.16 37.94 40.70
CA VAL Y 45 5.39 38.22 42.12
C VAL Y 45 4.26 37.66 42.98
N LEU Y 46 3.01 37.81 42.54
CA LEU Y 46 1.90 37.24 43.30
C LEU Y 46 1.98 35.73 43.38
N CYS Y 47 2.29 35.07 42.26
CA CYS Y 47 2.37 33.61 42.26
C CYS Y 47 3.50 33.11 43.14
N TRP Y 48 4.65 33.80 43.15
CA TRP Y 48 5.72 33.40 44.06
C TRP Y 48 5.31 33.59 45.52
N ALA Y 49 4.64 34.70 45.83
CA ALA Y 49 4.17 34.89 47.19
C ALA Y 49 3.18 33.80 47.59
N TRP Y 50 2.45 33.25 46.63
CA TRP Y 50 1.51 32.17 46.93
C TRP Y 50 2.21 30.85 47.23
N THR Y 51 2.90 30.27 46.24
CA THR Y 51 3.72 29.08 46.44
C THR Y 51 4.99 29.16 45.62
N PRO Y 52 6.16 29.16 46.25
CA PRO Y 52 7.42 29.16 45.48
C PRO Y 52 7.61 27.87 44.71
N TRP Y 53 8.00 27.99 43.46
CA TRP Y 53 8.19 26.84 42.57
C TRP Y 53 9.62 26.33 42.55
N ILE Y 54 10.52 26.91 43.34
CA ILE Y 54 11.90 26.45 43.45
C ILE Y 54 12.16 26.14 44.91
N ARG Y 55 12.41 24.88 45.21
CA ARG Y 55 12.66 24.46 46.58
C ARG Y 55 14.00 23.73 46.71
N ASP Z 3 2.11 51.45 1.16
CA ASP Z 3 0.87 51.87 1.78
C ASP Z 3 0.90 51.56 3.28
N ARG Z 4 0.10 50.59 3.71
CA ARG Z 4 0.02 50.22 5.10
C ARG Z 4 0.26 48.72 5.26
N PRO Z 5 0.73 48.28 6.44
CA PRO Z 5 1.10 46.87 6.61
C PRO Z 5 -0.06 45.90 6.43
N PHE Z 6 -1.13 46.08 7.20
CA PHE Z 6 -2.26 45.18 7.21
C PHE Z 6 -3.54 45.92 6.83
N GLU Z 7 -4.48 45.18 6.27
CA GLU Z 7 -5.83 45.70 6.04
C GLU Z 7 -6.64 45.61 7.31
N PHE Z 8 -7.79 46.30 7.32
CA PHE Z 8 -8.68 46.25 8.46
C PHE Z 8 -9.42 44.92 8.54
N ARG Z 9 -9.81 44.37 7.38
CA ARG Z 9 -10.63 43.17 7.38
C ARG Z 9 -9.84 41.95 7.85
N THR Z 10 -8.55 41.88 7.52
CA THR Z 10 -7.73 40.77 8.01
C THR Z 10 -7.61 40.81 9.53
N SER Z 11 -7.43 42.00 10.09
CA SER Z 11 -7.38 42.14 11.54
C SER Z 11 -8.69 41.70 12.17
N VAL Z 12 -9.82 42.12 11.59
CA VAL Z 12 -11.11 41.73 12.15
C VAL Z 12 -11.29 40.22 12.13
N VAL Z 13 -10.97 39.60 10.99
CA VAL Z 13 -11.15 38.15 10.85
C VAL Z 13 -10.27 37.41 11.86
N VAL Z 14 -9.01 37.80 11.96
CA VAL Z 14 -8.07 37.10 12.85
C VAL Z 14 -8.52 37.24 14.30
N SER Z 15 -8.88 38.46 14.72
CA SER Z 15 -9.29 38.68 16.11
C SER Z 15 -10.55 37.90 16.45
N THR Z 16 -11.55 37.93 15.57
CA THR Z 16 -12.81 37.24 15.87
C THR Z 16 -12.60 35.73 15.94
N LEU Z 17 -11.84 35.17 15.00
CA LEU Z 17 -11.59 33.73 15.01
C LEU Z 17 -10.83 33.31 16.26
N LEU Z 18 -9.79 34.07 16.63
CA LEU Z 18 -9.01 33.72 17.82
C LEU Z 18 -9.86 33.80 19.08
N GLY Z 19 -10.68 34.85 19.20
CA GLY Z 19 -11.53 34.96 20.37
C GLY Z 19 -12.51 33.81 20.50
N LEU Z 20 -13.15 33.44 19.40
CA LEU Z 20 -14.11 32.34 19.46
C LEU Z 20 -13.45 31.02 19.83
N VAL Z 21 -12.29 30.73 19.23
CA VAL Z 21 -11.59 29.48 19.52
C VAL Z 21 -11.16 29.44 20.99
N MET Z 22 -10.64 30.56 21.50
CA MET Z 22 -10.20 30.57 22.89
C MET Z 22 -11.37 30.40 23.85
N ALA Z 23 -12.52 31.03 23.53
CA ALA Z 23 -13.70 30.87 24.39
C ALA Z 23 -14.12 29.41 24.47
N LEU Z 24 -14.21 28.74 23.31
CA LEU Z 24 -14.60 27.34 23.31
C LEU Z 24 -13.61 26.47 24.07
N LEU Z 25 -12.31 26.71 23.87
CA LEU Z 25 -11.29 25.91 24.54
C LEU Z 25 -11.36 26.08 26.06
N ILE Z 26 -11.51 27.31 26.54
CA ILE Z 26 -11.55 27.55 27.98
C ILE Z 26 -12.80 26.95 28.59
N HIS Z 27 -13.94 27.04 27.94
CA HIS Z 27 -15.19 26.41 28.44
C HIS Z 27 -15.01 24.90 28.52
N PHE Z 28 -14.40 24.27 27.52
CA PHE Z 28 -14.19 22.82 27.56
C PHE Z 28 -13.25 22.42 28.70
N VAL Z 29 -12.15 23.16 28.86
CA VAL Z 29 -11.18 22.81 29.90
C VAL Z 29 -11.79 22.96 31.29
N VAL Z 30 -12.52 24.06 31.52
CA VAL Z 30 -13.09 24.29 32.84
C VAL Z 30 -14.19 23.27 33.15
N LEU Z 31 -14.98 22.89 32.15
CA LEU Z 31 -16.00 21.87 32.38
C LEU Z 31 -15.36 20.50 32.65
N SER Z 32 -14.26 20.19 31.97
CA SER Z 32 -13.60 18.90 32.19
C SER Z 32 -12.82 18.85 33.50
N SER Z 33 -12.42 19.99 34.06
CA SER Z 33 -11.58 19.97 35.25
C SER Z 33 -12.33 19.37 36.44
N GLY Z 34 -13.63 19.61 36.55
CA GLY Z 34 -14.41 19.10 37.65
C GLY Z 34 -14.36 19.92 38.91
N ALA Z 35 -13.81 21.13 38.87
CA ALA Z 35 -13.70 21.96 40.06
C ALA Z 35 -15.00 22.66 40.43
N PHE Z 36 -15.94 22.78 39.50
CA PHE Z 36 -17.20 23.48 39.72
C PHE Z 36 -18.35 22.50 39.64
N ASN Z 37 -19.44 22.83 40.33
CA ASN Z 37 -20.65 22.00 40.34
C ASN Z 37 -21.61 22.47 39.25
N TRP Z 38 -21.17 22.34 38.00
CA TRP Z 38 -21.81 23.02 36.88
C TRP Z 38 -22.83 22.14 36.16
N LEU Z 39 -22.40 21.01 35.58
CA LEU Z 39 -23.35 20.17 34.84
C LEU Z 39 -23.24 18.74 35.34
N ARG Z 40 -23.96 18.48 36.44
CA ARG Z 40 -23.86 17.18 37.13
C ARG Z 40 -25.26 16.60 37.31
N ALA Z 41 -25.42 15.29 37.14
CA ALA Z 41 -26.71 14.62 37.28
C ALA Z 41 -27.15 14.61 38.74
N GLN AA 6 -14.46 60.08 1.72
CA GLN AA 6 -13.23 59.31 1.75
C GLN AA 6 -12.14 60.08 2.49
N ASN AA 7 -11.71 59.53 3.63
CA ASN AA 7 -10.62 60.10 4.43
C ASN AA 7 -10.92 61.54 4.85
N ASP AA 8 -12.19 61.85 5.09
CA ASP AA 8 -12.55 63.17 5.58
C ASP AA 8 -13.23 63.17 6.94
N LEU AA 9 -13.83 62.05 7.36
CA LEU AA 9 -14.29 61.90 8.72
C LEU AA 9 -13.20 61.40 9.66
N VAL AA 10 -12.11 60.87 9.11
CA VAL AA 10 -11.02 60.32 9.91
C VAL AA 10 -10.23 61.47 10.53
N PRO AA 11 -9.81 61.37 11.78
CA PRO AA 11 -8.92 62.40 12.34
C PRO AA 11 -7.60 62.43 11.61
N ASP AA 12 -6.93 63.59 11.68
CA ASP AA 12 -5.74 63.82 10.87
C ASP AA 12 -4.63 62.84 11.20
N GLN AA 13 -4.55 62.37 12.44
CA GLN AA 13 -3.45 61.49 12.84
C GLN AA 13 -3.53 60.14 12.13
N TRP AA 14 -4.73 59.60 11.97
CA TRP AA 14 -4.92 58.23 11.46
C TRP AA 14 -5.34 58.19 10.01
N LYS AA 15 -5.18 59.29 9.27
CA LYS AA 15 -5.57 59.30 7.86
C LYS AA 15 -4.85 58.27 7.00
N PRO AA 16 -3.53 58.03 7.14
CA PRO AA 16 -2.88 57.04 6.29
C PRO AA 16 -3.29 55.60 6.56
N LEU AA 17 -4.21 55.35 7.48
CA LEU AA 17 -4.58 53.99 7.85
C LEU AA 17 -6.06 53.67 7.74
N PHE AA 18 -6.96 54.66 7.73
CA PHE AA 18 -8.39 54.41 7.78
C PHE AA 18 -9.12 55.14 6.67
N ASN AA 19 -10.30 54.62 6.35
CA ASN AA 19 -11.31 55.22 5.49
C ASN AA 19 -12.47 55.71 6.36
N ASN AA 20 -13.54 56.16 5.71
CA ASN AA 20 -14.75 56.51 6.45
C ASN AA 20 -15.49 55.25 6.90
N ALA AA 21 -15.69 54.32 5.97
CA ALA AA 21 -16.38 53.08 6.31
C ALA AA 21 -15.62 52.27 7.34
N GLU AA 22 -14.30 52.17 7.18
CA GLU AA 22 -13.48 51.46 8.14
C GLU AA 22 -13.48 52.16 9.50
N TRP AA 23 -13.55 53.49 9.51
CA TRP AA 23 -13.65 54.21 10.78
C TRP AA 23 -14.94 53.90 11.51
N LEU AA 24 -16.06 53.87 10.78
CA LEU AA 24 -17.35 53.55 11.42
C LEU AA 24 -17.36 52.11 11.95
N VAL AA 25 -16.90 51.16 11.13
CA VAL AA 25 -16.85 49.77 11.58
C VAL AA 25 -15.91 49.62 12.78
N HIS AA 26 -14.80 50.35 12.77
CA HIS AA 26 -13.87 50.31 13.89
C HIS AA 26 -14.53 50.77 15.17
N ASP AA 27 -15.30 51.86 15.10
CA ASP AA 27 -15.98 52.33 16.29
C ASP AA 27 -16.95 51.29 16.83
N ILE AA 28 -17.70 50.64 15.93
CA ILE AA 28 -18.62 49.59 16.37
C ILE AA 28 -17.87 48.47 17.06
N VAL AA 29 -16.75 48.03 16.48
CA VAL AA 29 -16.00 46.90 17.03
C VAL AA 29 -15.44 47.24 18.41
N VAL AA 30 -14.90 48.44 18.59
CA VAL AA 30 -14.30 48.77 19.88
C VAL AA 30 -15.39 48.89 20.96
N LYS AA 31 -16.56 49.42 20.61
CA LYS AA 31 -17.62 49.48 21.61
C LYS AA 31 -18.10 48.07 21.99
N THR AA 32 -18.18 47.17 21.02
CA THR AA 32 -18.51 45.78 21.32
C THR AA 32 -17.49 45.18 22.29
N ILE AA 33 -16.20 45.43 22.05
CA ILE AA 33 -15.16 44.87 22.91
C ILE AA 33 -15.28 45.40 24.32
N TYR AA 34 -15.55 46.71 24.48
CA TYR AA 34 -15.68 47.27 25.82
C TYR AA 34 -16.87 46.67 26.57
N GLY AA 35 -18.02 46.51 25.89
CA GLY AA 35 -19.16 45.89 26.55
C GLY AA 35 -18.90 44.46 26.95
N GLY AA 36 -18.25 43.68 26.07
CA GLY AA 36 -17.90 42.32 26.42
C GLY AA 36 -16.95 42.24 27.60
N LEU AA 37 -16.00 43.17 27.68
CA LEU AA 37 -15.08 43.18 28.82
C LEU AA 37 -15.80 43.47 30.12
N ILE AA 38 -16.77 44.40 30.11
CA ILE AA 38 -17.55 44.66 31.32
C ILE AA 38 -18.28 43.39 31.75
N ILE AA 39 -18.93 42.72 30.81
CA ILE AA 39 -19.66 41.49 31.15
C ILE AA 39 -18.71 40.43 31.70
N ALA AA 40 -17.52 40.30 31.10
CA ALA AA 40 -16.57 39.30 31.56
C ALA AA 40 -16.09 39.59 32.98
N VAL AA 41 -15.87 40.86 33.31
CA VAL AA 41 -15.47 41.20 34.68
C VAL AA 41 -16.55 40.80 35.67
N ILE AA 42 -17.81 41.13 35.35
CA ILE AA 42 -18.90 40.78 36.26
C ILE AA 42 -19.00 39.27 36.42
N ALA AA 43 -18.89 38.53 35.33
CA ALA AA 43 -18.97 37.07 35.39
C ALA AA 43 -17.87 36.49 36.26
N HIS AA 44 -16.65 37.01 36.14
CA HIS AA 44 -15.55 36.51 36.95
C HIS AA 44 -15.77 36.79 38.43
N VAL AA 45 -16.26 37.98 38.77
CA VAL AA 45 -16.51 38.27 40.18
C VAL AA 45 -17.57 37.33 40.74
N LEU AA 46 -18.64 37.08 39.97
CA LEU AA 46 -19.68 36.15 40.44
C LEU AA 46 -19.13 34.74 40.64
N CYS AA 47 -18.33 34.26 39.68
CA CYS AA 47 -17.80 32.90 39.79
C CYS AA 47 -16.82 32.77 40.95
N TRP AA 48 -16.03 33.82 41.22
CA TRP AA 48 -15.16 33.77 42.39
C TRP AA 48 -15.95 33.75 43.68
N ALA AA 49 -17.00 34.58 43.77
CA ALA AA 49 -17.83 34.56 44.97
C ALA AA 49 -18.46 33.19 45.18
N TRP AA 50 -18.82 32.50 44.10
CA TRP AA 50 -19.39 31.16 44.21
C TRP AA 50 -18.36 30.15 44.69
N THR AA 51 -17.30 29.92 43.92
CA THR AA 51 -16.26 28.96 44.24
C THR AA 51 -14.90 29.48 43.78
N PRO AA 52 -14.04 29.90 44.70
CA PRO AA 52 -12.69 30.33 44.31
C PRO AA 52 -11.91 29.19 43.66
N TRP AA 53 -11.12 29.54 42.65
CA TRP AA 53 -10.36 28.57 41.88
C TRP AA 53 -8.87 28.58 42.22
N ILE AA 54 -8.47 29.29 43.27
CA ILE AA 54 -7.10 29.29 43.76
C ILE AA 54 -7.15 29.01 45.25
N ARG AA 55 -6.43 27.98 45.69
CA ARG AA 55 -6.45 27.58 47.08
C ARG AA 55 -5.03 27.30 47.59
N ASP BA 3 -14.58 52.64 0.14
CA ASP BA 3 -15.22 51.34 -0.05
C ASP BA 3 -15.28 50.59 1.27
N ARG BA 4 -16.42 49.94 1.54
CA ARG BA 4 -16.61 49.24 2.78
C ARG BA 4 -15.75 47.97 2.82
N PRO BA 5 -15.30 47.57 4.01
CA PRO BA 5 -14.53 46.33 4.11
C PRO BA 5 -15.35 45.08 3.79
N PHE BA 6 -16.49 44.92 4.43
CA PHE BA 6 -17.29 43.71 4.32
C PHE BA 6 -18.63 44.02 3.64
N GLU BA 7 -19.20 43.00 3.01
CA GLU BA 7 -20.52 43.08 2.42
C GLU BA 7 -21.57 42.63 3.42
N PHE BA 8 -22.82 43.02 3.15
CA PHE BA 8 -23.90 42.66 4.05
C PHE BA 8 -24.29 41.20 3.91
N ARG BA 9 -24.23 40.67 2.68
CA ARG BA 9 -24.62 39.28 2.44
C ARG BA 9 -23.71 38.32 3.18
N THR BA 10 -22.40 38.58 3.09
CA THR BA 10 -21.38 37.75 3.77
C THR BA 10 -21.62 37.78 5.27
N SER BA 11 -21.90 38.93 5.85
CA SER BA 11 -22.16 39.07 7.27
C SER BA 11 -23.38 38.26 7.70
N VAL BA 12 -24.47 38.36 6.93
CA VAL BA 12 -25.68 37.61 7.24
C VAL BA 12 -25.40 36.12 7.21
N VAL BA 13 -24.69 35.65 6.18
CA VAL BA 13 -24.43 34.23 6.01
C VAL BA 13 -23.59 33.70 7.16
N VAL BA 14 -22.51 34.42 7.50
CA VAL BA 14 -21.61 33.96 8.56
C VAL BA 14 -22.30 33.94 9.91
N SER BA 15 -23.07 34.99 10.24
CA SER BA 15 -23.74 35.02 11.52
C SER BA 15 -24.80 33.92 11.62
N THR BA 16 -25.56 33.69 10.55
CA THR BA 16 -26.57 32.64 10.58
C THR BA 16 -25.93 31.26 10.77
N LEU BA 17 -24.83 31.01 10.06
CA LEU BA 17 -24.12 29.74 10.22
C LEU BA 17 -23.66 29.54 11.65
N LEU BA 18 -23.04 30.58 12.24
CA LEU BA 18 -22.53 30.44 13.60
C LEU BA 18 -23.65 30.20 14.59
N GLY BA 19 -24.76 30.92 14.45
CA GLY BA 19 -25.89 30.71 15.36
C GLY BA 19 -26.44 29.30 15.28
N LEU BA 20 -26.61 28.78 14.06
CA LEU BA 20 -27.15 27.43 13.91
C LEU BA 20 -26.21 26.39 14.52
N VAL BA 21 -24.91 26.52 14.26
CA VAL BA 21 -23.95 25.56 14.79
C VAL BA 21 -23.94 25.58 16.30
N MET BA 22 -23.95 26.77 16.90
CA MET BA 22 -23.93 26.85 18.36
C MET BA 22 -25.21 26.29 18.98
N ALA BA 23 -26.37 26.56 18.37
CA ALA BA 23 -27.61 26.01 18.89
C ALA BA 23 -27.59 24.49 18.89
N LEU BA 24 -27.17 23.90 17.76
CA LEU BA 24 -27.11 22.44 17.69
C LEU BA 24 -26.14 21.86 18.71
N LEU BA 25 -24.96 22.47 18.85
CA LEU BA 25 -23.97 21.97 19.79
C LEU BA 25 -24.49 22.01 21.22
N ILE BA 26 -25.09 23.12 21.63
CA ILE BA 26 -25.55 23.25 23.00
C ILE BA 26 -26.70 22.28 23.28
N HIS BA 27 -27.64 22.11 22.37
CA HIS BA 27 -28.76 21.16 22.53
C HIS BA 27 -28.24 19.73 22.65
N PHE BA 28 -27.22 19.36 21.86
CA PHE BA 28 -26.70 17.99 21.95
C PHE BA 28 -25.89 17.76 23.21
N VAL BA 29 -25.18 18.78 23.70
CA VAL BA 29 -24.43 18.62 24.95
C VAL BA 29 -25.39 18.50 26.13
N VAL BA 30 -26.39 19.38 26.19
CA VAL BA 30 -27.31 19.37 27.33
C VAL BA 30 -28.15 18.10 27.35
N LEU BA 31 -28.52 17.57 26.19
CA LEU BA 31 -29.35 16.37 26.15
C LEU BA 31 -28.66 15.19 26.80
N SER BA 32 -27.39 14.97 26.48
CA SER BA 32 -26.66 13.82 26.96
C SER BA 32 -25.92 14.08 28.27
N SER BA 33 -25.90 15.31 28.75
CA SER BA 33 -25.26 15.58 30.05
C SER BA 33 -25.93 14.81 31.18
N GLY BA 34 -27.24 14.58 31.09
CA GLY BA 34 -27.97 13.89 32.13
C GLY BA 34 -28.45 14.76 33.27
N ALA BA 35 -28.24 16.07 33.20
CA ALA BA 35 -28.60 16.95 34.30
C ALA BA 35 -30.10 17.22 34.35
N PHE BA 36 -30.76 17.25 33.20
CA PHE BA 36 -32.18 17.57 33.12
C PHE BA 36 -32.99 16.32 32.79
N ASN BA 37 -34.22 16.27 33.32
CA ASN BA 37 -35.11 15.14 33.10
C ASN BA 37 -35.93 15.38 31.83
N TRP BA 38 -35.23 15.32 30.70
CA TRP BA 38 -35.79 15.66 29.41
C TRP BA 38 -35.53 14.52 28.42
N LEU BA 39 -36.59 14.03 27.78
CA LEU BA 39 -36.52 12.94 26.81
C LEU BA 39 -35.87 11.68 27.41
N ARG BA 40 -36.37 11.28 28.58
CA ARG BA 40 -35.86 10.11 29.29
C ARG BA 40 -36.74 8.89 29.03
N ALA BA 41 -36.12 7.77 28.70
CA ALA BA 41 -36.85 6.52 28.51
C ALA BA 41 -37.43 6.02 29.83
N GLN CA 6 -30.68 54.74 -5.84
CA GLN CA 6 -30.08 53.85 -4.86
C GLN CA 6 -30.37 54.34 -3.45
N ASN CA 7 -29.32 54.60 -2.68
CA ASN CA 7 -29.48 54.93 -1.27
C ASN CA 7 -30.01 56.34 -1.08
N ASP CA 8 -31.35 56.50 -1.12
CA ASP CA 8 -31.96 57.80 -0.88
C ASP CA 8 -32.83 57.83 0.36
N LEU CA 9 -33.09 56.69 1.01
CA LEU CA 9 -33.77 56.66 2.29
C LEU CA 9 -32.89 56.07 3.40
N VAL CA 10 -31.63 55.76 3.08
CA VAL CA 10 -30.64 55.40 4.10
C VAL CA 10 -30.23 56.67 4.82
N PRO CA 11 -30.05 56.64 6.14
CA PRO CA 11 -29.61 57.85 6.85
C PRO CA 11 -28.23 58.30 6.37
N ASP CA 12 -27.98 59.61 6.50
CA ASP CA 12 -26.76 60.19 5.97
C ASP CA 12 -25.51 59.58 6.61
N GLN CA 13 -25.62 59.13 7.85
CA GLN CA 13 -24.45 58.59 8.54
C GLN CA 13 -23.99 57.28 7.93
N TRP CA 14 -24.94 56.44 7.48
CA TRP CA 14 -24.64 55.10 7.00
C TRP CA 14 -24.71 54.98 5.49
N LYS CA 15 -24.61 56.11 4.78
CA LYS CA 15 -24.62 56.08 3.32
C LYS CA 15 -23.47 55.27 2.73
N PRO CA 16 -22.21 55.41 3.17
CA PRO CA 16 -21.13 54.65 2.52
C PRO CA 16 -21.21 53.15 2.71
N LEU CA 17 -22.02 52.66 3.65
CA LEU CA 17 -22.02 51.25 3.99
C LEU CA 17 -23.24 50.48 3.47
N PHE CA 18 -24.40 51.12 3.37
CA PHE CA 18 -25.63 50.42 3.06
C PHE CA 18 -26.23 50.88 1.74
N ASN CA 19 -27.20 50.12 1.29
CA ASN CA 19 -27.93 50.32 0.04
C ASN CA 19 -29.41 50.53 0.38
N ASN CA 20 -30.24 50.62 -0.65
CA ASN CA 20 -31.67 50.85 -0.43
C ASN CA 20 -32.39 49.58 0.02
N ALA CA 21 -32.01 48.42 -0.54
CA ALA CA 21 -32.62 47.15 -0.17
C ALA CA 21 -31.95 46.50 1.03
N GLU CA 22 -30.63 46.65 1.14
CA GLU CA 22 -29.92 46.12 2.29
C GLU CA 22 -30.37 46.78 3.58
N TRP CA 23 -30.82 48.02 3.53
CA TRP CA 23 -31.34 48.69 4.72
C TRP CA 23 -32.60 48.00 5.22
N LEU CA 24 -33.52 47.68 4.32
CA LEU CA 24 -34.75 46.99 4.71
C LEU CA 24 -34.47 45.58 5.22
N VAL CA 25 -33.57 44.86 4.55
CA VAL CA 25 -33.23 43.52 5.03
C VAL CA 25 -32.57 43.59 6.40
N HIS CA 26 -31.71 44.59 6.62
CA HIS CA 26 -31.08 44.79 7.92
C HIS CA 26 -32.11 45.05 9.00
N ASP CA 27 -33.12 45.86 8.71
CA ASP CA 27 -34.19 46.10 9.68
C ASP CA 27 -34.89 44.80 10.05
N ILE CA 28 -35.23 43.99 9.05
CA ILE CA 28 -35.88 42.71 9.33
C ILE CA 28 -35.01 41.84 10.23
N VAL CA 29 -33.71 41.78 9.93
CA VAL CA 29 -32.80 40.93 10.70
C VAL CA 29 -32.70 41.38 12.16
N VAL CA 30 -32.59 42.70 12.38
CA VAL CA 30 -32.46 43.16 13.77
C VAL CA 30 -33.75 42.92 14.56
N LYS CA 31 -34.90 43.06 13.91
CA LYS CA 31 -36.15 42.72 14.61
C LYS CA 31 -36.20 41.24 14.96
N THR CA 32 -35.77 40.38 14.04
CA THR CA 32 -35.69 38.95 14.34
C THR CA 32 -34.82 38.69 15.56
N ILE CA 33 -33.66 39.35 15.63
CA ILE CA 33 -32.73 39.11 16.73
C ILE CA 33 -33.33 39.56 18.06
N TYR CA 34 -34.02 40.70 18.08
CA TYR CA 34 -34.63 41.15 19.32
C TYR CA 34 -35.72 40.18 19.80
N GLY CA 35 -36.57 39.72 18.88
CA GLY CA 35 -37.59 38.75 19.27
C GLY CA 35 -36.99 37.47 19.80
N GLY CA 36 -35.95 36.97 19.13
CA GLY CA 36 -35.28 35.76 19.60
C GLY CA 36 -34.68 35.94 20.98
N LEU CA 37 -34.09 37.10 21.25
CA LEU CA 37 -33.51 37.35 22.56
C LEU CA 37 -34.56 37.33 23.66
N ILE CA 38 -35.72 37.96 23.40
CA ILE CA 38 -36.80 37.93 24.39
C ILE CA 38 -37.23 36.50 24.68
N ILE CA 39 -37.44 35.71 23.62
CA ILE CA 39 -37.86 34.33 23.81
C ILE CA 39 -36.81 33.53 24.58
N ALA CA 40 -35.53 33.76 24.28
CA ALA CA 40 -34.45 33.05 24.95
C ALA CA 40 -34.40 33.36 26.43
N VAL CA 41 -34.59 34.64 26.79
CA VAL CA 41 -34.60 35.01 28.20
C VAL CA 41 -35.74 34.29 28.92
N ILE CA 42 -36.93 34.28 28.32
CA ILE CA 42 -38.05 33.60 28.96
C ILE CA 42 -37.76 32.11 29.14
N ALA CA 43 -37.19 31.48 28.12
CA ALA CA 43 -36.90 30.05 28.19
C ALA CA 43 -35.89 29.74 29.28
N HIS CA 44 -34.85 30.58 29.41
CA HIS CA 44 -33.85 30.36 30.45
C HIS CA 44 -34.46 30.51 31.85
N VAL CA 45 -35.33 31.51 32.03
CA VAL CA 45 -35.97 31.68 33.34
C VAL CA 45 -36.83 30.47 33.68
N LEU CA 46 -37.59 29.97 32.70
CA LEU CA 46 -38.41 28.78 32.96
C LEU CA 46 -37.55 27.58 33.32
N CYS CA 47 -36.46 27.35 32.59
CA CYS CA 47 -35.60 26.21 32.87
C CYS CA 47 -34.94 26.31 34.24
N TRP CA 48 -34.52 27.52 34.65
CA TRP CA 48 -33.94 27.67 35.97
C TRP CA 48 -34.98 27.43 37.06
N ALA CA 49 -36.19 27.95 36.87
CA ALA CA 49 -37.25 27.65 37.83
C ALA CA 49 -37.50 26.16 37.94
N TRP CA 50 -37.34 25.43 36.83
CA TRP CA 50 -37.54 23.98 36.86
C TRP CA 50 -36.44 23.28 37.66
N THR CA 51 -35.20 23.35 37.18
CA THR CA 51 -34.04 22.76 37.86
C THR CA 51 -32.82 23.65 37.72
N PRO CA 52 -32.39 24.33 38.78
CA PRO CA 52 -31.15 25.11 38.70
C PRO CA 52 -29.96 24.24 38.33
N TRP CA 53 -29.09 24.79 37.47
CA TRP CA 53 -27.91 24.08 37.01
C TRP CA 53 -26.63 24.54 37.70
N ILE CA 54 -26.70 25.48 38.63
CA ILE CA 54 -25.55 25.91 39.40
C ILE CA 54 -25.85 25.62 40.86
N ARG CA 55 -25.06 24.73 41.46
CA ARG CA 55 -25.27 24.34 42.84
C ARG CA 55 -23.97 24.39 43.64
N ARG DA 4 -30.60 44.03 -3.90
CA ARG DA 4 -29.99 43.55 -5.13
C ARG DA 4 -29.20 42.23 -4.98
N PRO DA 5 -28.46 42.06 -3.88
CA PRO DA 5 -27.84 40.75 -3.64
C PRO DA 5 -28.79 39.71 -3.06
N PHE DA 6 -30.04 40.08 -2.78
CA PHE DA 6 -31.02 39.17 -2.20
C PHE DA 6 -32.14 38.94 -3.21
N GLU DA 7 -32.33 37.68 -3.60
CA GLU DA 7 -33.34 37.28 -4.55
C GLU DA 7 -34.31 36.32 -3.88
N PHE DA 8 -35.58 36.40 -4.26
CA PHE DA 8 -36.61 35.61 -3.58
C PHE DA 8 -36.41 34.11 -3.78
N ARG DA 9 -36.02 33.69 -4.99
CA ARG DA 9 -35.88 32.27 -5.28
C ARG DA 9 -34.79 31.60 -4.45
N THR DA 10 -33.64 32.26 -4.28
CA THR DA 10 -32.56 31.67 -3.50
C THR DA 10 -32.96 31.51 -2.03
N SER DA 11 -33.62 32.51 -1.46
CA SER DA 11 -34.10 32.39 -0.08
C SER DA 11 -35.15 31.31 0.07
N VAL DA 12 -36.03 31.16 -0.92
CA VAL DA 12 -36.97 30.04 -0.89
C VAL DA 12 -36.23 28.70 -0.84
N VAL DA 13 -35.23 28.53 -1.69
CA VAL DA 13 -34.47 27.28 -1.71
C VAL DA 13 -33.81 27.03 -0.36
N VAL DA 14 -33.15 28.05 0.20
CA VAL DA 14 -32.41 27.87 1.45
C VAL DA 14 -33.36 27.52 2.59
N SER DA 15 -34.46 28.26 2.72
CA SER DA 15 -35.38 28.01 3.81
C SER DA 15 -36.04 26.63 3.71
N THR DA 16 -36.41 26.22 2.49
CA THR DA 16 -37.02 24.91 2.32
C THR DA 16 -36.05 23.79 2.70
N LEU DA 17 -34.80 23.89 2.24
CA LEU DA 17 -33.81 22.88 2.59
C LEU DA 17 -33.59 22.81 4.10
N LEU DA 18 -33.46 23.97 4.74
CA LEU DA 18 -33.21 23.98 6.18
C LEU DA 18 -34.38 23.38 6.95
N GLY DA 19 -35.62 23.72 6.57
CA GLY DA 19 -36.76 23.16 7.25
C GLY DA 19 -36.85 21.65 7.11
N LEU DA 20 -36.61 21.14 5.90
CA LEU DA 20 -36.68 19.70 5.69
C LEU DA 20 -35.62 18.97 6.50
N VAL DA 21 -34.38 19.48 6.50
CA VAL DA 21 -33.30 18.82 7.23
C VAL DA 21 -33.58 18.84 8.73
N MET DA 22 -34.09 19.97 9.24
CA MET DA 22 -34.41 20.05 10.66
C MET DA 22 -35.51 19.06 11.05
N ALA DA 23 -36.54 18.93 10.21
CA ALA DA 23 -37.61 17.98 10.51
C ALA DA 23 -37.10 16.56 10.56
N LEU DA 24 -36.28 16.17 9.58
CA LEU DA 24 -35.71 14.83 9.59
C LEU DA 24 -34.86 14.59 10.83
N LEU DA 25 -34.02 15.56 11.19
CA LEU DA 25 -33.15 15.40 12.35
C LEU DA 25 -33.96 15.24 13.63
N ILE DA 26 -34.99 16.06 13.82
CA ILE DA 26 -35.77 15.97 15.05
C ILE DA 26 -36.53 14.67 15.13
N HIS DA 27 -37.09 14.20 13.99
CA HIS DA 27 -37.74 12.90 13.98
C HIS DA 27 -36.79 11.78 14.37
N PHE DA 28 -35.58 11.78 13.79
CA PHE DA 28 -34.61 10.73 14.11
C PHE DA 28 -34.21 10.75 15.57
N VAL DA 29 -33.96 11.95 16.12
CA VAL DA 29 -33.52 12.04 17.52
C VAL DA 29 -34.63 11.59 18.46
N VAL DA 30 -35.87 12.02 18.21
CA VAL DA 30 -36.97 11.64 19.09
C VAL DA 30 -37.24 10.14 18.99
N LEU DA 31 -37.12 9.56 17.80
CA LEU DA 31 -37.28 8.12 17.67
C LEU DA 31 -36.18 7.37 18.41
N SER DA 32 -34.94 7.86 18.34
CA SER DA 32 -33.83 7.20 19.00
C SER DA 32 -33.85 7.35 20.52
N SER DA 33 -34.48 8.40 21.05
CA SER DA 33 -34.48 8.60 22.50
C SER DA 33 -35.18 7.47 23.24
N GLY DA 34 -36.28 6.94 22.69
CA GLY DA 34 -37.01 5.89 23.36
C GLY DA 34 -37.97 6.37 24.43
N ALA DA 35 -38.31 7.66 24.43
CA ALA DA 35 -39.21 8.21 25.44
C ALA DA 35 -40.68 8.04 25.09
N PHE DA 36 -41.00 7.72 23.83
CA PHE DA 36 -42.37 7.50 23.40
C PHE DA 36 -42.55 6.06 22.94
N ASN DA 37 -43.74 5.52 23.16
CA ASN DA 37 -44.08 4.17 22.73
C ASN DA 37 -44.52 4.21 21.27
N TRP DA 38 -43.55 4.46 20.40
CA TRP DA 38 -43.79 4.68 18.98
C TRP DA 38 -42.91 3.73 18.19
N LEU DA 39 -43.53 2.91 17.33
CA LEU DA 39 -42.83 1.90 16.53
C LEU DA 39 -42.00 0.97 17.42
N ARG DA 40 -42.56 0.62 18.57
CA ARG DA 40 -41.86 -0.18 19.57
C ARG DA 40 -42.33 -1.63 19.49
N ALA DA 41 -41.37 -2.54 19.57
CA ALA DA 41 -41.66 -3.97 19.48
C ALA DA 41 -42.57 -4.43 20.61
N GLN EA 6 -43.22 44.54 -13.60
CA GLN EA 6 -44.42 45.38 -13.59
C GLN EA 6 -44.45 46.28 -12.36
N ASN EA 7 -44.24 45.70 -11.18
CA ASN EA 7 -44.20 46.44 -9.92
C ASN EA 7 -45.47 47.28 -9.73
N ASP EA 8 -46.62 46.70 -10.09
CA ASP EA 8 -47.88 47.43 -10.00
C ASP EA 8 -48.74 47.01 -8.83
N LEU EA 9 -48.53 45.82 -8.28
CA LEU EA 9 -49.26 45.35 -7.11
C LEU EA 9 -48.44 45.39 -5.82
N VAL EA 10 -47.12 45.53 -5.93
CA VAL EA 10 -46.27 45.58 -4.74
C VAL EA 10 -46.48 46.90 -4.02
N PRO EA 11 -46.56 46.92 -2.69
CA PRO EA 11 -46.62 48.20 -1.98
C PRO EA 11 -45.34 48.99 -2.19
N ASP EA 12 -45.45 50.31 -2.00
CA ASP EA 12 -44.33 51.20 -2.30
C ASP EA 12 -43.12 50.90 -1.44
N GLN EA 13 -43.33 50.48 -0.19
CA GLN EA 13 -42.21 50.23 0.70
C GLN EA 13 -41.34 49.08 0.21
N TRP EA 14 -41.96 48.02 -0.33
CA TRP EA 14 -41.25 46.82 -0.74
C TRP EA 14 -40.98 46.78 -2.24
N LYS EA 15 -41.16 47.90 -2.92
CA LYS EA 15 -40.90 47.95 -4.36
C LYS EA 15 -39.47 47.61 -4.74
N PRO EA 16 -38.40 48.09 -4.04
CA PRO EA 16 -37.04 47.79 -4.50
C PRO EA 16 -36.60 46.36 -4.26
N LEU EA 17 -37.50 45.48 -3.84
CA LEU EA 17 -37.15 44.10 -3.54
C LEU EA 17 -38.06 43.07 -4.17
N PHE EA 18 -39.22 43.46 -4.69
CA PHE EA 18 -40.23 42.48 -5.13
C PHE EA 18 -40.75 42.83 -6.52
N ASN EA 19 -41.74 42.05 -6.93
CA ASN EA 19 -42.25 42.02 -8.29
C ASN EA 19 -43.60 41.31 -8.23
N ASN EA 20 -44.42 41.49 -9.27
CA ASN EA 20 -45.78 40.95 -9.23
C ASN EA 20 -45.79 39.44 -9.03
N ALA EA 21 -45.05 38.72 -9.86
CA ALA EA 21 -44.98 37.26 -9.72
C ALA EA 21 -44.40 36.87 -8.37
N GLU EA 22 -43.32 37.53 -7.97
CA GLU EA 22 -42.70 37.24 -6.68
C GLU EA 22 -43.63 37.59 -5.53
N TRP EA 23 -44.39 38.68 -5.65
CA TRP EA 23 -45.35 39.04 -4.61
C TRP EA 23 -46.42 37.98 -4.44
N LEU EA 24 -46.95 37.46 -5.56
CA LEU EA 24 -47.97 36.41 -5.48
C LEU EA 24 -47.41 35.14 -4.85
N VAL EA 25 -46.24 34.70 -5.31
CA VAL EA 25 -45.66 33.47 -4.77
C VAL EA 25 -45.31 33.64 -3.29
N HIS EA 26 -44.87 34.83 -2.90
CA HIS EA 26 -44.61 35.12 -1.50
C HIS EA 26 -45.87 34.99 -0.66
N ASP EA 27 -46.99 35.51 -1.15
CA ASP EA 27 -48.25 35.35 -0.43
C ASP EA 27 -48.59 33.88 -0.25
N ILE EA 28 -48.42 33.09 -1.31
CA ILE EA 28 -48.67 31.64 -1.20
C ILE EA 28 -47.82 31.03 -0.10
N VAL EA 29 -46.53 31.37 -0.08
CA VAL EA 29 -45.61 30.76 0.87
C VAL EA 29 -45.96 31.13 2.31
N VAL EA 30 -46.34 32.39 2.55
CA VAL EA 30 -46.65 32.79 3.92
C VAL EA 30 -47.93 32.11 4.41
N LYS EA 31 -48.92 31.95 3.53
CA LYS EA 31 -50.13 31.24 3.94
C LYS EA 31 -49.83 29.77 4.25
N THR EA 32 -48.97 29.14 3.44
CA THR EA 32 -48.55 27.78 3.72
C THR EA 32 -47.88 27.67 5.09
N ILE EA 33 -47.00 28.63 5.41
CA ILE EA 33 -46.29 28.58 6.68
C ILE EA 33 -47.24 28.73 7.85
N TYR EA 34 -48.23 29.62 7.73
CA TYR EA 34 -49.19 29.80 8.82
C TYR EA 34 -50.03 28.53 9.04
N GLY EA 35 -50.49 27.91 7.96
CA GLY EA 35 -51.22 26.66 8.11
C GLY EA 35 -50.38 25.57 8.76
N GLY EA 36 -49.11 25.47 8.35
CA GLY EA 36 -48.22 24.51 8.98
C GLY EA 36 -48.02 24.78 10.46
N LEU EA 37 -47.93 26.05 10.85
CA LEU EA 37 -47.77 26.38 12.27
C LEU EA 37 -48.99 25.95 13.07
N ILE EA 38 -50.18 26.16 12.53
CA ILE EA 38 -51.39 25.73 13.24
C ILE EA 38 -51.38 24.21 13.43
N ILE EA 39 -51.06 23.47 12.36
CA ILE EA 39 -51.04 22.02 12.47
C ILE EA 39 -49.98 21.56 13.48
N ALA EA 40 -48.83 22.22 13.49
CA ALA EA 40 -47.76 21.85 14.41
C ALA EA 40 -48.17 22.07 15.87
N VAL EA 41 -48.87 23.17 16.14
CA VAL EA 41 -49.35 23.42 17.50
C VAL EA 41 -50.32 22.34 17.93
N ILE EA 42 -51.25 21.96 17.04
CA ILE EA 42 -52.19 20.90 17.39
C ILE EA 42 -51.46 19.59 17.68
N ALA EA 43 -50.47 19.25 16.85
CA ALA EA 43 -49.72 18.00 17.05
C ALA EA 43 -48.98 18.02 18.37
N HIS EA 44 -48.36 19.15 18.73
CA HIS EA 44 -47.64 19.22 20.00
C HIS EA 44 -48.58 19.07 21.19
N VAL EA 45 -49.76 19.69 21.11
CA VAL EA 45 -50.72 19.55 22.22
C VAL EA 45 -51.15 18.10 22.36
N LEU EA 46 -51.42 17.42 21.24
CA LEU EA 46 -51.81 16.01 21.30
C LEU EA 46 -50.70 15.15 21.90
N CYS EA 47 -49.45 15.39 21.48
CA CYS EA 47 -48.35 14.58 21.99
C CYS EA 47 -48.10 14.82 23.48
N TRP EA 48 -48.28 16.06 23.96
CA TRP EA 48 -48.18 16.27 25.40
C TRP EA 48 -49.32 15.59 26.15
N ALA EA 49 -50.53 15.60 25.58
CA ALA EA 49 -51.63 14.89 26.22
C ALA EA 49 -51.37 13.40 26.28
N TRP EA 50 -50.64 12.86 25.32
CA TRP EA 50 -50.30 11.43 25.35
C TRP EA 50 -49.28 11.12 26.44
N THR EA 51 -48.05 11.64 26.31
CA THR EA 51 -47.01 11.47 27.33
C THR EA 51 -46.16 12.73 27.43
N PRO EA 52 -46.19 13.43 28.55
CA PRO EA 52 -45.31 14.60 28.72
C PRO EA 52 -43.84 14.22 28.64
N TRP EA 53 -43.05 15.07 27.99
CA TRP EA 53 -41.63 14.81 27.76
C TRP EA 53 -40.73 15.53 28.74
N ILE EA 54 -41.30 16.29 29.68
CA ILE EA 54 -40.54 16.99 30.71
C ILE EA 54 -41.05 16.52 32.06
N ARG EA 55 -40.15 16.03 32.90
CA ARG EA 55 -40.53 15.59 34.24
C ARG EA 55 -39.54 16.08 35.28
N ARG FA 4 -39.80 36.06 -16.00
CA ARG FA 4 -40.36 34.85 -15.41
C ARG FA 4 -39.34 34.19 -14.49
N PRO FA 5 -39.45 34.44 -13.19
CA PRO FA 5 -38.46 33.87 -12.25
C PRO FA 5 -38.60 32.36 -12.07
N PHE FA 6 -39.81 31.86 -11.90
CA PHE FA 6 -40.04 30.45 -11.63
C PHE FA 6 -40.54 29.76 -12.89
N GLU FA 7 -39.92 28.63 -13.23
CA GLU FA 7 -40.37 27.77 -14.32
C GLU FA 7 -41.17 26.62 -13.73
N PHE FA 8 -42.36 26.37 -14.30
CA PHE FA 8 -43.22 25.32 -13.78
C PHE FA 8 -42.59 23.93 -13.93
N ARG FA 9 -41.83 23.73 -15.02
CA ARG FA 9 -41.17 22.44 -15.24
C ARG FA 9 -40.19 22.13 -14.12
N THR FA 10 -39.41 23.12 -13.69
CA THR FA 10 -38.42 22.90 -12.64
C THR FA 10 -39.10 22.50 -11.33
N SER FA 11 -40.17 23.20 -10.96
CA SER FA 11 -40.87 22.87 -9.72
C SER FA 11 -41.49 21.48 -9.80
N VAL FA 12 -42.03 21.11 -10.96
CA VAL FA 12 -42.60 19.77 -11.12
C VAL FA 12 -41.51 18.72 -10.89
N VAL FA 13 -40.36 18.89 -11.52
CA VAL FA 13 -39.28 17.91 -11.40
C VAL FA 13 -38.81 17.80 -9.95
N VAL FA 14 -38.58 18.95 -9.31
CA VAL FA 14 -38.03 18.95 -7.95
C VAL FA 14 -39.00 18.30 -6.98
N SER FA 15 -40.28 18.67 -7.05
CA SER FA 15 -41.26 18.10 -6.13
C SER FA 15 -41.44 16.61 -6.36
N THR FA 16 -41.44 16.17 -7.62
CA THR FA 16 -41.58 14.74 -7.90
C THR FA 16 -40.42 13.94 -7.32
N LEU FA 17 -39.20 14.41 -7.53
CA LEU FA 17 -38.04 13.70 -6.99
C LEU FA 17 -38.06 13.69 -5.46
N LEU FA 18 -38.43 14.81 -4.84
CA LEU FA 18 -38.51 14.86 -3.38
C LEU FA 18 -39.52 13.86 -2.85
N GLY FA 19 -40.70 13.77 -3.50
CA GLY FA 19 -41.70 12.81 -3.05
C GLY FA 19 -41.22 11.38 -3.18
N LEU FA 20 -40.56 11.05 -4.30
CA LEU FA 20 -40.06 9.69 -4.48
C LEU FA 20 -39.03 9.33 -3.41
N VAL FA 21 -38.09 10.25 -3.14
CA VAL FA 21 -37.06 9.99 -2.15
C VAL FA 21 -37.68 9.81 -0.76
N MET FA 22 -38.66 10.65 -0.42
CA MET FA 22 -39.29 10.54 0.89
C MET FA 22 -40.05 9.22 1.02
N ALA FA 23 -40.73 8.79 -0.03
CA ALA FA 23 -41.44 7.51 0.03
C ALA FA 23 -40.47 6.36 0.28
N LEU FA 24 -39.35 6.33 -0.44
CA LEU FA 24 -38.36 5.28 -0.22
C LEU FA 24 -37.81 5.32 1.20
N LEU FA 25 -37.47 6.52 1.69
CA LEU FA 25 -36.90 6.63 3.03
C LEU FA 25 -37.88 6.17 4.11
N ILE FA 26 -39.14 6.59 4.00
CA ILE FA 26 -40.12 6.20 5.02
C ILE FA 26 -40.38 4.70 4.97
N HIS FA 27 -40.43 4.12 3.77
CA HIS FA 27 -40.58 2.67 3.68
C HIS FA 27 -39.44 1.96 4.38
N PHE FA 28 -38.20 2.38 4.12
CA PHE FA 28 -37.06 1.72 4.74
C PHE FA 28 -37.06 1.88 6.25
N VAL FA 29 -37.45 3.06 6.75
CA VAL FA 29 -37.43 3.30 8.19
C VAL FA 29 -38.51 2.49 8.89
N VAL FA 30 -39.71 2.42 8.31
CA VAL FA 30 -40.80 1.71 8.97
C VAL FA 30 -40.56 0.20 8.92
N LEU FA 31 -40.11 -0.33 7.78
CA LEU FA 31 -39.96 -1.77 7.64
C LEU FA 31 -38.90 -2.32 8.59
N SER FA 32 -37.81 -1.60 8.79
CA SER FA 32 -36.71 -2.07 9.63
C SER FA 32 -36.86 -1.50 11.04
N SER FA 33 -37.88 -1.96 11.74
CA SER FA 33 -38.15 -1.51 13.09
C SER FA 33 -38.65 -2.68 13.92
N GLY FA 34 -38.80 -2.46 15.22
CA GLY FA 34 -39.33 -3.49 16.09
C GLY FA 34 -40.73 -3.92 15.69
N ALA FA 35 -41.57 -2.97 15.30
CA ALA FA 35 -42.85 -3.26 14.72
C ALA FA 35 -42.70 -3.45 13.22
N PHE FA 36 -43.47 -4.40 12.68
CA PHE FA 36 -43.49 -4.80 11.27
C PHE FA 36 -42.26 -5.60 10.87
N ASN FA 37 -41.20 -5.57 11.69
CA ASN FA 37 -40.10 -6.51 11.68
C ASN FA 37 -39.75 -7.07 10.30
N TRP FA 38 -39.65 -6.21 9.28
CA TRP FA 38 -39.45 -6.64 7.90
C TRP FA 38 -40.53 -7.63 7.44
N LEU FA 39 -41.75 -7.48 7.96
CA LEU FA 39 -42.90 -8.32 7.64
C LEU FA 39 -42.72 -9.77 8.05
N ARG FA 40 -41.64 -10.10 8.77
CA ARG FA 40 -41.40 -11.49 9.16
C ARG FA 40 -42.48 -12.01 10.09
N ALA FA 41 -42.87 -11.20 11.08
CA ALA FA 41 -43.88 -11.58 12.05
C ALA FA 41 -43.56 -12.91 12.73
N GLN GA 6 -51.41 33.46 -26.47
CA GLN GA 6 -51.10 32.06 -26.25
C GLN GA 6 -51.41 31.65 -24.82
N ASN GA 7 -52.09 32.52 -24.08
CA ASN GA 7 -52.46 32.27 -22.70
C ASN GA 7 -53.86 32.75 -22.37
N ASP GA 8 -54.78 32.69 -23.34
CA ASP GA 8 -56.12 33.23 -23.12
C ASP GA 8 -56.92 32.41 -22.12
N LEU GA 9 -56.68 31.10 -22.03
CA LEU GA 9 -57.41 30.27 -21.08
C LEU GA 9 -56.99 30.55 -19.64
N VAL GA 10 -55.75 30.99 -19.44
CA VAL GA 10 -55.26 31.26 -18.08
C VAL GA 10 -56.04 32.44 -17.49
N PRO GA 11 -56.44 32.39 -16.23
CA PRO GA 11 -57.09 33.55 -15.61
C PRO GA 11 -56.13 34.74 -15.55
N ASP GA 12 -56.70 35.94 -15.55
CA ASP GA 12 -55.89 37.15 -15.64
C ASP GA 12 -54.99 37.33 -14.44
N GLN GA 13 -55.33 36.74 -13.29
CA GLN GA 13 -54.50 36.89 -12.10
C GLN GA 13 -53.18 36.15 -12.25
N TRP GA 14 -53.19 34.99 -12.90
CA TRP GA 14 -52.01 34.14 -12.99
C TRP GA 14 -51.34 34.19 -14.36
N LYS GA 15 -51.63 35.21 -15.15
CA LYS GA 15 -50.99 35.37 -16.46
C LYS GA 15 -49.47 35.46 -16.39
N PRO GA 16 -48.86 36.25 -15.50
CA PRO GA 16 -47.39 36.39 -15.54
C PRO GA 16 -46.62 35.17 -15.10
N LEU GA 17 -47.29 34.09 -14.71
CA LEU GA 17 -46.63 32.88 -14.23
C LEU GA 17 -46.94 31.63 -15.03
N PHE GA 18 -48.09 31.57 -15.69
CA PHE GA 18 -48.53 30.36 -16.36
C PHE GA 18 -48.74 30.59 -17.85
N ASN GA 19 -48.64 29.50 -18.60
CA ASN GA 19 -48.87 29.42 -20.03
C ASN GA 19 -50.15 28.64 -20.27
N ASN GA 20 -50.48 28.41 -21.54
CA ASN GA 20 -51.71 27.69 -21.87
C ASN GA 20 -51.58 26.20 -21.56
N ALA GA 21 -50.46 25.58 -21.95
CA ALA GA 21 -50.25 24.18 -21.66
C ALA GA 21 -49.88 23.93 -20.21
N GLU GA 22 -49.15 24.87 -19.61
CA GLU GA 22 -48.78 24.74 -18.21
C GLU GA 22 -49.99 24.74 -17.30
N TRP GA 23 -51.03 25.49 -17.65
CA TRP GA 23 -52.26 25.51 -16.86
C TRP GA 23 -52.92 24.13 -16.84
N LEU GA 24 -52.99 23.47 -18.01
CA LEU GA 24 -53.61 22.16 -18.09
C LEU GA 24 -52.78 21.11 -17.35
N VAL GA 25 -51.45 21.15 -17.52
CA VAL GA 25 -50.60 20.22 -16.78
C VAL GA 25 -50.73 20.45 -15.28
N HIS GA 26 -50.85 21.70 -14.86
CA HIS GA 26 -51.03 22.01 -13.45
C HIS GA 26 -52.33 21.44 -12.91
N ASP GA 27 -53.41 21.56 -13.68
CA ASP GA 27 -54.68 20.98 -13.23
C ASP GA 27 -54.56 19.46 -13.08
N ILE GA 28 -53.90 18.80 -14.04
CA ILE GA 28 -53.68 17.36 -13.92
C ILE GA 28 -52.89 17.05 -12.65
N VAL GA 29 -51.87 17.86 -12.35
CA VAL GA 29 -51.04 17.60 -11.17
C VAL GA 29 -51.86 17.70 -9.89
N VAL GA 30 -52.71 18.73 -9.77
CA VAL GA 30 -53.49 18.86 -8.54
C VAL GA 30 -54.50 17.73 -8.41
N LYS GA 31 -55.09 17.29 -9.52
CA LYS GA 31 -55.99 16.14 -9.45
C LYS GA 31 -55.27 14.88 -8.98
N THR GA 32 -54.07 14.65 -9.50
CA THR GA 32 -53.29 13.49 -9.08
C THR GA 32 -52.94 13.57 -7.60
N ILE GA 33 -52.60 14.76 -7.12
CA ILE GA 33 -52.24 14.91 -5.71
C ILE GA 33 -53.43 14.60 -4.82
N TYR GA 34 -54.62 15.08 -5.17
CA TYR GA 34 -55.80 14.79 -4.35
C TYR GA 34 -56.15 13.30 -4.37
N GLY GA 35 -56.08 12.66 -5.53
CA GLY GA 35 -56.33 11.23 -5.59
C GLY GA 35 -55.35 10.44 -4.75
N GLY GA 36 -54.07 10.80 -4.84
CA GLY GA 36 -53.06 10.13 -4.02
C GLY GA 36 -53.28 10.31 -2.54
N LEU GA 37 -53.73 11.50 -2.13
CA LEU GA 37 -54.02 11.73 -0.72
C LEU GA 37 -55.17 10.84 -0.23
N ILE GA 38 -56.21 10.69 -1.06
CA ILE GA 38 -57.32 9.81 -0.66
C ILE GA 38 -56.84 8.37 -0.51
N ILE GA 39 -56.04 7.91 -1.48
CA ILE GA 39 -55.52 6.54 -1.40
C ILE GA 39 -54.65 6.36 -0.17
N ALA GA 40 -53.86 7.39 0.16
CA ALA GA 40 -52.99 7.31 1.33
C ALA GA 40 -53.78 7.23 2.62
N VAL GA 41 -54.88 7.98 2.72
CA VAL GA 41 -55.74 7.88 3.90
C VAL GA 41 -56.29 6.47 4.04
N ILE GA 42 -56.76 5.89 2.93
CA ILE GA 42 -57.30 4.54 2.99
C ILE GA 42 -56.23 3.55 3.44
N ALA GA 43 -55.01 3.68 2.89
CA ALA GA 43 -53.93 2.76 3.24
C ALA GA 43 -53.55 2.87 4.71
N HIS GA 44 -53.52 4.11 5.24
CA HIS GA 44 -53.20 4.29 6.64
C HIS GA 44 -54.26 3.68 7.54
N VAL GA 45 -55.54 3.82 7.17
CA VAL GA 45 -56.60 3.21 7.98
C VAL GA 45 -56.44 1.70 7.98
N LEU GA 46 -56.16 1.11 6.83
CA LEU GA 46 -55.96 -0.34 6.77
C LEU GA 46 -54.78 -0.79 7.62
N CYS GA 47 -53.66 -0.06 7.54
CA CYS GA 47 -52.48 -0.45 8.30
C CYS GA 47 -52.70 -0.30 9.80
N TRP GA 48 -53.48 0.69 10.22
CA TRP GA 48 -53.83 0.78 11.63
C TRP GA 48 -54.71 -0.40 12.04
N ALA GA 49 -55.68 -0.78 11.20
CA ALA GA 49 -56.50 -1.93 11.51
C ALA GA 49 -55.68 -3.21 11.62
N TRP GA 50 -54.59 -3.29 10.86
CA TRP GA 50 -53.69 -4.45 10.98
C TRP GA 50 -52.96 -4.42 12.32
N THR GA 51 -52.12 -3.42 12.54
CA THR GA 51 -51.34 -3.30 13.76
C THR GA 51 -51.08 -1.85 14.10
N PRO GA 52 -51.66 -1.33 15.19
CA PRO GA 52 -51.40 0.06 15.58
C PRO GA 52 -49.92 0.30 15.89
N TRP GA 53 -49.43 1.47 15.51
CA TRP GA 53 -48.04 1.83 15.70
C TRP GA 53 -47.80 2.73 16.90
N ILE GA 54 -48.85 3.12 17.61
CA ILE GA 54 -48.76 3.97 18.79
C ILE GA 54 -49.50 3.27 19.92
N ARG GA 55 -48.81 3.03 21.03
CA ARG GA 55 -49.44 2.40 22.18
C ARG GA 55 -49.09 3.15 23.45
N MET HA 1 -52.94 -11.06 7.48
CA MET HA 1 -53.31 -9.69 7.14
C MET HA 1 -52.24 -9.03 6.28
N ALA HA 2 -50.99 -9.46 6.48
CA ALA HA 2 -49.89 -8.92 5.69
C ALA HA 2 -50.00 -9.26 4.20
N PRO HA 3 -50.24 -10.52 3.79
CA PRO HA 3 -50.34 -10.78 2.34
C PRO HA 3 -51.44 -9.99 1.64
N PHE HA 4 -52.56 -9.76 2.31
N PHE HA 4 -52.57 -9.76 2.31
CA PHE HA 4 -53.63 -8.96 1.71
CA PHE HA 4 -53.63 -8.96 1.71
C PHE HA 4 -53.17 -7.54 1.46
C PHE HA 4 -53.17 -7.54 1.46
N LEU HA 5 -52.46 -6.94 2.43
CA LEU HA 5 -51.96 -5.58 2.25
C LEU HA 5 -50.90 -5.52 1.15
N MET HA 6 -50.01 -6.52 1.10
CA MET HA 6 -49.01 -6.55 0.04
C MET HA 6 -49.67 -6.63 -1.33
N ALA HA 7 -50.69 -7.47 -1.46
CA ALA HA 7 -51.43 -7.55 -2.72
C ALA HA 7 -52.11 -6.23 -3.06
N PHE HA 8 -52.72 -5.58 -2.06
CA PHE HA 8 -53.39 -4.31 -2.29
C PHE HA 8 -52.41 -3.26 -2.81
N PHE HA 9 -51.25 -3.15 -2.17
CA PHE HA 9 -50.28 -2.13 -2.59
C PHE HA 9 -49.67 -2.46 -3.95
N THR HA 10 -49.42 -3.74 -4.23
CA THR HA 10 -48.91 -4.12 -5.54
C THR HA 10 -49.92 -3.79 -6.64
N ILE HA 11 -51.20 -4.08 -6.39
CA ILE HA 11 -52.24 -3.76 -7.37
C ILE HA 11 -52.31 -2.26 -7.60
N VAL HA 12 -52.24 -1.48 -6.53
CA VAL HA 12 -52.29 -0.02 -6.67
C VAL HA 12 -51.12 0.47 -7.51
N LEU HA 13 -49.92 -0.03 -7.23
CA LEU HA 13 -48.73 0.40 -7.97
C LEU HA 13 -48.85 0.07 -9.45
N ILE HA 14 -49.29 -1.16 -9.76
CA ILE HA 14 -49.39 -1.59 -11.15
C ILE HA 14 -50.42 -0.77 -11.89
N VAL HA 15 -51.59 -0.55 -11.27
CA VAL HA 15 -52.65 0.22 -11.92
C VAL HA 15 -52.20 1.66 -12.17
N ALA HA 16 -51.54 2.27 -11.18
CA ALA HA 16 -51.08 3.64 -11.36
C ALA HA 16 -50.05 3.74 -12.49
N THR HA 17 -49.09 2.81 -12.53
CA THR HA 17 -48.09 2.85 -13.60
C THR HA 17 -48.75 2.68 -14.96
N LEU HA 18 -49.68 1.74 -15.10
CA LEU HA 18 -50.35 1.54 -16.39
C LEU HA 18 -51.15 2.76 -16.79
N TYR HA 19 -51.86 3.38 -15.83
CA TYR HA 19 -52.66 4.56 -16.15
C TYR HA 19 -51.78 5.71 -16.62
N PHE HA 20 -50.67 5.96 -15.94
CA PHE HA 20 -49.83 7.07 -16.34
C PHE HA 20 -49.07 6.78 -17.63
N LEU HA 21 -48.75 5.52 -17.90
CA LEU HA 21 -48.16 5.17 -19.19
C LEU HA 21 -49.15 5.38 -20.32
N SER HA 22 -50.42 5.02 -20.10
CA SER HA 22 -51.43 5.25 -21.12
C SER HA 22 -51.64 6.74 -21.35
N MET HA 23 -51.57 7.55 -20.28
CA MET HA 23 -51.70 8.99 -20.45
C MET HA 23 -50.50 9.59 -21.17
N ILE HA 24 -49.29 9.09 -20.88
CA ILE HA 24 -48.09 9.60 -21.52
C ILE HA 24 -48.07 9.25 -23.01
N MET HA 25 -48.30 7.98 -23.33
CA MET HA 25 -48.18 7.49 -24.69
C MET HA 25 -49.53 7.48 -25.40
N SER HA 26 -50.14 8.66 -25.46
CA SER HA 26 -51.41 8.86 -26.15
C SER HA 26 -51.19 9.83 -27.30
N GLY HA 27 -51.66 9.47 -28.48
CA GLY HA 27 -51.52 10.28 -29.66
C GLY HA 27 -50.47 9.74 -30.62
N LYS HA 28 -50.46 10.31 -31.81
CA LYS HA 28 -49.54 9.90 -32.85
C LYS HA 28 -48.15 10.45 -32.55
N PRO HA 29 -47.15 9.60 -32.37
CA PRO HA 29 -45.80 10.12 -32.07
C PRO HA 29 -45.14 10.72 -33.30
N GLU HA 30 -44.14 11.55 -33.04
CA GLU HA 30 -43.36 12.16 -34.11
C GLU HA 30 -41.95 11.58 -34.14
N MET IA 1 -24.86 -14.38 10.28
CA MET IA 1 -24.77 -13.54 9.09
C MET IA 1 -26.05 -13.65 8.26
N ASN IA 2 -26.59 -12.51 7.84
CA ASN IA 2 -27.88 -12.52 7.14
C ASN IA 2 -27.75 -13.03 5.72
N TRP IA 3 -26.61 -12.75 5.07
CA TRP IA 3 -26.28 -13.19 3.71
C TRP IA 3 -27.06 -12.43 2.65
N ILE IA 4 -28.06 -11.67 3.03
CA ILE IA 4 -28.76 -10.78 2.11
C ILE IA 4 -28.26 -9.36 2.23
N VAL IA 5 -28.13 -8.86 3.45
CA VAL IA 5 -27.52 -7.56 3.67
C VAL IA 5 -26.05 -7.59 3.27
N ALA IA 6 -25.35 -8.67 3.61
CA ALA IA 6 -23.93 -8.78 3.30
C ALA IA 6 -23.70 -8.71 1.80
N THR IA 7 -24.57 -9.37 1.01
CA THR IA 7 -24.40 -9.34 -0.45
C THR IA 7 -24.77 -7.98 -1.04
N PHE IA 8 -25.74 -7.27 -0.46
CA PHE IA 8 -26.01 -5.90 -0.89
C PHE IA 8 -24.81 -4.99 -0.64
N MET IA 9 -24.20 -5.11 0.54
CA MET IA 9 -23.03 -4.30 0.84
C MET IA 9 -21.85 -4.67 -0.05
N LEU IA 10 -21.70 -5.95 -0.37
CA LEU IA 10 -20.68 -6.38 -1.32
C LEU IA 10 -20.95 -5.78 -2.70
N MET IA 11 -22.22 -5.71 -3.09
CA MET IA 11 -22.57 -5.08 -4.36
C MET IA 11 -22.20 -3.61 -4.36
N PHE IA 12 -22.40 -2.92 -3.24
CA PHE IA 12 -21.96 -1.52 -3.14
C PHE IA 12 -20.46 -1.39 -3.28
N VAL IA 13 -19.71 -2.28 -2.61
CA VAL IA 13 -18.25 -2.25 -2.71
C VAL IA 13 -17.80 -2.49 -4.14
N LEU IA 14 -18.50 -3.36 -4.87
CA LEU IA 14 -18.15 -3.62 -6.26
C LEU IA 14 -18.54 -2.44 -7.17
N VAL IA 15 -19.69 -1.81 -6.89
CA VAL IA 15 -20.12 -0.65 -7.68
C VAL IA 15 -19.15 0.51 -7.52
N ALA IA 16 -18.46 0.57 -6.38
CA ALA IA 16 -17.46 1.64 -6.19
C ALA IA 16 -16.34 1.59 -7.23
N PHE IA 17 -16.18 0.47 -7.93
CA PHE IA 17 -15.17 0.31 -8.98
C PHE IA 17 -15.55 0.97 -10.30
N LEU IA 18 -16.77 1.50 -10.43
CA LEU IA 18 -17.31 1.79 -11.76
C LEU IA 18 -16.69 3.02 -12.42
N PRO IA 19 -16.51 4.16 -11.75
CA PRO IA 19 -15.95 5.33 -12.47
C PRO IA 19 -14.58 5.10 -13.09
N LEU IA 20 -13.71 4.32 -12.45
CA LEU IA 20 -12.40 4.03 -13.03
C LEU IA 20 -12.52 3.18 -14.29
N VAL IA 21 -13.39 2.18 -14.26
CA VAL IA 21 -13.63 1.36 -15.45
C VAL IA 21 -14.17 2.23 -16.58
N VAL IA 22 -15.08 3.14 -16.25
CA VAL IA 22 -15.64 4.03 -17.27
C VAL IA 22 -14.54 4.95 -17.82
N SER IA 23 -13.62 5.38 -16.97
CA SER IA 23 -12.52 6.22 -17.44
C SER IA 23 -11.62 5.45 -18.42
N LEU IA 24 -11.29 4.20 -18.10
CA LEU IA 24 -10.49 3.40 -19.03
C LEU IA 24 -11.23 3.16 -20.35
N ALA IA 25 -12.54 2.86 -20.27
CA ALA IA 25 -13.31 2.63 -21.49
C ALA IA 25 -13.41 3.90 -22.33
N TYR IA 26 -13.59 5.06 -21.69
CA TYR IA 26 -13.63 6.32 -22.40
C TYR IA 26 -12.31 6.61 -23.10
N THR IA 27 -11.19 6.38 -22.40
CA THR IA 27 -9.89 6.58 -23.02
C THR IA 27 -9.70 5.66 -24.22
N TRP IA 28 -10.09 4.39 -24.09
CA TRP IA 28 -9.94 3.46 -25.19
C TRP IA 28 -10.79 3.86 -26.39
N VAL IA 29 -12.05 4.22 -26.15
CA VAL IA 29 -12.96 4.53 -27.25
C VAL IA 29 -12.56 5.81 -27.95
N THR IA 30 -12.09 6.81 -27.20
CA THR IA 30 -11.84 8.13 -27.75
C THR IA 30 -10.49 8.25 -28.44
N ASN IA 31 -9.68 7.19 -28.47
CA ASN IA 31 -8.35 7.22 -29.08
C ASN IA 31 -8.25 6.07 -30.08
N PRO IA 32 -8.92 6.19 -31.24
CA PRO IA 32 -8.84 5.12 -32.24
C PRO IA 32 -7.53 5.17 -33.03
N ALA JA 1 11.10 38.41 -20.00
CA ALA JA 1 12.30 38.04 -19.23
C ALA JA 1 11.94 37.03 -18.14
N ALA JA 2 11.06 37.37 -17.20
CA ALA JA 2 10.70 36.47 -16.08
C ALA JA 2 10.00 35.20 -16.58
N ALA JA 3 10.48 34.02 -16.19
CA ALA JA 3 9.92 32.75 -16.73
C ALA JA 3 9.23 31.92 -15.64
N PRO JA 4 8.19 31.13 -15.97
CA PRO JA 4 7.51 30.26 -14.99
C PRO JA 4 8.42 29.49 -14.03
N ALA JA 5 9.67 29.17 -14.41
CA ALA JA 5 10.61 28.33 -13.62
C ALA JA 5 11.52 29.14 -12.68
N GLY JA 6 11.33 30.46 -12.60
CA GLY JA 6 12.14 31.30 -11.70
C GLY JA 6 13.36 31.83 -12.41
N ALA JA 7 13.48 31.57 -13.71
CA ALA JA 7 14.63 32.04 -14.51
C ALA JA 7 14.30 33.40 -15.14
N ALA JA 8 15.31 34.17 -15.53
CA ALA JA 8 15.08 35.46 -16.22
C ALA JA 8 15.94 35.47 -17.48
N ALA JA 9 15.55 34.66 -18.48
CA ALA JA 9 16.34 34.54 -19.72
C ALA JA 9 16.03 35.69 -20.68
N ALA JA 10 17.06 36.41 -21.15
CA ALA JA 10 16.91 37.54 -22.07
C ALA JA 10 15.77 37.30 -23.07
N SER KA 12 6.70 11.02 37.99
CA SER KA 12 6.70 12.30 37.30
C SER KA 12 5.84 12.24 36.05
N PRO KA 13 5.12 13.33 35.75
CA PRO KA 13 4.29 13.38 34.56
C PRO KA 13 5.04 13.67 33.27
N TRP KA 14 6.38 13.59 33.27
CA TRP KA 14 7.04 14.07 32.07
C TRP KA 14 7.55 12.90 31.22
N PRO KA 15 7.54 13.06 29.91
CA PRO KA 15 8.17 12.07 29.04
C PRO KA 15 9.68 12.03 29.23
N VAL KA 16 10.28 10.93 28.78
CA VAL KA 16 11.72 10.77 28.81
C VAL KA 16 12.33 11.67 27.74
N TRP KA 17 13.64 11.89 27.79
CA TRP KA 17 14.29 12.77 26.83
C TRP KA 17 14.19 12.22 25.41
N SER KA 18 14.19 10.90 25.26
CA SER KA 18 13.98 10.30 23.95
C SER KA 18 12.62 10.66 23.39
N GLY KA 19 11.65 10.94 24.26
CA GLY KA 19 10.34 11.36 23.79
C GLY KA 19 10.38 12.67 23.03
N TYR KA 20 11.20 13.61 23.50
CA TYR KA 20 11.38 14.87 22.77
C TYR KA 20 12.31 14.69 21.58
N ALA KA 21 13.34 13.86 21.72
CA ALA KA 21 14.29 13.70 20.62
C ALA KA 21 13.66 13.02 19.40
N LEU KA 22 12.86 11.97 19.62
CA LEU KA 22 12.38 11.16 18.51
C LEU KA 22 10.95 11.46 18.09
N CYS KA 23 10.15 12.13 18.90
CA CYS KA 23 8.73 12.27 18.62
C CYS KA 23 8.28 13.69 18.39
N PHE KA 24 8.58 14.61 19.31
CA PHE KA 24 7.94 15.93 19.30
C PHE KA 24 8.69 16.94 18.42
N VAL KA 25 10.02 16.97 18.51
CA VAL KA 25 10.80 17.84 17.64
C VAL KA 25 10.60 17.52 16.16
N PRO KA 26 10.65 16.25 15.73
CA PRO KA 26 10.33 15.96 14.32
C PRO KA 26 8.92 16.35 13.91
N LEU KA 27 7.93 16.20 14.78
CA LEU KA 27 6.57 16.59 14.45
C LEU KA 27 6.48 18.10 14.23
N ALA KA 28 7.08 18.87 15.14
CA ALA KA 28 7.10 20.33 14.98
C ALA KA 28 7.83 20.73 13.70
N ALA KA 29 8.95 20.06 13.42
CA ALA KA 29 9.71 20.35 12.19
C ALA KA 29 8.87 20.07 10.95
N VAL KA 30 8.15 18.96 10.95
CA VAL KA 30 7.31 18.61 9.79
C VAL KA 30 6.22 19.65 9.57
N ILE KA 31 5.54 20.04 10.65
CA ILE KA 31 4.44 21.00 10.51
C ILE KA 31 4.96 22.36 10.04
N LEU KA 32 6.04 22.85 10.67
CA LEU KA 32 6.59 24.14 10.29
C LEU KA 32 7.13 24.13 8.86
N GLY KA 33 7.80 23.04 8.48
CA GLY KA 33 8.30 22.95 7.12
C GLY KA 33 7.19 22.91 6.09
N PHE KA 34 6.10 22.21 6.38
CA PHE KA 34 4.96 22.20 5.47
C PHE KA 34 4.40 23.60 5.30
N ILE KA 35 4.23 24.33 6.41
CA ILE KA 35 3.67 25.68 6.32
C ILE KA 35 4.57 26.58 5.47
N ILE KA 36 5.89 26.54 5.73
CA ILE KA 36 6.80 27.46 5.06
C ILE KA 36 6.94 27.09 3.58
N ALA KA 37 7.03 25.80 3.27
CA ALA KA 37 7.11 25.38 1.87
C ALA KA 37 5.86 25.77 1.12
N ALA KA 38 4.68 25.62 1.74
CA ALA KA 38 3.45 26.05 1.09
C ALA KA 38 3.44 27.54 0.83
N ARG KA 39 3.88 28.32 1.82
CA ARG KA 39 3.96 29.77 1.64
C ARG KA 39 4.83 30.14 0.44
N PHE KA 40 6.01 29.53 0.33
CA PHE KA 40 6.93 29.93 -0.73
C PHE KA 40 6.49 29.41 -2.09
N THR KA 41 5.90 28.22 -2.16
CA THR KA 41 5.44 27.73 -3.46
C THR KA 41 4.24 28.53 -3.96
N ASP KA 42 3.35 28.96 -3.05
CA ASP KA 42 2.24 29.81 -3.48
C ASP KA 42 2.72 31.21 -3.83
N LYS KA 43 3.78 31.69 -3.18
CA LYS KA 43 4.35 32.98 -3.55
C LYS KA 43 4.93 32.95 -4.95
N GLN KA 44 5.65 31.88 -5.29
CA GLN KA 44 6.22 31.78 -6.63
C GLN KA 44 5.13 31.58 -7.69
N ALA KA 45 4.11 30.77 -7.38
CA ALA KA 45 3.12 30.42 -8.39
C ALA KA 45 2.32 31.62 -8.87
N THR KA 46 2.00 32.56 -7.97
CA THR KA 46 1.08 33.65 -8.26
C THR KA 46 1.79 34.96 -8.58
N SER KA 47 2.97 34.90 -9.20
CA SER KA 47 3.70 36.10 -9.58
C SER KA 47 3.52 36.36 -11.06
N ALA KA 48 4.23 37.37 -11.57
CA ALA KA 48 4.11 37.82 -12.94
C ALA KA 48 5.26 37.26 -13.76
N TYR KA 49 4.93 36.41 -14.74
CA TYR KA 49 5.92 35.86 -15.66
C TYR KA 49 5.22 35.59 -16.99
N LEU KA 50 5.96 34.99 -17.92
CA LEU KA 50 5.45 34.79 -19.27
C LEU KA 50 4.25 33.86 -19.27
N ARG KA 51 3.13 34.35 -19.79
CA ARG KA 51 1.92 33.57 -19.95
C ARG KA 51 1.33 33.87 -21.32
N LEU KA 52 0.55 32.94 -21.85
CA LEU KA 52 -0.22 33.19 -23.05
C LEU KA 52 -1.49 33.94 -22.69
N ASP KA 53 -1.84 34.94 -23.49
CA ASP KA 53 -2.97 35.81 -23.18
C ASP KA 53 -4.26 35.00 -23.20
N PRO KA 54 -5.06 35.00 -22.13
CA PRO KA 54 -6.28 34.18 -22.12
C PRO KA 54 -7.29 34.57 -23.20
N ALA KA 55 -7.31 35.83 -23.62
CA ALA KA 55 -8.29 36.26 -24.61
C ALA KA 55 -8.01 35.64 -25.97
N LYS KA 56 -6.76 35.70 -26.43
CA LYS KA 56 -6.41 35.16 -27.74
C LYS KA 56 -6.34 33.64 -27.73
N ALA KA 57 -5.84 33.06 -26.63
CA ALA KA 57 -5.63 31.62 -26.59
C ALA KA 57 -6.95 30.85 -26.62
N ASN KA 58 -7.96 31.35 -25.93
CA ASN KA 58 -9.27 30.69 -25.92
C ASN KA 58 -10.13 31.17 -27.08
#